data_1O13
# 
_entry.id   1O13 
# 
_audit_conform.dict_name       mmcif_pdbx.dic 
_audit_conform.dict_version    5.399 
_audit_conform.dict_location   http://mmcif.pdb.org/dictionaries/ascii/mmcif_pdbx.dic 
# 
loop_
_database_2.database_id 
_database_2.database_code 
_database_2.pdbx_database_accession 
_database_2.pdbx_DOI 
PDB   1O13         pdb_00001o13 10.2210/pdb1o13/pdb 
RCSB  RCSB001670   ?            ?                   
WWPDB D_1000001670 ?            ?                   
# 
loop_
_pdbx_audit_revision_history.ordinal 
_pdbx_audit_revision_history.data_content_type 
_pdbx_audit_revision_history.major_revision 
_pdbx_audit_revision_history.minor_revision 
_pdbx_audit_revision_history.revision_date 
1 'Structure model' 1 0 2002-12-18 
2 'Structure model' 1 1 2008-04-26 
3 'Structure model' 1 2 2011-07-13 
4 'Structure model' 1 3 2017-10-04 
5 'Structure model' 1 4 2018-07-18 
6 'Structure model' 1 5 2023-01-25 
7 'Structure model' 1 6 2024-11-20 
# 
_pdbx_audit_revision_details.ordinal             1 
_pdbx_audit_revision_details.revision_ordinal    1 
_pdbx_audit_revision_details.data_content_type   'Structure model' 
_pdbx_audit_revision_details.provider            repository 
_pdbx_audit_revision_details.type                'Initial release' 
_pdbx_audit_revision_details.description         ? 
_pdbx_audit_revision_details.details             ? 
# 
loop_
_pdbx_audit_revision_group.ordinal 
_pdbx_audit_revision_group.revision_ordinal 
_pdbx_audit_revision_group.data_content_type 
_pdbx_audit_revision_group.group 
1  2 'Structure model' 'Version format compliance' 
2  3 'Structure model' 'Version format compliance' 
3  4 'Structure model' Advisory                    
4  4 'Structure model' 'Refinement description'    
5  5 'Structure model' 'Data collection'           
6  5 'Structure model' 'Database references'       
7  6 'Structure model' Advisory                    
8  6 'Structure model' 'Database references'       
9  6 'Structure model' 'Derived calculations'      
10 7 'Structure model' 'Data collection'           
11 7 'Structure model' 'Structure summary'         
# 
loop_
_pdbx_audit_revision_category.ordinal 
_pdbx_audit_revision_category.revision_ordinal 
_pdbx_audit_revision_category.data_content_type 
_pdbx_audit_revision_category.category 
1  4 'Structure model' pdbx_unobs_or_zero_occ_atoms 
2  4 'Structure model' software                     
3  5 'Structure model' pdbx_database_related        
4  6 'Structure model' database_2                   
5  6 'Structure model' pdbx_unobs_or_zero_occ_atoms 
6  6 'Structure model' struct_conn                  
7  6 'Structure model' struct_ref_seq_dif           
8  7 'Structure model' chem_comp_atom               
9  7 'Structure model' chem_comp_bond               
10 7 'Structure model' pdbx_entry_details           
11 7 'Structure model' pdbx_modification_feature    
# 
loop_
_pdbx_audit_revision_item.ordinal 
_pdbx_audit_revision_item.revision_ordinal 
_pdbx_audit_revision_item.data_content_type 
_pdbx_audit_revision_item.item 
1 6 'Structure model' '_database_2.pdbx_DOI'                
2 6 'Structure model' '_database_2.pdbx_database_accession' 
3 6 'Structure model' '_struct_conn.pdbx_leaving_atom_flag' 
4 6 'Structure model' '_struct_ref_seq_dif.details'         
# 
_pdbx_database_status.entry_id                        1O13 
_pdbx_database_status.status_code                     REL 
_pdbx_database_status.deposit_site                    RCSB 
_pdbx_database_status.process_site                    RCSB 
_pdbx_database_status.recvd_initial_deposition_date   2002-10-15 
_pdbx_database_status.status_code_sf                  REL 
_pdbx_database_status.status_code_mr                  ? 
_pdbx_database_status.SG_entry                        Y 
_pdbx_database_status.status_code_cs                  ? 
_pdbx_database_status.pdb_format_compatible           Y 
_pdbx_database_status.methods_development_category    ? 
_pdbx_database_status.status_code_nmr_data            ? 
# 
_pdbx_database_related.db_name        TargetDB 
_pdbx_database_related.db_id          283669 
_pdbx_database_related.details        . 
_pdbx_database_related.content_type   unspecified 
# 
_audit_author.name           'Joint Center for Structural Genomics (JCSG)' 
_audit_author.pdbx_ordinal   1 
# 
_citation.id                        primary 
_citation.title                     
;Crystal structure of probable NifB protein that is involved in FeMo-Co biosynthesis TM1816 from Thermotoga maritima at 1.83 A resolution
;
_citation.journal_abbrev            'To be published' 
_citation.journal_volume            ? 
_citation.page_first                ? 
_citation.page_last                 ? 
_citation.year                      ? 
_citation.journal_id_ASTM           ? 
_citation.country                   ? 
_citation.journal_id_ISSN           ? 
_citation.journal_id_CSD            0353 
_citation.book_publisher            ? 
_citation.pdbx_database_id_PubMed   ? 
_citation.pdbx_database_id_DOI      ? 
# 
_citation_author.citation_id        primary 
_citation_author.name               'Joint Center for Structural Genomics (JCSG)' 
_citation_author.ordinal            1 
_citation_author.identifier_ORCID   ? 
# 
loop_
_entity.id 
_entity.type 
_entity.src_method 
_entity.pdbx_description 
_entity.formula_weight 
_entity.pdbx_number_of_molecules 
_entity.pdbx_ec 
_entity.pdbx_mutation 
_entity.pdbx_fragment 
_entity.details 
1 polymer man 'probable NifB protein' 15250.700 1  ? ? ? 'involved in FeMo-Co biosynthesis' 
2 water   nat water                   18.015    96 ? ? ? ?                                  
# 
_entity_poly.entity_id                      1 
_entity_poly.type                           'polypeptide(L)' 
_entity_poly.nstd_linkage                   no 
_entity_poly.nstd_monomer                   yes 
_entity_poly.pdbx_seq_one_letter_code       
;(MSE)GSDKIHHHHHH(MSE)IIAIPVSENRGKDSPISEHFGRAPYFAFVKVKNNAIADISVEENPLAQDHVHGAVPNFV
KEKGAELVIVRGIGRRAIAAFEA(MSE)GVKVIKGASGTVEEVVNQYLSGQLKDSDYEVHDHHHHEHH
;
_entity_poly.pdbx_seq_one_letter_code_can   
;MGSDKIHHHHHHMIIAIPVSENRGKDSPISEHFGRAPYFAFVKVKNNAIADISVEENPLAQDHVHGAVPNFVKEKGAELV
IVRGIGRRAIAAFEAMGVKVIKGASGTVEEVVNQYLSGQLKDSDYEVHDHHHHEHH
;
_entity_poly.pdbx_strand_id                 A 
_entity_poly.pdbx_target_identifier         283669 
# 
_pdbx_entity_nonpoly.entity_id   2 
_pdbx_entity_nonpoly.name        water 
_pdbx_entity_nonpoly.comp_id     HOH 
# 
loop_
_entity_poly_seq.entity_id 
_entity_poly_seq.num 
_entity_poly_seq.mon_id 
_entity_poly_seq.hetero 
1 1   MSE n 
1 2   GLY n 
1 3   SER n 
1 4   ASP n 
1 5   LYS n 
1 6   ILE n 
1 7   HIS n 
1 8   HIS n 
1 9   HIS n 
1 10  HIS n 
1 11  HIS n 
1 12  HIS n 
1 13  MSE n 
1 14  ILE n 
1 15  ILE n 
1 16  ALA n 
1 17  ILE n 
1 18  PRO n 
1 19  VAL n 
1 20  SER n 
1 21  GLU n 
1 22  ASN n 
1 23  ARG n 
1 24  GLY n 
1 25  LYS n 
1 26  ASP n 
1 27  SER n 
1 28  PRO n 
1 29  ILE n 
1 30  SER n 
1 31  GLU n 
1 32  HIS n 
1 33  PHE n 
1 34  GLY n 
1 35  ARG n 
1 36  ALA n 
1 37  PRO n 
1 38  TYR n 
1 39  PHE n 
1 40  ALA n 
1 41  PHE n 
1 42  VAL n 
1 43  LYS n 
1 44  VAL n 
1 45  LYS n 
1 46  ASN n 
1 47  ASN n 
1 48  ALA n 
1 49  ILE n 
1 50  ALA n 
1 51  ASP n 
1 52  ILE n 
1 53  SER n 
1 54  VAL n 
1 55  GLU n 
1 56  GLU n 
1 57  ASN n 
1 58  PRO n 
1 59  LEU n 
1 60  ALA n 
1 61  GLN n 
1 62  ASP n 
1 63  HIS n 
1 64  VAL n 
1 65  HIS n 
1 66  GLY n 
1 67  ALA n 
1 68  VAL n 
1 69  PRO n 
1 70  ASN n 
1 71  PHE n 
1 72  VAL n 
1 73  LYS n 
1 74  GLU n 
1 75  LYS n 
1 76  GLY n 
1 77  ALA n 
1 78  GLU n 
1 79  LEU n 
1 80  VAL n 
1 81  ILE n 
1 82  VAL n 
1 83  ARG n 
1 84  GLY n 
1 85  ILE n 
1 86  GLY n 
1 87  ARG n 
1 88  ARG n 
1 89  ALA n 
1 90  ILE n 
1 91  ALA n 
1 92  ALA n 
1 93  PHE n 
1 94  GLU n 
1 95  ALA n 
1 96  MSE n 
1 97  GLY n 
1 98  VAL n 
1 99  LYS n 
1 100 VAL n 
1 101 ILE n 
1 102 LYS n 
1 103 GLY n 
1 104 ALA n 
1 105 SER n 
1 106 GLY n 
1 107 THR n 
1 108 VAL n 
1 109 GLU n 
1 110 GLU n 
1 111 VAL n 
1 112 VAL n 
1 113 ASN n 
1 114 GLN n 
1 115 TYR n 
1 116 LEU n 
1 117 SER n 
1 118 GLY n 
1 119 GLN n 
1 120 LEU n 
1 121 LYS n 
1 122 ASP n 
1 123 SER n 
1 124 ASP n 
1 125 TYR n 
1 126 GLU n 
1 127 VAL n 
1 128 HIS n 
1 129 ASP n 
1 130 HIS n 
1 131 HIS n 
1 132 HIS n 
1 133 HIS n 
1 134 GLU n 
1 135 HIS n 
1 136 HIS n 
# 
_entity_src_gen.entity_id                          1 
_entity_src_gen.pdbx_src_id                        1 
_entity_src_gen.pdbx_alt_source_flag               sample 
_entity_src_gen.pdbx_seq_type                      ? 
_entity_src_gen.pdbx_beg_seq_num                   ? 
_entity_src_gen.pdbx_end_seq_num                   ? 
_entity_src_gen.gene_src_common_name               ? 
_entity_src_gen.gene_src_genus                     Thermotoga 
_entity_src_gen.pdbx_gene_src_gene                 TM1816 
_entity_src_gen.gene_src_species                   ? 
_entity_src_gen.gene_src_strain                    ? 
_entity_src_gen.gene_src_tissue                    ? 
_entity_src_gen.gene_src_tissue_fraction           ? 
_entity_src_gen.gene_src_details                   ? 
_entity_src_gen.pdbx_gene_src_fragment             ? 
_entity_src_gen.pdbx_gene_src_scientific_name      'Thermotoga maritima' 
_entity_src_gen.pdbx_gene_src_ncbi_taxonomy_id     2336 
_entity_src_gen.pdbx_gene_src_variant              ? 
_entity_src_gen.pdbx_gene_src_cell_line            ? 
_entity_src_gen.pdbx_gene_src_atcc                 ? 
_entity_src_gen.pdbx_gene_src_organ                ? 
_entity_src_gen.pdbx_gene_src_organelle            ? 
_entity_src_gen.pdbx_gene_src_cell                 ? 
_entity_src_gen.pdbx_gene_src_cellular_location    ? 
_entity_src_gen.host_org_common_name               ? 
_entity_src_gen.pdbx_host_org_scientific_name      'Escherichia coli' 
_entity_src_gen.pdbx_host_org_ncbi_taxonomy_id     562 
_entity_src_gen.host_org_genus                     Escherichia 
_entity_src_gen.pdbx_host_org_gene                 ? 
_entity_src_gen.pdbx_host_org_organ                ? 
_entity_src_gen.host_org_species                   ? 
_entity_src_gen.pdbx_host_org_tissue               ? 
_entity_src_gen.pdbx_host_org_tissue_fraction      ? 
_entity_src_gen.pdbx_host_org_strain               ? 
_entity_src_gen.pdbx_host_org_variant              ? 
_entity_src_gen.pdbx_host_org_cell_line            ? 
_entity_src_gen.pdbx_host_org_atcc                 ? 
_entity_src_gen.pdbx_host_org_culture_collection   ? 
_entity_src_gen.pdbx_host_org_cell                 ? 
_entity_src_gen.pdbx_host_org_organelle            ? 
_entity_src_gen.pdbx_host_org_cellular_location    ? 
_entity_src_gen.pdbx_host_org_vector_type          ? 
_entity_src_gen.pdbx_host_org_vector               ? 
_entity_src_gen.host_org_details                   ? 
_entity_src_gen.expression_system_id               ? 
_entity_src_gen.plasmid_name                       ? 
_entity_src_gen.plasmid_details                    ? 
_entity_src_gen.pdbx_description                   ? 
# 
loop_
_chem_comp.id 
_chem_comp.type 
_chem_comp.mon_nstd_flag 
_chem_comp.name 
_chem_comp.pdbx_synonyms 
_chem_comp.formula 
_chem_comp.formula_weight 
ALA 'L-peptide linking' y ALANINE          ? 'C3 H7 N O2'     89.093  
ARG 'L-peptide linking' y ARGININE         ? 'C6 H15 N4 O2 1' 175.209 
ASN 'L-peptide linking' y ASPARAGINE       ? 'C4 H8 N2 O3'    132.118 
ASP 'L-peptide linking' y 'ASPARTIC ACID'  ? 'C4 H7 N O4'     133.103 
GLN 'L-peptide linking' y GLUTAMINE        ? 'C5 H10 N2 O3'   146.144 
GLU 'L-peptide linking' y 'GLUTAMIC ACID'  ? 'C5 H9 N O4'     147.129 
GLY 'peptide linking'   y GLYCINE          ? 'C2 H5 N O2'     75.067  
HIS 'L-peptide linking' y HISTIDINE        ? 'C6 H10 N3 O2 1' 156.162 
HOH non-polymer         . WATER            ? 'H2 O'           18.015  
ILE 'L-peptide linking' y ISOLEUCINE       ? 'C6 H13 N O2'    131.173 
LEU 'L-peptide linking' y LEUCINE          ? 'C6 H13 N O2'    131.173 
LYS 'L-peptide linking' y LYSINE           ? 'C6 H15 N2 O2 1' 147.195 
MET 'L-peptide linking' y METHIONINE       ? 'C5 H11 N O2 S'  149.211 
MSE 'L-peptide linking' n SELENOMETHIONINE ? 'C5 H11 N O2 Se' 196.106 
PHE 'L-peptide linking' y PHENYLALANINE    ? 'C9 H11 N O2'    165.189 
PRO 'L-peptide linking' y PROLINE          ? 'C5 H9 N O2'     115.130 
SER 'L-peptide linking' y SERINE           ? 'C3 H7 N O3'     105.093 
THR 'L-peptide linking' y THREONINE        ? 'C4 H9 N O3'     119.119 
TYR 'L-peptide linking' y TYROSINE         ? 'C9 H11 N O3'    181.189 
VAL 'L-peptide linking' y VALINE           ? 'C5 H11 N O2'    117.146 
# 
loop_
_pdbx_poly_seq_scheme.asym_id 
_pdbx_poly_seq_scheme.entity_id 
_pdbx_poly_seq_scheme.seq_id 
_pdbx_poly_seq_scheme.mon_id 
_pdbx_poly_seq_scheme.ndb_seq_num 
_pdbx_poly_seq_scheme.pdb_seq_num 
_pdbx_poly_seq_scheme.auth_seq_num 
_pdbx_poly_seq_scheme.pdb_mon_id 
_pdbx_poly_seq_scheme.auth_mon_id 
_pdbx_poly_seq_scheme.pdb_strand_id 
_pdbx_poly_seq_scheme.pdb_ins_code 
_pdbx_poly_seq_scheme.hetero 
A 1 1   MSE 1   -11 ?   ?   ?   A . n 
A 1 2   GLY 2   -10 ?   ?   ?   A . n 
A 1 3   SER 3   -9  ?   ?   ?   A . n 
A 1 4   ASP 4   -8  ?   ?   ?   A . n 
A 1 5   LYS 5   -7  ?   ?   ?   A . n 
A 1 6   ILE 6   -6  ?   ?   ?   A . n 
A 1 7   HIS 7   -5  ?   ?   ?   A . n 
A 1 8   HIS 8   -4  ?   ?   ?   A . n 
A 1 9   HIS 9   -3  ?   ?   ?   A . n 
A 1 10  HIS 10  -2  ?   ?   ?   A . n 
A 1 11  HIS 11  -1  ?   ?   ?   A . n 
A 1 12  HIS 12  0   ?   ?   ?   A . n 
A 1 13  MSE 13  1   1   MSE MSE A . n 
A 1 14  ILE 14  2   2   ILE ILE A . n 
A 1 15  ILE 15  3   3   ILE ILE A . n 
A 1 16  ALA 16  4   4   ALA ALA A . n 
A 1 17  ILE 17  5   5   ILE ILE A . n 
A 1 18  PRO 18  6   6   PRO PRO A . n 
A 1 19  VAL 19  7   7   VAL VAL A . n 
A 1 20  SER 20  8   8   SER SER A . n 
A 1 21  GLU 21  9   9   GLU GLU A . n 
A 1 22  ASN 22  10  10  ASN ASN A . n 
A 1 23  ARG 23  11  11  ARG ARG A . n 
A 1 24  GLY 24  12  12  GLY GLY A . n 
A 1 25  LYS 25  13  13  LYS LYS A . n 
A 1 26  ASP 26  14  14  ASP ASP A . n 
A 1 27  SER 27  15  15  SER SER A . n 
A 1 28  PRO 28  16  16  PRO PRO A . n 
A 1 29  ILE 29  17  17  ILE ILE A . n 
A 1 30  SER 30  18  18  SER SER A . n 
A 1 31  GLU 31  19  19  GLU GLU A . n 
A 1 32  HIS 32  20  20  HIS HIS A . n 
A 1 33  PHE 33  21  21  PHE PHE A . n 
A 1 34  GLY 34  22  22  GLY GLY A . n 
A 1 35  ARG 35  23  23  ARG ARG A . n 
A 1 36  ALA 36  24  24  ALA ALA A . n 
A 1 37  PRO 37  25  25  PRO PRO A . n 
A 1 38  TYR 38  26  26  TYR TYR A . n 
A 1 39  PHE 39  27  27  PHE PHE A . n 
A 1 40  ALA 40  28  28  ALA ALA A . n 
A 1 41  PHE 41  29  29  PHE PHE A . n 
A 1 42  VAL 42  30  30  VAL VAL A . n 
A 1 43  LYS 43  31  31  LYS LYS A . n 
A 1 44  VAL 44  32  32  VAL VAL A . n 
A 1 45  LYS 45  33  33  LYS LYS A . n 
A 1 46  ASN 46  34  34  ASN ASN A . n 
A 1 47  ASN 47  35  35  ASN ASN A . n 
A 1 48  ALA 48  36  36  ALA ALA A . n 
A 1 49  ILE 49  37  37  ILE ILE A . n 
A 1 50  ALA 50  38  38  ALA ALA A . n 
A 1 51  ASP 51  39  39  ASP ASP A . n 
A 1 52  ILE 52  40  40  ILE ILE A . n 
A 1 53  SER 53  41  41  SER SER A . n 
A 1 54  VAL 54  42  42  VAL VAL A . n 
A 1 55  GLU 55  43  43  GLU GLU A . n 
A 1 56  GLU 56  44  44  GLU GLU A . n 
A 1 57  ASN 57  45  45  ASN ASN A . n 
A 1 58  PRO 58  46  46  PRO PRO A . n 
A 1 59  LEU 59  47  47  LEU LEU A . n 
A 1 60  ALA 60  48  48  ALA ALA A . n 
A 1 61  GLN 61  49  49  GLN GLN A . n 
A 1 62  ASP 62  50  50  ASP ASP A . n 
A 1 63  HIS 63  51  51  HIS HIS A . n 
A 1 64  VAL 64  52  52  VAL VAL A . n 
A 1 65  HIS 65  53  53  HIS HIS A . n 
A 1 66  GLY 66  54  54  GLY GLY A . n 
A 1 67  ALA 67  55  55  ALA ALA A . n 
A 1 68  VAL 68  56  56  VAL VAL A . n 
A 1 69  PRO 69  57  57  PRO PRO A . n 
A 1 70  ASN 70  58  58  ASN ASN A . n 
A 1 71  PHE 71  59  59  PHE PHE A . n 
A 1 72  VAL 72  60  60  VAL VAL A . n 
A 1 73  LYS 73  61  61  LYS LYS A . n 
A 1 74  GLU 74  62  62  GLU GLU A . n 
A 1 75  LYS 75  63  63  LYS LYS A . n 
A 1 76  GLY 76  64  64  GLY GLY A . n 
A 1 77  ALA 77  65  65  ALA ALA A . n 
A 1 78  GLU 78  66  66  GLU GLU A . n 
A 1 79  LEU 79  67  67  LEU LEU A . n 
A 1 80  VAL 80  68  68  VAL VAL A . n 
A 1 81  ILE 81  69  69  ILE ILE A . n 
A 1 82  VAL 82  70  70  VAL VAL A . n 
A 1 83  ARG 83  71  71  ARG ARG A . n 
A 1 84  GLY 84  72  72  GLY GLY A . n 
A 1 85  ILE 85  73  73  ILE ILE A . n 
A 1 86  GLY 86  74  74  GLY GLY A . n 
A 1 87  ARG 87  75  75  ARG ARG A . n 
A 1 88  ARG 88  76  76  ARG ARG A . n 
A 1 89  ALA 89  77  77  ALA ALA A . n 
A 1 90  ILE 90  78  78  ILE ILE A . n 
A 1 91  ALA 91  79  79  ALA ALA A . n 
A 1 92  ALA 92  80  80  ALA ALA A . n 
A 1 93  PHE 93  81  81  PHE PHE A . n 
A 1 94  GLU 94  82  82  GLU GLU A . n 
A 1 95  ALA 95  83  83  ALA ALA A . n 
A 1 96  MSE 96  84  84  MSE MSE A . n 
A 1 97  GLY 97  85  85  GLY GLY A . n 
A 1 98  VAL 98  86  86  VAL VAL A . n 
A 1 99  LYS 99  87  87  LYS LYS A . n 
A 1 100 VAL 100 88  88  VAL VAL A . n 
A 1 101 ILE 101 89  89  ILE ILE A . n 
A 1 102 LYS 102 90  90  LYS LYS A . n 
A 1 103 GLY 103 91  91  GLY GLY A . n 
A 1 104 ALA 104 92  92  ALA ALA A . n 
A 1 105 SER 105 93  93  SER SER A . n 
A 1 106 GLY 106 94  94  GLY GLY A . n 
A 1 107 THR 107 95  95  THR THR A . n 
A 1 108 VAL 108 96  96  VAL VAL A . n 
A 1 109 GLU 109 97  97  GLU GLU A . n 
A 1 110 GLU 110 98  98  GLU GLU A . n 
A 1 111 VAL 111 99  99  VAL VAL A . n 
A 1 112 VAL 112 100 100 VAL VAL A . n 
A 1 113 ASN 113 101 101 ASN ASN A . n 
A 1 114 GLN 114 102 102 GLN GLN A . n 
A 1 115 TYR 115 103 103 TYR TYR A . n 
A 1 116 LEU 116 104 104 LEU LEU A . n 
A 1 117 SER 117 105 105 SER SER A . n 
A 1 118 GLY 118 106 106 GLY GLY A . n 
A 1 119 GLN 119 107 107 GLN GLN A . n 
A 1 120 LEU 120 108 ?   ?   ?   A . n 
A 1 121 LYS 121 109 ?   ?   ?   A . n 
A 1 122 ASP 122 110 ?   ?   ?   A . n 
A 1 123 SER 123 111 ?   ?   ?   A . n 
A 1 124 ASP 124 112 ?   ?   ?   A . n 
A 1 125 TYR 125 113 ?   ?   ?   A . n 
A 1 126 GLU 126 114 ?   ?   ?   A . n 
A 1 127 VAL 127 115 ?   ?   ?   A . n 
A 1 128 HIS 128 116 ?   ?   ?   A . n 
A 1 129 ASP 129 117 ?   ?   ?   A . n 
A 1 130 HIS 130 118 ?   ?   ?   A . n 
A 1 131 HIS 131 119 ?   ?   ?   A . n 
A 1 132 HIS 132 120 ?   ?   ?   A . n 
A 1 133 HIS 133 121 ?   ?   ?   A . n 
A 1 134 GLU 134 122 ?   ?   ?   A . n 
A 1 135 HIS 135 123 ?   ?   ?   A . n 
A 1 136 HIS 136 124 ?   ?   ?   A . n 
# 
loop_
_pdbx_nonpoly_scheme.asym_id 
_pdbx_nonpoly_scheme.entity_id 
_pdbx_nonpoly_scheme.mon_id 
_pdbx_nonpoly_scheme.ndb_seq_num 
_pdbx_nonpoly_scheme.pdb_seq_num 
_pdbx_nonpoly_scheme.auth_seq_num 
_pdbx_nonpoly_scheme.pdb_mon_id 
_pdbx_nonpoly_scheme.auth_mon_id 
_pdbx_nonpoly_scheme.pdb_strand_id 
_pdbx_nonpoly_scheme.pdb_ins_code 
B 2 HOH 1  125 1   HOH HOH A . 
B 2 HOH 2  126 2   HOH HOH A . 
B 2 HOH 3  127 3   HOH HOH A . 
B 2 HOH 4  128 4   HOH HOH A . 
B 2 HOH 5  129 5   HOH HOH A . 
B 2 HOH 6  130 6   HOH HOH A . 
B 2 HOH 7  131 7   HOH HOH A . 
B 2 HOH 8  132 8   HOH HOH A . 
B 2 HOH 9  133 9   HOH HOH A . 
B 2 HOH 10 134 10  HOH HOH A . 
B 2 HOH 11 135 11  HOH HOH A . 
B 2 HOH 12 136 12  HOH HOH A . 
B 2 HOH 13 137 13  HOH HOH A . 
B 2 HOH 14 138 14  HOH HOH A . 
B 2 HOH 15 139 15  HOH HOH A . 
B 2 HOH 16 140 16  HOH HOH A . 
B 2 HOH 17 141 17  HOH HOH A . 
B 2 HOH 18 142 18  HOH HOH A . 
B 2 HOH 19 143 19  HOH HOH A . 
B 2 HOH 20 144 20  HOH HOH A . 
B 2 HOH 21 145 21  HOH HOH A . 
B 2 HOH 22 146 22  HOH HOH A . 
B 2 HOH 23 147 23  HOH HOH A . 
B 2 HOH 24 148 24  HOH HOH A . 
B 2 HOH 25 149 25  HOH HOH A . 
B 2 HOH 26 150 26  HOH HOH A . 
B 2 HOH 27 151 27  HOH HOH A . 
B 2 HOH 28 152 28  HOH HOH A . 
B 2 HOH 29 153 29  HOH HOH A . 
B 2 HOH 30 154 30  HOH HOH A . 
B 2 HOH 31 155 31  HOH HOH A . 
B 2 HOH 32 156 33  HOH HOH A . 
B 2 HOH 33 157 34  HOH HOH A . 
B 2 HOH 34 158 35  HOH HOH A . 
B 2 HOH 35 159 36  HOH HOH A . 
B 2 HOH 36 160 37  HOH HOH A . 
B 2 HOH 37 161 38  HOH HOH A . 
B 2 HOH 38 162 39  HOH HOH A . 
B 2 HOH 39 163 40  HOH HOH A . 
B 2 HOH 40 164 41  HOH HOH A . 
B 2 HOH 41 165 42  HOH HOH A . 
B 2 HOH 42 166 44  HOH HOH A . 
B 2 HOH 43 167 45  HOH HOH A . 
B 2 HOH 44 168 46  HOH HOH A . 
B 2 HOH 45 169 47  HOH HOH A . 
B 2 HOH 46 170 48  HOH HOH A . 
B 2 HOH 47 171 49  HOH HOH A . 
B 2 HOH 48 172 50  HOH HOH A . 
B 2 HOH 49 173 51  HOH HOH A . 
B 2 HOH 50 174 52  HOH HOH A . 
B 2 HOH 51 175 53  HOH HOH A . 
B 2 HOH 52 176 54  HOH HOH A . 
B 2 HOH 53 177 55  HOH HOH A . 
B 2 HOH 54 178 56  HOH HOH A . 
B 2 HOH 55 179 57  HOH HOH A . 
B 2 HOH 56 180 58  HOH HOH A . 
B 2 HOH 57 181 59  HOH HOH A . 
B 2 HOH 58 182 60  HOH HOH A . 
B 2 HOH 59 183 61  HOH HOH A . 
B 2 HOH 60 184 62  HOH HOH A . 
B 2 HOH 61 185 63  HOH HOH A . 
B 2 HOH 62 186 64  HOH HOH A . 
B 2 HOH 63 187 65  HOH HOH A . 
B 2 HOH 64 188 66  HOH HOH A . 
B 2 HOH 65 189 67  HOH HOH A . 
B 2 HOH 66 190 68  HOH HOH A . 
B 2 HOH 67 191 69  HOH HOH A . 
B 2 HOH 68 192 70  HOH HOH A . 
B 2 HOH 69 193 71  HOH HOH A . 
B 2 HOH 70 194 72  HOH HOH A . 
B 2 HOH 71 195 73  HOH HOH A . 
B 2 HOH 72 196 74  HOH HOH A . 
B 2 HOH 73 197 75  HOH HOH A . 
B 2 HOH 74 198 76  HOH HOH A . 
B 2 HOH 75 199 77  HOH HOH A . 
B 2 HOH 76 200 78  HOH HOH A . 
B 2 HOH 77 201 81  HOH HOH A . 
B 2 HOH 78 202 82  HOH HOH A . 
B 2 HOH 79 203 83  HOH HOH A . 
B 2 HOH 80 204 86  HOH HOH A . 
B 2 HOH 81 205 89  HOH HOH A . 
B 2 HOH 82 206 91  HOH HOH A . 
B 2 HOH 83 207 92  HOH HOH A . 
B 2 HOH 84 208 94  HOH HOH A . 
B 2 HOH 85 209 95  HOH HOH A . 
B 2 HOH 86 210 96  HOH HOH A . 
B 2 HOH 87 211 97  HOH HOH A . 
B 2 HOH 88 212 98  HOH HOH A . 
B 2 HOH 89 213 99  HOH HOH A . 
B 2 HOH 90 214 101 HOH HOH A . 
B 2 HOH 91 215 104 HOH HOH A . 
B 2 HOH 92 216 105 HOH HOH A . 
B 2 HOH 93 217 106 HOH HOH A . 
B 2 HOH 94 218 107 HOH HOH A . 
B 2 HOH 95 219 108 HOH HOH A . 
B 2 HOH 96 220 109 HOH HOH A . 
# 
loop_
_pdbx_unobs_or_zero_occ_atoms.id 
_pdbx_unobs_or_zero_occ_atoms.PDB_model_num 
_pdbx_unobs_or_zero_occ_atoms.polymer_flag 
_pdbx_unobs_or_zero_occ_atoms.occupancy_flag 
_pdbx_unobs_or_zero_occ_atoms.auth_asym_id 
_pdbx_unobs_or_zero_occ_atoms.auth_comp_id 
_pdbx_unobs_or_zero_occ_atoms.auth_seq_id 
_pdbx_unobs_or_zero_occ_atoms.PDB_ins_code 
_pdbx_unobs_or_zero_occ_atoms.auth_atom_id 
_pdbx_unobs_or_zero_occ_atoms.label_alt_id 
_pdbx_unobs_or_zero_occ_atoms.label_asym_id 
_pdbx_unobs_or_zero_occ_atoms.label_comp_id 
_pdbx_unobs_or_zero_occ_atoms.label_seq_id 
_pdbx_unobs_or_zero_occ_atoms.label_atom_id 
1  1 Y 0 A MSE 1  ? CE  ? A MSE 13  CE  
2  1 Y 0 A GLU 9  ? OE1 ? A GLU 21  OE1 
3  1 Y 0 A GLU 9  ? OE2 ? A GLU 21  OE2 
4  1 Y 0 A GLU 19 ? CG  ? A GLU 31  CG  
5  1 Y 0 A GLU 19 ? CD  ? A GLU 31  CD  
6  1 Y 0 A GLU 19 ? OE1 ? A GLU 31  OE1 
7  1 Y 0 A GLU 19 ? OE2 ? A GLU 31  OE2 
8  1 Y 0 A HIS 20 ? CB  ? A HIS 32  CB  
9  1 Y 0 A HIS 20 ? CG  ? A HIS 32  CG  
10 1 Y 0 A HIS 20 ? ND1 ? A HIS 32  ND1 
11 1 Y 0 A HIS 20 ? CD2 ? A HIS 32  CD2 
12 1 Y 0 A HIS 20 ? CE1 ? A HIS 32  CE1 
13 1 Y 0 A HIS 20 ? NE2 ? A HIS 32  NE2 
14 1 Y 0 A ARG 23 ? CG  ? A ARG 35  CG  
15 1 Y 0 A ARG 23 ? CD  ? A ARG 35  CD  
16 1 Y 0 A ARG 23 ? NE  ? A ARG 35  NE  
17 1 Y 0 A ARG 23 ? CZ  ? A ARG 35  CZ  
18 1 Y 0 A ARG 23 ? NH1 ? A ARG 35  NH1 
19 1 Y 0 A ARG 23 ? NH2 ? A ARG 35  NH2 
20 1 Y 0 A LYS 31 ? NZ  ? A LYS 43  NZ  
21 1 Y 0 A VAL 32 ? CG1 ? A VAL 44  CG1 
22 1 Y 0 A LYS 33 ? CG  ? A LYS 45  CG  
23 1 Y 0 A LYS 33 ? CD  ? A LYS 45  CD  
24 1 Y 0 A LYS 33 ? CE  ? A LYS 45  CE  
25 1 Y 0 A LYS 33 ? NZ  ? A LYS 45  NZ  
26 1 Y 0 A GLN 49 ? CD  ? A GLN 61  CD  
27 1 Y 0 A GLN 49 ? OE1 ? A GLN 61  OE1 
28 1 Y 0 A GLN 49 ? NE2 ? A GLN 61  NE2 
29 1 Y 0 A ASP 50 ? OD1 ? A ASP 62  OD1 
30 1 Y 0 A ASP 50 ? OD2 ? A ASP 62  OD2 
31 1 Y 0 A LYS 61 ? CE  ? A LYS 73  CE  
32 1 Y 0 A LYS 61 ? NZ  ? A LYS 73  NZ  
33 1 Y 0 A GLU 66 ? CG  ? A GLU 78  CG  
34 1 Y 0 A GLU 66 ? CD  ? A GLU 78  CD  
35 1 Y 0 A GLU 66 ? OE1 ? A GLU 78  OE1 
36 1 Y 0 A GLU 66 ? OE2 ? A GLU 78  OE2 
37 1 Y 0 A ARG 71 ? CG  ? A ARG 83  CG  
38 1 Y 0 A ARG 71 ? CD  ? A ARG 83  CD  
39 1 Y 0 A ARG 71 ? NE  ? A ARG 83  NE  
40 1 Y 0 A ARG 71 ? CZ  ? A ARG 83  CZ  
41 1 Y 0 A ARG 71 ? NH1 ? A ARG 83  NH1 
42 1 Y 0 A ARG 71 ? NH2 ? A ARG 83  NH2 
43 1 Y 0 A ARG 75 ? CB  ? A ARG 87  CB  
44 1 Y 0 A ARG 75 ? CG  ? A ARG 87  CG  
45 1 Y 0 A ARG 75 ? CD  ? A ARG 87  CD  
46 1 Y 0 A ARG 75 ? NE  ? A ARG 87  NE  
47 1 Y 0 A ARG 75 ? CZ  ? A ARG 87  CZ  
48 1 Y 0 A ARG 75 ? NH1 ? A ARG 87  NH1 
49 1 Y 0 A ARG 75 ? NH2 ? A ARG 87  NH2 
50 1 Y 0 A ARG 76 ? CG  ? A ARG 88  CG  
51 1 Y 0 A ARG 76 ? CD  ? A ARG 88  CD  
52 1 Y 0 A ARG 76 ? NE  ? A ARG 88  NE  
53 1 Y 0 A ARG 76 ? CZ  ? A ARG 88  CZ  
54 1 Y 0 A ARG 76 ? NH1 ? A ARG 88  NH1 
55 1 Y 0 A ARG 76 ? NH2 ? A ARG 88  NH2 
56 1 Y 0 A GLU 82 ? CG  ? A GLU 94  CG  
57 1 Y 0 A GLU 82 ? CD  ? A GLU 94  CD  
58 1 Y 0 A GLU 82 ? OE1 ? A GLU 94  OE1 
59 1 Y 0 A GLU 82 ? OE2 ? A GLU 94  OE2 
60 1 Y 0 A ALA 83 ? CB  ? A ALA 95  CB  
61 1 Y 0 A LYS 87 ? CD  ? A LYS 99  CD  
62 1 Y 0 A LYS 87 ? CE  ? A LYS 99  CE  
63 1 Y 0 A LYS 87 ? NZ  ? A LYS 99  NZ  
64 1 Y 0 A LYS 90 ? CE  ? A LYS 102 CE  
65 1 Y 0 A LYS 90 ? NZ  ? A LYS 102 NZ  
66 1 Y 0 A SER 93 ? OG  ? A SER 105 OG  
# 
loop_
_software.name 
_software.classification 
_software.version 
_software.citation_id 
_software.pdbx_ordinal 
MOSFLM  'data reduction' .         ? 1 
SCALA   'data scaling'   .         ? 2 
RESOLVE 'model building' .         ? 3 
SOLVE   phasing          .         ? 4 
CNS     refinement       1.0       ? 5 
CCP4    'data scaling'   '(SCALA)' ? 6 
RESOLVE phasing          .         ? 7 
# 
_cell.length_a           32.57 
_cell.length_b           39.84 
_cell.length_c           85.77 
_cell.angle_alpha        90 
_cell.angle_beta         90 
_cell.angle_gamma        90 
_cell.entry_id           1O13 
_cell.pdbx_unique_axis   ? 
_cell.Z_PDB              4 
_cell.length_a_esd       ? 
_cell.length_b_esd       ? 
_cell.length_c_esd       ? 
_cell.angle_alpha_esd    ? 
_cell.angle_beta_esd     ? 
_cell.angle_gamma_esd    ? 
# 
_symmetry.space_group_name_H-M             'P 21 21 21' 
_symmetry.entry_id                         1O13 
_symmetry.pdbx_full_space_group_name_H-M   ? 
_symmetry.Int_Tables_number                19 
_symmetry.cell_setting                     ? 
_symmetry.space_group_name_Hall            ? 
# 
_exptl.crystals_number   1 
_exptl.method            'X-RAY DIFFRACTION' 
_exptl.entry_id          1O13 
# 
_exptl_crystal.id                    1 
_exptl_crystal.density_meas          ? 
_exptl_crystal.density_Matthews      2.20 
_exptl_crystal.density_percent_sol   43.55 
_exptl_crystal.description           ? 
_exptl_crystal.F_000                 ? 
_exptl_crystal.preparation           ? 
# 
_exptl_crystal_grow.crystal_id      1 
_exptl_crystal_grow.method          ? 
_exptl_crystal_grow.temp            293 
_exptl_crystal_grow.temp_details    ? 
_exptl_crystal_grow.pH              4.20 
_exptl_crystal_grow.pdbx_details    
'0.1M phosphate-citrate 40%(v/v) PEG-600, pH 4.2, VAPOR DIFFUSION,SITTING DROP,NANODROP, temperature 293K, pH 4.20' 
_exptl_crystal_grow.pdbx_pH_range   . 
# 
_diffrn.id                     1 
_diffrn.ambient_temp           100.0 
_diffrn.ambient_temp_details   ? 
_diffrn.crystal_id             1 
# 
_diffrn_detector.diffrn_id              1 
_diffrn_detector.detector               CCD 
_diffrn_detector.type                   'ADSC QUANTUM 315' 
_diffrn_detector.pdbx_collection_date   2002-07-05 
_diffrn_detector.details                ? 
# 
_diffrn_radiation.diffrn_id                        1 
_diffrn_radiation.wavelength_id                    1 
_diffrn_radiation.pdbx_monochromatic_or_laue_m_l   M 
_diffrn_radiation.monochromator                    'DOUBLE CRYSTAL MONOCHROMATOR' 
_diffrn_radiation.pdbx_diffrn_protocol             MAD 
_diffrn_radiation.pdbx_scattering_type             x-ray 
# 
loop_
_diffrn_radiation_wavelength.id 
_diffrn_radiation_wavelength.wavelength 
_diffrn_radiation_wavelength.wt 
1 0.97903 1.0 
2 0.91837 1.0 
3 0.97874 1.0 
# 
_diffrn_source.diffrn_id                   1 
_diffrn_source.source                      SYNCHROTRON 
_diffrn_source.type                        'SSRL BEAMLINE BL9-2' 
_diffrn_source.pdbx_synchrotron_site       SSRL 
_diffrn_source.pdbx_synchrotron_beamline   BL9-2 
_diffrn_source.pdbx_wavelength             ? 
_diffrn_source.pdbx_wavelength_list        '0.97903, 0.91837, 0.97874' 
# 
_reflns.entry_id                     1O13 
_reflns.observed_criterion_sigma_I   ? 
_reflns.observed_criterion_sigma_F   ? 
_reflns.d_resolution_low             42.871 
_reflns.d_resolution_high            1.830 
_reflns.number_obs                   10393 
_reflns.number_all                   ? 
_reflns.percent_possible_obs         100.0 
_reflns.pdbx_Rmerge_I_obs            ? 
_reflns.pdbx_Rsym_value              0.089 
_reflns.pdbx_netI_over_sigmaI        22.3000 
_reflns.B_iso_Wilson_estimate        24.76 
_reflns.pdbx_redundancy              14.900 
_reflns.R_free_details               ? 
_reflns.limit_h_max                  ? 
_reflns.limit_h_min                  ? 
_reflns.limit_k_max                  ? 
_reflns.limit_k_min                  ? 
_reflns.limit_l_max                  ? 
_reflns.limit_l_min                  ? 
_reflns.observed_criterion_F_max     ? 
_reflns.observed_criterion_F_min     ? 
_reflns.pdbx_chi_squared             ? 
_reflns.pdbx_scaling_rejects         ? 
_reflns.pdbx_diffrn_id               1 
_reflns.pdbx_ordinal                 1 
# 
_reflns_shell.d_res_high             1.83 
_reflns_shell.d_res_low              1.88 
_reflns_shell.percent_possible_all   100.0 
_reflns_shell.Rmerge_I_obs           ? 
_reflns_shell.pdbx_Rsym_value        0.945 
_reflns_shell.meanI_over_sigI_obs    2.300 
_reflns_shell.pdbx_redundancy        7.40 
_reflns_shell.percent_possible_obs   ? 
_reflns_shell.number_unique_all      ? 
_reflns_shell.number_measured_all    ? 
_reflns_shell.number_measured_obs    ? 
_reflns_shell.number_unique_obs      ? 
_reflns_shell.pdbx_chi_squared       ? 
_reflns_shell.pdbx_diffrn_id         ? 
_reflns_shell.pdbx_ordinal           1 
# 
_refine.entry_id                                 1O13 
_refine.ls_number_reflns_obs                     10351 
_refine.ls_number_reflns_all                     10351 
_refine.pdbx_ls_sigma_I                          ? 
_refine.pdbx_ls_sigma_F                          0.000 
_refine.pdbx_data_cutoff_high_absF               ? 
_refine.pdbx_data_cutoff_low_absF                ? 
_refine.pdbx_data_cutoff_high_rms_absF           ? 
_refine.ls_d_res_low                             42.87 
_refine.ls_d_res_high                            1.83 
_refine.ls_percent_reflns_obs                    99.9 
_refine.ls_R_factor_obs                          0.207 
_refine.ls_R_factor_all                          ? 
_refine.ls_R_factor_R_work                       0.207 
_refine.ls_R_factor_R_free                       0.241 
_refine.ls_R_factor_R_free_error                 ? 
_refine.ls_R_factor_R_free_error_details         ? 
_refine.ls_percent_reflns_R_free                 4.800 
_refine.ls_number_reflns_R_free                  498 
_refine.ls_number_parameters                     ? 
_refine.ls_number_restraints                     ? 
_refine.occupancy_min                            ? 
_refine.occupancy_max                            ? 
_refine.correlation_coeff_Fo_to_Fc               ? 
_refine.correlation_coeff_Fo_to_Fc_free          ? 
_refine.B_iso_mean                               26.90 
_refine.aniso_B[1][1]                            -6.92800 
_refine.aniso_B[2][2]                            -2.38300 
_refine.aniso_B[3][3]                            9.31200 
_refine.aniso_B[1][2]                            0.00000 
_refine.aniso_B[1][3]                            0.00000 
_refine.aniso_B[2][3]                            0.00000 
_refine.solvent_model_details                    'BULK SOLVENT CORRECTION' 
_refine.solvent_model_param_ksol                 243.35 
_refine.solvent_model_param_bsol                 0.46 
_refine.pdbx_solvent_vdw_probe_radii             ? 
_refine.pdbx_solvent_ion_probe_radii             ? 
_refine.pdbx_solvent_shrinkage_radii             ? 
_refine.pdbx_ls_cross_valid_method               THROUGHOUT 
_refine.details                                  
;THERE WAS NO DENSITY FOR THE FINAL 17 RESIDUES OF THE GENE SEQUENCE. WATERS WERE ADDED TO 3.0+ SIGMA PEAKS IN MFO-DFC MAPS IN APPROPRIATE H-BONDING POSITIONS USING THE CNS WATER_PICK AND WATER_DELETE SCRIPTS
;
_refine.pdbx_starting_model                      ? 
_refine.pdbx_method_to_determine_struct          MAD 
_refine.pdbx_isotropic_thermal_model             ISOTROPIC 
_refine.pdbx_stereochemistry_target_values       'ENGH AND HUBER' 
_refine.pdbx_stereochem_target_val_spec_case     ? 
_refine.pdbx_R_Free_selection_details            RANDOM 
_refine.pdbx_overall_ESU_R                       ? 
_refine.pdbx_overall_ESU_R_Free                  ? 
_refine.overall_SU_ML                            ? 
_refine.overall_SU_B                             ? 
_refine.ls_redundancy_reflns_obs                 ? 
_refine.B_iso_min                                ? 
_refine.B_iso_max                                ? 
_refine.overall_SU_R_Cruickshank_DPI             ? 
_refine.overall_SU_R_free                        ? 
_refine.ls_wR_factor_R_free                      ? 
_refine.ls_wR_factor_R_work                      ? 
_refine.overall_FOM_free_R_set                   ? 
_refine.overall_FOM_work_R_set                   ? 
_refine.pdbx_refine_id                           'X-RAY DIFFRACTION' 
_refine.pdbx_diffrn_id                           1 
_refine.pdbx_TLS_residual_ADP_flag               ? 
_refine.pdbx_overall_phase_error                 ? 
_refine.pdbx_overall_SU_R_free_Cruickshank_DPI   ? 
_refine.pdbx_overall_SU_R_Blow_DPI               ? 
_refine.pdbx_overall_SU_R_free_Blow_DPI          ? 
# 
_refine_analyze.entry_id                        1O13 
_refine_analyze.Luzzati_coordinate_error_obs    ? 
_refine_analyze.Luzzati_sigma_a_obs             ? 
_refine_analyze.Luzzati_d_res_low_obs           43.00 
_refine_analyze.Luzzati_coordinate_error_free   ? 
_refine_analyze.Luzzati_sigma_a_free            ? 
_refine_analyze.Luzzati_d_res_low_free          ? 
_refine_analyze.number_disordered_residues      ? 
_refine_analyze.occupancy_sum_hydrogen          ? 
_refine_analyze.occupancy_sum_non_hydrogen      ? 
_refine_analyze.pdbx_Luzzati_d_res_high_obs     ? 
_refine_analyze.pdbx_refine_id                  'X-RAY DIFFRACTION' 
# 
_refine_hist.pdbx_refine_id                   'X-RAY DIFFRACTION' 
_refine_hist.cycle_id                         LAST 
_refine_hist.pdbx_number_atoms_protein        808 
_refine_hist.pdbx_number_atoms_nucleic_acid   0 
_refine_hist.pdbx_number_atoms_ligand         0 
_refine_hist.number_atoms_solvent             96 
_refine_hist.number_atoms_total               904 
_refine_hist.d_res_high                       1.83 
_refine_hist.d_res_low                        42.87 
# 
loop_
_refine_ls_restr.type 
_refine_ls_restr.dev_ideal 
_refine_ls_restr.dev_ideal_target 
_refine_ls_restr.weight 
_refine_ls_restr.number 
_refine_ls_restr.pdbx_refine_id 
_refine_ls_restr.pdbx_restraint_function 
c_bond_d                0.010 ?     ? ? 'X-RAY DIFFRACTION' ? 
c_bond_d_na             ?     ?     ? ? 'X-RAY DIFFRACTION' ? 
c_bond_d_prot           ?     ?     ? ? 'X-RAY DIFFRACTION' ? 
c_angle_d               ?     ?     ? ? 'X-RAY DIFFRACTION' ? 
c_angle_d_na            ?     ?     ? ? 'X-RAY DIFFRACTION' ? 
c_angle_d_prot          ?     ?     ? ? 'X-RAY DIFFRACTION' ? 
c_angle_deg             1.56  ?     ? ? 'X-RAY DIFFRACTION' ? 
c_angle_deg_na          ?     ?     ? ? 'X-RAY DIFFRACTION' ? 
c_angle_deg_prot        ?     ?     ? ? 'X-RAY DIFFRACTION' ? 
c_dihedral_angle_d      ?     ?     ? ? 'X-RAY DIFFRACTION' ? 
c_dihedral_angle_d_na   ?     ?     ? ? 'X-RAY DIFFRACTION' ? 
c_dihedral_angle_d_prot ?     ?     ? ? 'X-RAY DIFFRACTION' ? 
c_improper_angle_d      ?     ?     ? ? 'X-RAY DIFFRACTION' ? 
c_improper_angle_d_na   ?     ?     ? ? 'X-RAY DIFFRACTION' ? 
c_improper_angle_d_prot ?     ?     ? ? 'X-RAY DIFFRACTION' ? 
c_mcbond_it             1.454 1.500 ? ? 'X-RAY DIFFRACTION' ? 
c_mcangle_it            2.102 2.000 ? ? 'X-RAY DIFFRACTION' ? 
c_scbond_it             2.055 2.000 ? ? 'X-RAY DIFFRACTION' ? 
c_scangle_it            2.914 2.500 ? ? 'X-RAY DIFFRACTION' ? 
# 
_refine_ls_shell.pdbx_total_number_of_bins_used   9 
_refine_ls_shell.d_res_high                       1.83 
_refine_ls_shell.d_res_low                        1.90 
_refine_ls_shell.number_reflns_R_work             1053 
_refine_ls_shell.R_factor_R_work                  0.287 
_refine_ls_shell.percent_reflns_obs               ? 
_refine_ls_shell.R_factor_R_free                  0.3684 
_refine_ls_shell.R_factor_R_free_error            ? 
_refine_ls_shell.percent_reflns_R_free            5.6 
_refine_ls_shell.number_reflns_R_free             63 
_refine_ls_shell.redundancy_reflns_obs            ? 
_refine_ls_shell.number_reflns_all                ? 
_refine_ls_shell.number_reflns_obs                ? 
_refine_ls_shell.R_factor_all                     ? 
_refine_ls_shell.pdbx_refine_id                   'X-RAY DIFFRACTION' 
# 
_struct.entry_id                  1O13 
_struct.title                     
'Crystal structure of a putative dinitrogenase iron-molybdenum cofactor (tm1816) from thermotoga maritima at 1.83 A resolution' 
_struct.pdbx_model_details        ? 
_struct.pdbx_CASP_flag            ? 
_struct.pdbx_model_type_details   ? 
# 
_struct_keywords.text            
;Ribonuclease h-like motif fold, structural genomics, Joint Center for Structural Genomics, JCSG, Protein Structure Initiative, PSI, biosynthetic protein
;
_struct_keywords.entry_id        1O13 
_struct_keywords.pdbx_keywords   'BIOSYNTHETIC PROTEIN' 
# 
loop_
_struct_asym.id 
_struct_asym.pdbx_blank_PDB_chainid_flag 
_struct_asym.pdbx_modified 
_struct_asym.entity_id 
_struct_asym.details 
A N N 1 ? 
B N N 2 ? 
# 
_struct_ref.id                         1 
_struct_ref.db_code                    Q9X2D6_THEMA 
_struct_ref.db_name                    UNP 
_struct_ref.entity_id                  1 
_struct_ref.pdbx_db_accession          Q9X2D6 
_struct_ref.pdbx_align_begin           1 
_struct_ref.pdbx_seq_one_letter_code   
;MIIAIPVSENRGKDSPISEHFGRAPYFAFVKVKNNAIADISVEENPLAQDHVHGAVPNFVKEKGAELVIVRGIGRRAIAA
FEAMGVKVIKGASGTVEEVVNQYLSGQLKDSDYEVHDHHHHEHH
;
_struct_ref.pdbx_db_isoform            ? 
# 
_struct_ref_seq.align_id                      1 
_struct_ref_seq.ref_id                        1 
_struct_ref_seq.pdbx_PDB_id_code              1O13 
_struct_ref_seq.pdbx_strand_id                A 
_struct_ref_seq.seq_align_beg                 13 
_struct_ref_seq.pdbx_seq_align_beg_ins_code   ? 
_struct_ref_seq.seq_align_end                 136 
_struct_ref_seq.pdbx_seq_align_end_ins_code   ? 
_struct_ref_seq.pdbx_db_accession             Q9X2D6 
_struct_ref_seq.db_align_beg                  1 
_struct_ref_seq.pdbx_db_align_beg_ins_code    ? 
_struct_ref_seq.db_align_end                  124 
_struct_ref_seq.pdbx_db_align_end_ins_code    ? 
_struct_ref_seq.pdbx_auth_seq_align_beg       1 
_struct_ref_seq.pdbx_auth_seq_align_end       124 
# 
loop_
_struct_ref_seq_dif.align_id 
_struct_ref_seq_dif.pdbx_pdb_id_code 
_struct_ref_seq_dif.mon_id 
_struct_ref_seq_dif.pdbx_pdb_strand_id 
_struct_ref_seq_dif.seq_num 
_struct_ref_seq_dif.pdbx_pdb_ins_code 
_struct_ref_seq_dif.pdbx_seq_db_name 
_struct_ref_seq_dif.pdbx_seq_db_accession_code 
_struct_ref_seq_dif.db_mon_id 
_struct_ref_seq_dif.pdbx_seq_db_seq_num 
_struct_ref_seq_dif.details 
_struct_ref_seq_dif.pdbx_auth_seq_num 
_struct_ref_seq_dif.pdbx_ordinal 
1 1O13 MSE A 1  ? UNP Q9X2D6 ?   ?  'expression tag'   -11 1  
1 1O13 GLY A 2  ? UNP Q9X2D6 ?   ?  'expression tag'   -10 2  
1 1O13 SER A 3  ? UNP Q9X2D6 ?   ?  'expression tag'   -9  3  
1 1O13 ASP A 4  ? UNP Q9X2D6 ?   ?  'expression tag'   -8  4  
1 1O13 LYS A 5  ? UNP Q9X2D6 ?   ?  'expression tag'   -7  5  
1 1O13 ILE A 6  ? UNP Q9X2D6 ?   ?  'expression tag'   -6  6  
1 1O13 HIS A 7  ? UNP Q9X2D6 ?   ?  'expression tag'   -5  7  
1 1O13 HIS A 8  ? UNP Q9X2D6 ?   ?  'expression tag'   -4  8  
1 1O13 HIS A 9  ? UNP Q9X2D6 ?   ?  'expression tag'   -3  9  
1 1O13 HIS A 10 ? UNP Q9X2D6 ?   ?  'expression tag'   -2  10 
1 1O13 HIS A 11 ? UNP Q9X2D6 ?   ?  'expression tag'   -1  11 
1 1O13 HIS A 12 ? UNP Q9X2D6 ?   ?  'expression tag'   0   12 
1 1O13 MSE A 13 ? UNP Q9X2D6 MET 1  'modified residue' 1   13 
1 1O13 MSE A 96 ? UNP Q9X2D6 MET 84 'modified residue' 84  14 
# 
_pdbx_struct_assembly.id                   1 
_pdbx_struct_assembly.details              author_defined_assembly 
_pdbx_struct_assembly.method_details       ? 
_pdbx_struct_assembly.oligomeric_details   monomeric 
_pdbx_struct_assembly.oligomeric_count     1 
# 
_pdbx_struct_assembly_gen.assembly_id       1 
_pdbx_struct_assembly_gen.oper_expression   1 
_pdbx_struct_assembly_gen.asym_id_list      A,B 
# 
_pdbx_struct_oper_list.id                   1 
_pdbx_struct_oper_list.type                 'identity operation' 
_pdbx_struct_oper_list.name                 1_555 
_pdbx_struct_oper_list.symmetry_operation   x,y,z 
_pdbx_struct_oper_list.matrix[1][1]         1.0000000000 
_pdbx_struct_oper_list.matrix[1][2]         0.0000000000 
_pdbx_struct_oper_list.matrix[1][3]         0.0000000000 
_pdbx_struct_oper_list.vector[1]            0.0000000000 
_pdbx_struct_oper_list.matrix[2][1]         0.0000000000 
_pdbx_struct_oper_list.matrix[2][2]         1.0000000000 
_pdbx_struct_oper_list.matrix[2][3]         0.0000000000 
_pdbx_struct_oper_list.vector[2]            0.0000000000 
_pdbx_struct_oper_list.matrix[3][1]         0.0000000000 
_pdbx_struct_oper_list.matrix[3][2]         0.0000000000 
_pdbx_struct_oper_list.matrix[3][3]         1.0000000000 
_pdbx_struct_oper_list.vector[3]            0.0000000000 
# 
_struct_biol.id                    1 
_struct_biol.pdbx_parent_biol_id   ? 
_struct_biol.details               ? 
# 
loop_
_struct_conf.conf_type_id 
_struct_conf.id 
_struct_conf.pdbx_PDB_helix_id 
_struct_conf.beg_label_comp_id 
_struct_conf.beg_label_asym_id 
_struct_conf.beg_label_seq_id 
_struct_conf.pdbx_beg_PDB_ins_code 
_struct_conf.end_label_comp_id 
_struct_conf.end_label_asym_id 
_struct_conf.end_label_seq_id 
_struct_conf.pdbx_end_PDB_ins_code 
_struct_conf.beg_auth_comp_id 
_struct_conf.beg_auth_asym_id 
_struct_conf.beg_auth_seq_id 
_struct_conf.end_auth_comp_id 
_struct_conf.end_auth_asym_id 
_struct_conf.end_auth_seq_id 
_struct_conf.pdbx_PDB_helix_class 
_struct_conf.details 
_struct_conf.pdbx_PDB_helix_length 
HELX_P HELX_P1 1 ARG A 23  ? SER A 27  ? ARG A 11 SER A 15  5 ? 5  
HELX_P HELX_P2 2 PRO A 58  ? GLN A 61  ? PRO A 46 GLN A 49  5 ? 4  
HELX_P HELX_P3 3 ALA A 67  ? LYS A 75  ? ALA A 55 LYS A 63  1 ? 9  
HELX_P HELX_P4 4 GLY A 86  ? MSE A 96  ? GLY A 74 MSE A 84  1 ? 11 
HELX_P HELX_P5 5 THR A 107 ? SER A 117 ? THR A 95 SER A 105 1 ? 11 
# 
_struct_conf_type.id          HELX_P 
_struct_conf_type.criteria    ? 
_struct_conf_type.reference   ? 
# 
loop_
_struct_conn.id 
_struct_conn.conn_type_id 
_struct_conn.pdbx_leaving_atom_flag 
_struct_conn.pdbx_PDB_id 
_struct_conn.ptnr1_label_asym_id 
_struct_conn.ptnr1_label_comp_id 
_struct_conn.ptnr1_label_seq_id 
_struct_conn.ptnr1_label_atom_id 
_struct_conn.pdbx_ptnr1_label_alt_id 
_struct_conn.pdbx_ptnr1_PDB_ins_code 
_struct_conn.pdbx_ptnr1_standard_comp_id 
_struct_conn.ptnr1_symmetry 
_struct_conn.ptnr2_label_asym_id 
_struct_conn.ptnr2_label_comp_id 
_struct_conn.ptnr2_label_seq_id 
_struct_conn.ptnr2_label_atom_id 
_struct_conn.pdbx_ptnr2_label_alt_id 
_struct_conn.pdbx_ptnr2_PDB_ins_code 
_struct_conn.ptnr1_auth_asym_id 
_struct_conn.ptnr1_auth_comp_id 
_struct_conn.ptnr1_auth_seq_id 
_struct_conn.ptnr2_auth_asym_id 
_struct_conn.ptnr2_auth_comp_id 
_struct_conn.ptnr2_auth_seq_id 
_struct_conn.ptnr2_symmetry 
_struct_conn.pdbx_ptnr3_label_atom_id 
_struct_conn.pdbx_ptnr3_label_seq_id 
_struct_conn.pdbx_ptnr3_label_comp_id 
_struct_conn.pdbx_ptnr3_label_asym_id 
_struct_conn.pdbx_ptnr3_label_alt_id 
_struct_conn.pdbx_ptnr3_PDB_ins_code 
_struct_conn.details 
_struct_conn.pdbx_dist_value 
_struct_conn.pdbx_value_order 
_struct_conn.pdbx_role 
covale1 covale both ? A MSE 13 C ? ? ? 1_555 A ILE 14 N ? ? A MSE 1  A ILE 2  1_555 ? ? ? ? ? ? ? 1.325 ? ? 
covale2 covale both ? A ALA 95 C ? ? ? 1_555 A MSE 96 N ? ? A ALA 83 A MSE 84 1_555 ? ? ? ? ? ? ? 1.330 ? ? 
covale3 covale both ? A MSE 96 C ? ? ? 1_555 A GLY 97 N ? ? A MSE 84 A GLY 85 1_555 ? ? ? ? ? ? ? 1.332 ? ? 
# 
_struct_conn_type.id          covale 
_struct_conn_type.criteria    ? 
_struct_conn_type.reference   ? 
# 
loop_
_pdbx_modification_feature.ordinal 
_pdbx_modification_feature.label_comp_id 
_pdbx_modification_feature.label_asym_id 
_pdbx_modification_feature.label_seq_id 
_pdbx_modification_feature.label_alt_id 
_pdbx_modification_feature.modified_residue_label_comp_id 
_pdbx_modification_feature.modified_residue_label_asym_id 
_pdbx_modification_feature.modified_residue_label_seq_id 
_pdbx_modification_feature.modified_residue_label_alt_id 
_pdbx_modification_feature.auth_comp_id 
_pdbx_modification_feature.auth_asym_id 
_pdbx_modification_feature.auth_seq_id 
_pdbx_modification_feature.PDB_ins_code 
_pdbx_modification_feature.symmetry 
_pdbx_modification_feature.modified_residue_auth_comp_id 
_pdbx_modification_feature.modified_residue_auth_asym_id 
_pdbx_modification_feature.modified_residue_auth_seq_id 
_pdbx_modification_feature.modified_residue_PDB_ins_code 
_pdbx_modification_feature.modified_residue_symmetry 
_pdbx_modification_feature.comp_id_linking_atom 
_pdbx_modification_feature.modified_residue_id_linking_atom 
_pdbx_modification_feature.modified_residue_id 
_pdbx_modification_feature.ref_pcm_id 
_pdbx_modification_feature.ref_comp_id 
_pdbx_modification_feature.type 
_pdbx_modification_feature.category 
1 MSE A 13 ? . . . . MSE A 1  ? 1_555 . . . . . . . MET 1 MSE Selenomethionine 'Named protein modification' 
2 MSE A 96 ? . . . . MSE A 84 ? 1_555 . . . . . . . MET 1 MSE Selenomethionine 'Named protein modification' 
# 
_struct_sheet.id               A 
_struct_sheet.type             ? 
_struct_sheet.number_strands   5 
_struct_sheet.details          ? 
# 
loop_
_struct_sheet_order.sheet_id 
_struct_sheet_order.range_id_1 
_struct_sheet_order.range_id_2 
_struct_sheet_order.offset 
_struct_sheet_order.sense 
A 1 2 ? anti-parallel 
A 2 3 ? anti-parallel 
A 3 4 ? parallel      
A 4 5 ? parallel      
# 
loop_
_struct_sheet_range.sheet_id 
_struct_sheet_range.id 
_struct_sheet_range.beg_label_comp_id 
_struct_sheet_range.beg_label_asym_id 
_struct_sheet_range.beg_label_seq_id 
_struct_sheet_range.pdbx_beg_PDB_ins_code 
_struct_sheet_range.end_label_comp_id 
_struct_sheet_range.end_label_asym_id 
_struct_sheet_range.end_label_seq_id 
_struct_sheet_range.pdbx_end_PDB_ins_code 
_struct_sheet_range.beg_auth_comp_id 
_struct_sheet_range.beg_auth_asym_id 
_struct_sheet_range.beg_auth_seq_id 
_struct_sheet_range.end_auth_comp_id 
_struct_sheet_range.end_auth_asym_id 
_struct_sheet_range.end_auth_seq_id 
A 1 ALA A 48 ? GLU A 56  ? ALA A 36 GLU A 44 
A 2 TYR A 38 ? LYS A 45  ? TYR A 26 LYS A 33 
A 3 ILE A 14 ? VAL A 19  ? ILE A 2  VAL A 7  
A 4 LEU A 79 ? ILE A 81  ? LEU A 67 ILE A 69 
A 5 LYS A 99 ? ILE A 101 ? LYS A 87 ILE A 89 
# 
loop_
_pdbx_struct_sheet_hbond.sheet_id 
_pdbx_struct_sheet_hbond.range_id_1 
_pdbx_struct_sheet_hbond.range_id_2 
_pdbx_struct_sheet_hbond.range_1_label_atom_id 
_pdbx_struct_sheet_hbond.range_1_label_comp_id 
_pdbx_struct_sheet_hbond.range_1_label_asym_id 
_pdbx_struct_sheet_hbond.range_1_label_seq_id 
_pdbx_struct_sheet_hbond.range_1_PDB_ins_code 
_pdbx_struct_sheet_hbond.range_1_auth_atom_id 
_pdbx_struct_sheet_hbond.range_1_auth_comp_id 
_pdbx_struct_sheet_hbond.range_1_auth_asym_id 
_pdbx_struct_sheet_hbond.range_1_auth_seq_id 
_pdbx_struct_sheet_hbond.range_2_label_atom_id 
_pdbx_struct_sheet_hbond.range_2_label_comp_id 
_pdbx_struct_sheet_hbond.range_2_label_asym_id 
_pdbx_struct_sheet_hbond.range_2_label_seq_id 
_pdbx_struct_sheet_hbond.range_2_PDB_ins_code 
_pdbx_struct_sheet_hbond.range_2_auth_atom_id 
_pdbx_struct_sheet_hbond.range_2_auth_comp_id 
_pdbx_struct_sheet_hbond.range_2_auth_asym_id 
_pdbx_struct_sheet_hbond.range_2_auth_seq_id 
A 1 2 O ALA A 50 ? O ALA A 38 N LYS A 43  ? N LYS A 31 
A 2 3 O VAL A 42 ? O VAL A 30 N ILE A 15  ? N ILE A 3  
A 3 4 N ALA A 16 ? N ALA A 4  O LEU A 79  ? O LEU A 67 
A 4 5 N VAL A 80 ? N VAL A 68 O ILE A 101 ? O ILE A 89 
# 
_pdbx_entry_details.entry_id                   1O13 
_pdbx_entry_details.compound_details           ? 
_pdbx_entry_details.source_details             ? 
_pdbx_entry_details.nonpolymer_details         ? 
_pdbx_entry_details.sequence_details           ? 
_pdbx_entry_details.has_ligand_of_interest     ? 
_pdbx_entry_details.has_protein_modification   Y 
# 
_pdbx_validate_torsion.id              1 
_pdbx_validate_torsion.PDB_model_num   1 
_pdbx_validate_torsion.auth_comp_id    ARG 
_pdbx_validate_torsion.auth_asym_id    A 
_pdbx_validate_torsion.auth_seq_id     71 
_pdbx_validate_torsion.PDB_ins_code    ? 
_pdbx_validate_torsion.label_alt_id    ? 
_pdbx_validate_torsion.phi             -97.88 
_pdbx_validate_torsion.psi             -75.71 
# 
_pdbx_SG_project.id                    1 
_pdbx_SG_project.project_name          'PSI, Protein Structure Initiative' 
_pdbx_SG_project.full_name_of_center   'Joint Center for Structural Genomics' 
_pdbx_SG_project.initial_of_center     JCSG 
# 
loop_
_pdbx_struct_mod_residue.id 
_pdbx_struct_mod_residue.label_asym_id 
_pdbx_struct_mod_residue.label_comp_id 
_pdbx_struct_mod_residue.label_seq_id 
_pdbx_struct_mod_residue.auth_asym_id 
_pdbx_struct_mod_residue.auth_comp_id 
_pdbx_struct_mod_residue.auth_seq_id 
_pdbx_struct_mod_residue.PDB_ins_code 
_pdbx_struct_mod_residue.parent_comp_id 
_pdbx_struct_mod_residue.details 
1 A MSE 13 A MSE 1  ? MET SELENOMETHIONINE 
2 A MSE 96 A MSE 84 ? MET SELENOMETHIONINE 
# 
loop_
_pdbx_unobs_or_zero_occ_residues.id 
_pdbx_unobs_or_zero_occ_residues.PDB_model_num 
_pdbx_unobs_or_zero_occ_residues.polymer_flag 
_pdbx_unobs_or_zero_occ_residues.occupancy_flag 
_pdbx_unobs_or_zero_occ_residues.auth_asym_id 
_pdbx_unobs_or_zero_occ_residues.auth_comp_id 
_pdbx_unobs_or_zero_occ_residues.auth_seq_id 
_pdbx_unobs_or_zero_occ_residues.PDB_ins_code 
_pdbx_unobs_or_zero_occ_residues.label_asym_id 
_pdbx_unobs_or_zero_occ_residues.label_comp_id 
_pdbx_unobs_or_zero_occ_residues.label_seq_id 
1  1 Y 1 A MSE -11 ? A MSE 1   
2  1 Y 1 A GLY -10 ? A GLY 2   
3  1 Y 1 A SER -9  ? A SER 3   
4  1 Y 1 A ASP -8  ? A ASP 4   
5  1 Y 1 A LYS -7  ? A LYS 5   
6  1 Y 1 A ILE -6  ? A ILE 6   
7  1 Y 1 A HIS -5  ? A HIS 7   
8  1 Y 1 A HIS -4  ? A HIS 8   
9  1 Y 1 A HIS -3  ? A HIS 9   
10 1 Y 1 A HIS -2  ? A HIS 10  
11 1 Y 1 A HIS -1  ? A HIS 11  
12 1 Y 1 A HIS 0   ? A HIS 12  
13 1 Y 1 A LEU 108 ? A LEU 120 
14 1 Y 1 A LYS 109 ? A LYS 121 
15 1 Y 1 A ASP 110 ? A ASP 122 
16 1 Y 1 A SER 111 ? A SER 123 
17 1 Y 1 A ASP 112 ? A ASP 124 
18 1 Y 1 A TYR 113 ? A TYR 125 
19 1 Y 1 A GLU 114 ? A GLU 126 
20 1 Y 1 A VAL 115 ? A VAL 127 
21 1 Y 1 A HIS 116 ? A HIS 128 
22 1 Y 1 A ASP 117 ? A ASP 129 
23 1 Y 1 A HIS 118 ? A HIS 130 
24 1 Y 1 A HIS 119 ? A HIS 131 
25 1 Y 1 A HIS 120 ? A HIS 132 
26 1 Y 1 A HIS 121 ? A HIS 133 
27 1 Y 1 A GLU 122 ? A GLU 134 
28 1 Y 1 A HIS 123 ? A HIS 135 
29 1 Y 1 A HIS 124 ? A HIS 136 
# 
loop_
_chem_comp_atom.comp_id 
_chem_comp_atom.atom_id 
_chem_comp_atom.type_symbol 
_chem_comp_atom.pdbx_aromatic_flag 
_chem_comp_atom.pdbx_stereo_config 
_chem_comp_atom.pdbx_ordinal 
ALA N    N  N N 1   
ALA CA   C  N S 2   
ALA C    C  N N 3   
ALA O    O  N N 4   
ALA CB   C  N N 5   
ALA OXT  O  N N 6   
ALA H    H  N N 7   
ALA H2   H  N N 8   
ALA HA   H  N N 9   
ALA HB1  H  N N 10  
ALA HB2  H  N N 11  
ALA HB3  H  N N 12  
ALA HXT  H  N N 13  
ARG N    N  N N 14  
ARG CA   C  N S 15  
ARG C    C  N N 16  
ARG O    O  N N 17  
ARG CB   C  N N 18  
ARG CG   C  N N 19  
ARG CD   C  N N 20  
ARG NE   N  N N 21  
ARG CZ   C  N N 22  
ARG NH1  N  N N 23  
ARG NH2  N  N N 24  
ARG OXT  O  N N 25  
ARG H    H  N N 26  
ARG H2   H  N N 27  
ARG HA   H  N N 28  
ARG HB2  H  N N 29  
ARG HB3  H  N N 30  
ARG HG2  H  N N 31  
ARG HG3  H  N N 32  
ARG HD2  H  N N 33  
ARG HD3  H  N N 34  
ARG HE   H  N N 35  
ARG HH11 H  N N 36  
ARG HH12 H  N N 37  
ARG HH21 H  N N 38  
ARG HH22 H  N N 39  
ARG HXT  H  N N 40  
ASN N    N  N N 41  
ASN CA   C  N S 42  
ASN C    C  N N 43  
ASN O    O  N N 44  
ASN CB   C  N N 45  
ASN CG   C  N N 46  
ASN OD1  O  N N 47  
ASN ND2  N  N N 48  
ASN OXT  O  N N 49  
ASN H    H  N N 50  
ASN H2   H  N N 51  
ASN HA   H  N N 52  
ASN HB2  H  N N 53  
ASN HB3  H  N N 54  
ASN HD21 H  N N 55  
ASN HD22 H  N N 56  
ASN HXT  H  N N 57  
ASP N    N  N N 58  
ASP CA   C  N S 59  
ASP C    C  N N 60  
ASP O    O  N N 61  
ASP CB   C  N N 62  
ASP CG   C  N N 63  
ASP OD1  O  N N 64  
ASP OD2  O  N N 65  
ASP OXT  O  N N 66  
ASP H    H  N N 67  
ASP H2   H  N N 68  
ASP HA   H  N N 69  
ASP HB2  H  N N 70  
ASP HB3  H  N N 71  
ASP HD2  H  N N 72  
ASP HXT  H  N N 73  
GLN N    N  N N 74  
GLN CA   C  N S 75  
GLN C    C  N N 76  
GLN O    O  N N 77  
GLN CB   C  N N 78  
GLN CG   C  N N 79  
GLN CD   C  N N 80  
GLN OE1  O  N N 81  
GLN NE2  N  N N 82  
GLN OXT  O  N N 83  
GLN H    H  N N 84  
GLN H2   H  N N 85  
GLN HA   H  N N 86  
GLN HB2  H  N N 87  
GLN HB3  H  N N 88  
GLN HG2  H  N N 89  
GLN HG3  H  N N 90  
GLN HE21 H  N N 91  
GLN HE22 H  N N 92  
GLN HXT  H  N N 93  
GLU N    N  N N 94  
GLU CA   C  N S 95  
GLU C    C  N N 96  
GLU O    O  N N 97  
GLU CB   C  N N 98  
GLU CG   C  N N 99  
GLU CD   C  N N 100 
GLU OE1  O  N N 101 
GLU OE2  O  N N 102 
GLU OXT  O  N N 103 
GLU H    H  N N 104 
GLU H2   H  N N 105 
GLU HA   H  N N 106 
GLU HB2  H  N N 107 
GLU HB3  H  N N 108 
GLU HG2  H  N N 109 
GLU HG3  H  N N 110 
GLU HE2  H  N N 111 
GLU HXT  H  N N 112 
GLY N    N  N N 113 
GLY CA   C  N N 114 
GLY C    C  N N 115 
GLY O    O  N N 116 
GLY OXT  O  N N 117 
GLY H    H  N N 118 
GLY H2   H  N N 119 
GLY HA2  H  N N 120 
GLY HA3  H  N N 121 
GLY HXT  H  N N 122 
HIS N    N  N N 123 
HIS CA   C  N S 124 
HIS C    C  N N 125 
HIS O    O  N N 126 
HIS CB   C  N N 127 
HIS CG   C  Y N 128 
HIS ND1  N  Y N 129 
HIS CD2  C  Y N 130 
HIS CE1  C  Y N 131 
HIS NE2  N  Y N 132 
HIS OXT  O  N N 133 
HIS H    H  N N 134 
HIS H2   H  N N 135 
HIS HA   H  N N 136 
HIS HB2  H  N N 137 
HIS HB3  H  N N 138 
HIS HD1  H  N N 139 
HIS HD2  H  N N 140 
HIS HE1  H  N N 141 
HIS HE2  H  N N 142 
HIS HXT  H  N N 143 
HOH O    O  N N 144 
HOH H1   H  N N 145 
HOH H2   H  N N 146 
ILE N    N  N N 147 
ILE CA   C  N S 148 
ILE C    C  N N 149 
ILE O    O  N N 150 
ILE CB   C  N S 151 
ILE CG1  C  N N 152 
ILE CG2  C  N N 153 
ILE CD1  C  N N 154 
ILE OXT  O  N N 155 
ILE H    H  N N 156 
ILE H2   H  N N 157 
ILE HA   H  N N 158 
ILE HB   H  N N 159 
ILE HG12 H  N N 160 
ILE HG13 H  N N 161 
ILE HG21 H  N N 162 
ILE HG22 H  N N 163 
ILE HG23 H  N N 164 
ILE HD11 H  N N 165 
ILE HD12 H  N N 166 
ILE HD13 H  N N 167 
ILE HXT  H  N N 168 
LEU N    N  N N 169 
LEU CA   C  N S 170 
LEU C    C  N N 171 
LEU O    O  N N 172 
LEU CB   C  N N 173 
LEU CG   C  N N 174 
LEU CD1  C  N N 175 
LEU CD2  C  N N 176 
LEU OXT  O  N N 177 
LEU H    H  N N 178 
LEU H2   H  N N 179 
LEU HA   H  N N 180 
LEU HB2  H  N N 181 
LEU HB3  H  N N 182 
LEU HG   H  N N 183 
LEU HD11 H  N N 184 
LEU HD12 H  N N 185 
LEU HD13 H  N N 186 
LEU HD21 H  N N 187 
LEU HD22 H  N N 188 
LEU HD23 H  N N 189 
LEU HXT  H  N N 190 
LYS N    N  N N 191 
LYS CA   C  N S 192 
LYS C    C  N N 193 
LYS O    O  N N 194 
LYS CB   C  N N 195 
LYS CG   C  N N 196 
LYS CD   C  N N 197 
LYS CE   C  N N 198 
LYS NZ   N  N N 199 
LYS OXT  O  N N 200 
LYS H    H  N N 201 
LYS H2   H  N N 202 
LYS HA   H  N N 203 
LYS HB2  H  N N 204 
LYS HB3  H  N N 205 
LYS HG2  H  N N 206 
LYS HG3  H  N N 207 
LYS HD2  H  N N 208 
LYS HD3  H  N N 209 
LYS HE2  H  N N 210 
LYS HE3  H  N N 211 
LYS HZ1  H  N N 212 
LYS HZ2  H  N N 213 
LYS HZ3  H  N N 214 
LYS HXT  H  N N 215 
MET N    N  N N 216 
MET CA   C  N S 217 
MET C    C  N N 218 
MET O    O  N N 219 
MET CB   C  N N 220 
MET CG   C  N N 221 
MET SD   S  N N 222 
MET CE   C  N N 223 
MET OXT  O  N N 224 
MET H    H  N N 225 
MET H2   H  N N 226 
MET HA   H  N N 227 
MET HB2  H  N N 228 
MET HB3  H  N N 229 
MET HG2  H  N N 230 
MET HG3  H  N N 231 
MET HE1  H  N N 232 
MET HE2  H  N N 233 
MET HE3  H  N N 234 
MET HXT  H  N N 235 
MSE N    N  N N 236 
MSE CA   C  N S 237 
MSE C    C  N N 238 
MSE O    O  N N 239 
MSE OXT  O  N N 240 
MSE CB   C  N N 241 
MSE CG   C  N N 242 
MSE SE   SE N N 243 
MSE CE   C  N N 244 
MSE H    H  N N 245 
MSE H2   H  N N 246 
MSE HA   H  N N 247 
MSE HXT  H  N N 248 
MSE HB2  H  N N 249 
MSE HB3  H  N N 250 
MSE HG2  H  N N 251 
MSE HG3  H  N N 252 
MSE HE1  H  N N 253 
MSE HE2  H  N N 254 
MSE HE3  H  N N 255 
PHE N    N  N N 256 
PHE CA   C  N S 257 
PHE C    C  N N 258 
PHE O    O  N N 259 
PHE CB   C  N N 260 
PHE CG   C  Y N 261 
PHE CD1  C  Y N 262 
PHE CD2  C  Y N 263 
PHE CE1  C  Y N 264 
PHE CE2  C  Y N 265 
PHE CZ   C  Y N 266 
PHE OXT  O  N N 267 
PHE H    H  N N 268 
PHE H2   H  N N 269 
PHE HA   H  N N 270 
PHE HB2  H  N N 271 
PHE HB3  H  N N 272 
PHE HD1  H  N N 273 
PHE HD2  H  N N 274 
PHE HE1  H  N N 275 
PHE HE2  H  N N 276 
PHE HZ   H  N N 277 
PHE HXT  H  N N 278 
PRO N    N  N N 279 
PRO CA   C  N S 280 
PRO C    C  N N 281 
PRO O    O  N N 282 
PRO CB   C  N N 283 
PRO CG   C  N N 284 
PRO CD   C  N N 285 
PRO OXT  O  N N 286 
PRO H    H  N N 287 
PRO HA   H  N N 288 
PRO HB2  H  N N 289 
PRO HB3  H  N N 290 
PRO HG2  H  N N 291 
PRO HG3  H  N N 292 
PRO HD2  H  N N 293 
PRO HD3  H  N N 294 
PRO HXT  H  N N 295 
SER N    N  N N 296 
SER CA   C  N S 297 
SER C    C  N N 298 
SER O    O  N N 299 
SER CB   C  N N 300 
SER OG   O  N N 301 
SER OXT  O  N N 302 
SER H    H  N N 303 
SER H2   H  N N 304 
SER HA   H  N N 305 
SER HB2  H  N N 306 
SER HB3  H  N N 307 
SER HG   H  N N 308 
SER HXT  H  N N 309 
THR N    N  N N 310 
THR CA   C  N S 311 
THR C    C  N N 312 
THR O    O  N N 313 
THR CB   C  N R 314 
THR OG1  O  N N 315 
THR CG2  C  N N 316 
THR OXT  O  N N 317 
THR H    H  N N 318 
THR H2   H  N N 319 
THR HA   H  N N 320 
THR HB   H  N N 321 
THR HG1  H  N N 322 
THR HG21 H  N N 323 
THR HG22 H  N N 324 
THR HG23 H  N N 325 
THR HXT  H  N N 326 
TYR N    N  N N 327 
TYR CA   C  N S 328 
TYR C    C  N N 329 
TYR O    O  N N 330 
TYR CB   C  N N 331 
TYR CG   C  Y N 332 
TYR CD1  C  Y N 333 
TYR CD2  C  Y N 334 
TYR CE1  C  Y N 335 
TYR CE2  C  Y N 336 
TYR CZ   C  Y N 337 
TYR OH   O  N N 338 
TYR OXT  O  N N 339 
TYR H    H  N N 340 
TYR H2   H  N N 341 
TYR HA   H  N N 342 
TYR HB2  H  N N 343 
TYR HB3  H  N N 344 
TYR HD1  H  N N 345 
TYR HD2  H  N N 346 
TYR HE1  H  N N 347 
TYR HE2  H  N N 348 
TYR HH   H  N N 349 
TYR HXT  H  N N 350 
VAL N    N  N N 351 
VAL CA   C  N S 352 
VAL C    C  N N 353 
VAL O    O  N N 354 
VAL CB   C  N N 355 
VAL CG1  C  N N 356 
VAL CG2  C  N N 357 
VAL OXT  O  N N 358 
VAL H    H  N N 359 
VAL H2   H  N N 360 
VAL HA   H  N N 361 
VAL HB   H  N N 362 
VAL HG11 H  N N 363 
VAL HG12 H  N N 364 
VAL HG13 H  N N 365 
VAL HG21 H  N N 366 
VAL HG22 H  N N 367 
VAL HG23 H  N N 368 
VAL HXT  H  N N 369 
# 
loop_
_chem_comp_bond.comp_id 
_chem_comp_bond.atom_id_1 
_chem_comp_bond.atom_id_2 
_chem_comp_bond.value_order 
_chem_comp_bond.pdbx_aromatic_flag 
_chem_comp_bond.pdbx_stereo_config 
_chem_comp_bond.pdbx_ordinal 
ALA N   CA   sing N N 1   
ALA N   H    sing N N 2   
ALA N   H2   sing N N 3   
ALA CA  C    sing N N 4   
ALA CA  CB   sing N N 5   
ALA CA  HA   sing N N 6   
ALA C   O    doub N N 7   
ALA C   OXT  sing N N 8   
ALA CB  HB1  sing N N 9   
ALA CB  HB2  sing N N 10  
ALA CB  HB3  sing N N 11  
ALA OXT HXT  sing N N 12  
ARG N   CA   sing N N 13  
ARG N   H    sing N N 14  
ARG N   H2   sing N N 15  
ARG CA  C    sing N N 16  
ARG CA  CB   sing N N 17  
ARG CA  HA   sing N N 18  
ARG C   O    doub N N 19  
ARG C   OXT  sing N N 20  
ARG CB  CG   sing N N 21  
ARG CB  HB2  sing N N 22  
ARG CB  HB3  sing N N 23  
ARG CG  CD   sing N N 24  
ARG CG  HG2  sing N N 25  
ARG CG  HG3  sing N N 26  
ARG CD  NE   sing N N 27  
ARG CD  HD2  sing N N 28  
ARG CD  HD3  sing N N 29  
ARG NE  CZ   sing N N 30  
ARG NE  HE   sing N N 31  
ARG CZ  NH1  sing N N 32  
ARG CZ  NH2  doub N N 33  
ARG NH1 HH11 sing N N 34  
ARG NH1 HH12 sing N N 35  
ARG NH2 HH21 sing N N 36  
ARG NH2 HH22 sing N N 37  
ARG OXT HXT  sing N N 38  
ASN N   CA   sing N N 39  
ASN N   H    sing N N 40  
ASN N   H2   sing N N 41  
ASN CA  C    sing N N 42  
ASN CA  CB   sing N N 43  
ASN CA  HA   sing N N 44  
ASN C   O    doub N N 45  
ASN C   OXT  sing N N 46  
ASN CB  CG   sing N N 47  
ASN CB  HB2  sing N N 48  
ASN CB  HB3  sing N N 49  
ASN CG  OD1  doub N N 50  
ASN CG  ND2  sing N N 51  
ASN ND2 HD21 sing N N 52  
ASN ND2 HD22 sing N N 53  
ASN OXT HXT  sing N N 54  
ASP N   CA   sing N N 55  
ASP N   H    sing N N 56  
ASP N   H2   sing N N 57  
ASP CA  C    sing N N 58  
ASP CA  CB   sing N N 59  
ASP CA  HA   sing N N 60  
ASP C   O    doub N N 61  
ASP C   OXT  sing N N 62  
ASP CB  CG   sing N N 63  
ASP CB  HB2  sing N N 64  
ASP CB  HB3  sing N N 65  
ASP CG  OD1  doub N N 66  
ASP CG  OD2  sing N N 67  
ASP OD2 HD2  sing N N 68  
ASP OXT HXT  sing N N 69  
GLN N   CA   sing N N 70  
GLN N   H    sing N N 71  
GLN N   H2   sing N N 72  
GLN CA  C    sing N N 73  
GLN CA  CB   sing N N 74  
GLN CA  HA   sing N N 75  
GLN C   O    doub N N 76  
GLN C   OXT  sing N N 77  
GLN CB  CG   sing N N 78  
GLN CB  HB2  sing N N 79  
GLN CB  HB3  sing N N 80  
GLN CG  CD   sing N N 81  
GLN CG  HG2  sing N N 82  
GLN CG  HG3  sing N N 83  
GLN CD  OE1  doub N N 84  
GLN CD  NE2  sing N N 85  
GLN NE2 HE21 sing N N 86  
GLN NE2 HE22 sing N N 87  
GLN OXT HXT  sing N N 88  
GLU N   CA   sing N N 89  
GLU N   H    sing N N 90  
GLU N   H2   sing N N 91  
GLU CA  C    sing N N 92  
GLU CA  CB   sing N N 93  
GLU CA  HA   sing N N 94  
GLU C   O    doub N N 95  
GLU C   OXT  sing N N 96  
GLU CB  CG   sing N N 97  
GLU CB  HB2  sing N N 98  
GLU CB  HB3  sing N N 99  
GLU CG  CD   sing N N 100 
GLU CG  HG2  sing N N 101 
GLU CG  HG3  sing N N 102 
GLU CD  OE1  doub N N 103 
GLU CD  OE2  sing N N 104 
GLU OE2 HE2  sing N N 105 
GLU OXT HXT  sing N N 106 
GLY N   CA   sing N N 107 
GLY N   H    sing N N 108 
GLY N   H2   sing N N 109 
GLY CA  C    sing N N 110 
GLY CA  HA2  sing N N 111 
GLY CA  HA3  sing N N 112 
GLY C   O    doub N N 113 
GLY C   OXT  sing N N 114 
GLY OXT HXT  sing N N 115 
HIS N   CA   sing N N 116 
HIS N   H    sing N N 117 
HIS N   H2   sing N N 118 
HIS CA  C    sing N N 119 
HIS CA  CB   sing N N 120 
HIS CA  HA   sing N N 121 
HIS C   O    doub N N 122 
HIS C   OXT  sing N N 123 
HIS CB  CG   sing N N 124 
HIS CB  HB2  sing N N 125 
HIS CB  HB3  sing N N 126 
HIS CG  ND1  sing Y N 127 
HIS CG  CD2  doub Y N 128 
HIS ND1 CE1  doub Y N 129 
HIS ND1 HD1  sing N N 130 
HIS CD2 NE2  sing Y N 131 
HIS CD2 HD2  sing N N 132 
HIS CE1 NE2  sing Y N 133 
HIS CE1 HE1  sing N N 134 
HIS NE2 HE2  sing N N 135 
HIS OXT HXT  sing N N 136 
HOH O   H1   sing N N 137 
HOH O   H2   sing N N 138 
ILE N   CA   sing N N 139 
ILE N   H    sing N N 140 
ILE N   H2   sing N N 141 
ILE CA  C    sing N N 142 
ILE CA  CB   sing N N 143 
ILE CA  HA   sing N N 144 
ILE C   O    doub N N 145 
ILE C   OXT  sing N N 146 
ILE CB  CG1  sing N N 147 
ILE CB  CG2  sing N N 148 
ILE CB  HB   sing N N 149 
ILE CG1 CD1  sing N N 150 
ILE CG1 HG12 sing N N 151 
ILE CG1 HG13 sing N N 152 
ILE CG2 HG21 sing N N 153 
ILE CG2 HG22 sing N N 154 
ILE CG2 HG23 sing N N 155 
ILE CD1 HD11 sing N N 156 
ILE CD1 HD12 sing N N 157 
ILE CD1 HD13 sing N N 158 
ILE OXT HXT  sing N N 159 
LEU N   CA   sing N N 160 
LEU N   H    sing N N 161 
LEU N   H2   sing N N 162 
LEU CA  C    sing N N 163 
LEU CA  CB   sing N N 164 
LEU CA  HA   sing N N 165 
LEU C   O    doub N N 166 
LEU C   OXT  sing N N 167 
LEU CB  CG   sing N N 168 
LEU CB  HB2  sing N N 169 
LEU CB  HB3  sing N N 170 
LEU CG  CD1  sing N N 171 
LEU CG  CD2  sing N N 172 
LEU CG  HG   sing N N 173 
LEU CD1 HD11 sing N N 174 
LEU CD1 HD12 sing N N 175 
LEU CD1 HD13 sing N N 176 
LEU CD2 HD21 sing N N 177 
LEU CD2 HD22 sing N N 178 
LEU CD2 HD23 sing N N 179 
LEU OXT HXT  sing N N 180 
LYS N   CA   sing N N 181 
LYS N   H    sing N N 182 
LYS N   H2   sing N N 183 
LYS CA  C    sing N N 184 
LYS CA  CB   sing N N 185 
LYS CA  HA   sing N N 186 
LYS C   O    doub N N 187 
LYS C   OXT  sing N N 188 
LYS CB  CG   sing N N 189 
LYS CB  HB2  sing N N 190 
LYS CB  HB3  sing N N 191 
LYS CG  CD   sing N N 192 
LYS CG  HG2  sing N N 193 
LYS CG  HG3  sing N N 194 
LYS CD  CE   sing N N 195 
LYS CD  HD2  sing N N 196 
LYS CD  HD3  sing N N 197 
LYS CE  NZ   sing N N 198 
LYS CE  HE2  sing N N 199 
LYS CE  HE3  sing N N 200 
LYS NZ  HZ1  sing N N 201 
LYS NZ  HZ2  sing N N 202 
LYS NZ  HZ3  sing N N 203 
LYS OXT HXT  sing N N 204 
MET N   CA   sing N N 205 
MET N   H    sing N N 206 
MET N   H2   sing N N 207 
MET CA  C    sing N N 208 
MET CA  CB   sing N N 209 
MET CA  HA   sing N N 210 
MET C   O    doub N N 211 
MET C   OXT  sing N N 212 
MET CB  CG   sing N N 213 
MET CB  HB2  sing N N 214 
MET CB  HB3  sing N N 215 
MET CG  SD   sing N N 216 
MET CG  HG2  sing N N 217 
MET CG  HG3  sing N N 218 
MET SD  CE   sing N N 219 
MET CE  HE1  sing N N 220 
MET CE  HE2  sing N N 221 
MET CE  HE3  sing N N 222 
MET OXT HXT  sing N N 223 
MSE N   CA   sing N N 224 
MSE N   H    sing N N 225 
MSE N   H2   sing N N 226 
MSE CA  C    sing N N 227 
MSE CA  CB   sing N N 228 
MSE CA  HA   sing N N 229 
MSE C   O    doub N N 230 
MSE C   OXT  sing N N 231 
MSE OXT HXT  sing N N 232 
MSE CB  CG   sing N N 233 
MSE CB  HB2  sing N N 234 
MSE CB  HB3  sing N N 235 
MSE CG  SE   sing N N 236 
MSE CG  HG2  sing N N 237 
MSE CG  HG3  sing N N 238 
MSE SE  CE   sing N N 239 
MSE CE  HE1  sing N N 240 
MSE CE  HE2  sing N N 241 
MSE CE  HE3  sing N N 242 
PHE N   CA   sing N N 243 
PHE N   H    sing N N 244 
PHE N   H2   sing N N 245 
PHE CA  C    sing N N 246 
PHE CA  CB   sing N N 247 
PHE CA  HA   sing N N 248 
PHE C   O    doub N N 249 
PHE C   OXT  sing N N 250 
PHE CB  CG   sing N N 251 
PHE CB  HB2  sing N N 252 
PHE CB  HB3  sing N N 253 
PHE CG  CD1  doub Y N 254 
PHE CG  CD2  sing Y N 255 
PHE CD1 CE1  sing Y N 256 
PHE CD1 HD1  sing N N 257 
PHE CD2 CE2  doub Y N 258 
PHE CD2 HD2  sing N N 259 
PHE CE1 CZ   doub Y N 260 
PHE CE1 HE1  sing N N 261 
PHE CE2 CZ   sing Y N 262 
PHE CE2 HE2  sing N N 263 
PHE CZ  HZ   sing N N 264 
PHE OXT HXT  sing N N 265 
PRO N   CA   sing N N 266 
PRO N   CD   sing N N 267 
PRO N   H    sing N N 268 
PRO CA  C    sing N N 269 
PRO CA  CB   sing N N 270 
PRO CA  HA   sing N N 271 
PRO C   O    doub N N 272 
PRO C   OXT  sing N N 273 
PRO CB  CG   sing N N 274 
PRO CB  HB2  sing N N 275 
PRO CB  HB3  sing N N 276 
PRO CG  CD   sing N N 277 
PRO CG  HG2  sing N N 278 
PRO CG  HG3  sing N N 279 
PRO CD  HD2  sing N N 280 
PRO CD  HD3  sing N N 281 
PRO OXT HXT  sing N N 282 
SER N   CA   sing N N 283 
SER N   H    sing N N 284 
SER N   H2   sing N N 285 
SER CA  C    sing N N 286 
SER CA  CB   sing N N 287 
SER CA  HA   sing N N 288 
SER C   O    doub N N 289 
SER C   OXT  sing N N 290 
SER CB  OG   sing N N 291 
SER CB  HB2  sing N N 292 
SER CB  HB3  sing N N 293 
SER OG  HG   sing N N 294 
SER OXT HXT  sing N N 295 
THR N   CA   sing N N 296 
THR N   H    sing N N 297 
THR N   H2   sing N N 298 
THR CA  C    sing N N 299 
THR CA  CB   sing N N 300 
THR CA  HA   sing N N 301 
THR C   O    doub N N 302 
THR C   OXT  sing N N 303 
THR CB  OG1  sing N N 304 
THR CB  CG2  sing N N 305 
THR CB  HB   sing N N 306 
THR OG1 HG1  sing N N 307 
THR CG2 HG21 sing N N 308 
THR CG2 HG22 sing N N 309 
THR CG2 HG23 sing N N 310 
THR OXT HXT  sing N N 311 
TYR N   CA   sing N N 312 
TYR N   H    sing N N 313 
TYR N   H2   sing N N 314 
TYR CA  C    sing N N 315 
TYR CA  CB   sing N N 316 
TYR CA  HA   sing N N 317 
TYR C   O    doub N N 318 
TYR C   OXT  sing N N 319 
TYR CB  CG   sing N N 320 
TYR CB  HB2  sing N N 321 
TYR CB  HB3  sing N N 322 
TYR CG  CD1  doub Y N 323 
TYR CG  CD2  sing Y N 324 
TYR CD1 CE1  sing Y N 325 
TYR CD1 HD1  sing N N 326 
TYR CD2 CE2  doub Y N 327 
TYR CD2 HD2  sing N N 328 
TYR CE1 CZ   doub Y N 329 
TYR CE1 HE1  sing N N 330 
TYR CE2 CZ   sing Y N 331 
TYR CE2 HE2  sing N N 332 
TYR CZ  OH   sing N N 333 
TYR OH  HH   sing N N 334 
TYR OXT HXT  sing N N 335 
VAL N   CA   sing N N 336 
VAL N   H    sing N N 337 
VAL N   H2   sing N N 338 
VAL CA  C    sing N N 339 
VAL CA  CB   sing N N 340 
VAL CA  HA   sing N N 341 
VAL C   O    doub N N 342 
VAL C   OXT  sing N N 343 
VAL CB  CG1  sing N N 344 
VAL CB  CG2  sing N N 345 
VAL CB  HB   sing N N 346 
VAL CG1 HG11 sing N N 347 
VAL CG1 HG12 sing N N 348 
VAL CG1 HG13 sing N N 349 
VAL CG2 HG21 sing N N 350 
VAL CG2 HG22 sing N N 351 
VAL CG2 HG23 sing N N 352 
VAL OXT HXT  sing N N 353 
# 
_atom_sites.entry_id                    1O13 
_atom_sites.fract_transf_matrix[1][1]   0.00831642 
_atom_sites.fract_transf_matrix[1][2]   -0.00672302 
_atom_sites.fract_transf_matrix[1][3]   0.02878042 
_atom_sites.fract_transf_matrix[2][1]   0.01847818 
_atom_sites.fract_transf_matrix[2][2]   0.01693074 
_atom_sites.fract_transf_matrix[2][3]   -0.00138450 
_atom_sites.fract_transf_matrix[3][1]   -0.00723109 
_atom_sites.fract_transf_matrix[3][2]   0.00821988 
_atom_sites.fract_transf_matrix[3][3]   0.00400964 
_atom_sites.fract_transf_vector[1]      0.548597 
_atom_sites.fract_transf_vector[2]      0.494097 
_atom_sites.fract_transf_vector[3]      0.632019 
# 
loop_
_atom_type.symbol 
C  
N  
O  
SE 
# 
loop_
_atom_site.group_PDB 
_atom_site.id 
_atom_site.type_symbol 
_atom_site.label_atom_id 
_atom_site.label_alt_id 
_atom_site.label_comp_id 
_atom_site.label_asym_id 
_atom_site.label_entity_id 
_atom_site.label_seq_id 
_atom_site.pdbx_PDB_ins_code 
_atom_site.Cartn_x 
_atom_site.Cartn_y 
_atom_site.Cartn_z 
_atom_site.occupancy 
_atom_site.B_iso_or_equiv 
_atom_site.pdbx_formal_charge 
_atom_site.auth_seq_id 
_atom_site.auth_comp_id 
_atom_site.auth_asym_id 
_atom_site.auth_atom_id 
_atom_site.pdbx_PDB_model_num 
HETATM 1   N  N   . MSE A 1 13  ? 1.068   -1.874  -13.821 1.00 34.25 ? 1   MSE A N   1 
HETATM 2   C  CA  . MSE A 1 13  ? 0.133   -2.232  -12.720 1.00 32.35 ? 1   MSE A CA  1 
HETATM 3   C  C   . MSE A 1 13  ? 0.166   -1.154  -11.660 1.00 29.17 ? 1   MSE A C   1 
HETATM 4   O  O   . MSE A 1 13  ? 0.925   -0.187  -11.769 1.00 28.35 ? 1   MSE A O   1 
HETATM 5   C  CB  . MSE A 1 13  ? 0.516   -3.576  -12.097 1.00 37.58 ? 1   MSE A CB  1 
HETATM 6   C  CG  . MSE A 1 13  ? 1.923   -3.644  -11.551 1.00 41.97 ? 1   MSE A CG  1 
HETATM 7   SE SE  . MSE A 1 13  ? 2.222   -5.287  -10.596 0.50 53.79 ? 1   MSE A SE  1 
HETATM 8   C  CE  . MSE A 1 13  ? 1.972   -6.530  -12.051 0.00 49.20 ? 1   MSE A CE  1 
ATOM   9   N  N   . ILE A 1 14  ? -0.669  -1.319  -10.644 1.00 26.50 ? 2   ILE A N   1 
ATOM   10  C  CA  . ILE A 1 14  ? -0.756  -0.350  -9.562  1.00 23.22 ? 2   ILE A CA  1 
ATOM   11  C  C   . ILE A 1 14  ? -0.410  -1.049  -8.266  1.00 22.44 ? 2   ILE A C   1 
ATOM   12  O  O   . ILE A 1 14  ? -0.939  -2.114  -7.977  1.00 21.97 ? 2   ILE A O   1 
ATOM   13  C  CB  . ILE A 1 14  ? -2.180  0.264   -9.479  1.00 25.87 ? 2   ILE A CB  1 
ATOM   14  C  CG1 . ILE A 1 14  ? -2.408  1.198   -10.676 1.00 25.51 ? 2   ILE A CG1 1 
ATOM   15  C  CG2 . ILE A 1 14  ? -2.331  1.065   -8.200  1.00 22.84 ? 2   ILE A CG2 1 
ATOM   16  C  CD1 . ILE A 1 14  ? -3.741  1.926   -10.654 1.00 29.32 ? 2   ILE A CD1 1 
ATOM   17  N  N   . ILE A 1 15  ? 0.493   -0.453  -7.496  1.00 21.19 ? 3   ILE A N   1 
ATOM   18  C  CA  . ILE A 1 15  ? 0.928   -1.038  -6.234  1.00 21.18 ? 3   ILE A CA  1 
ATOM   19  C  C   . ILE A 1 15  ? 0.473   -0.110  -5.111  1.00 19.92 ? 3   ILE A C   1 
ATOM   20  O  O   . ILE A 1 15  ? 0.611   1.107   -5.234  1.00 22.31 ? 3   ILE A O   1 
ATOM   21  C  CB  . ILE A 1 15  ? 2.482   -1.140  -6.193  1.00 21.05 ? 3   ILE A CB  1 
ATOM   22  C  CG1 . ILE A 1 15  ? 2.973   -2.016  -7.343  1.00 22.40 ? 3   ILE A CG1 1 
ATOM   23  C  CG2 . ILE A 1 15  ? 2.950   -1.738  -4.862  1.00 21.03 ? 3   ILE A CG2 1 
ATOM   24  C  CD1 . ILE A 1 15  ? 4.520   -2.030  -7.480  1.00 21.00 ? 3   ILE A CD1 1 
ATOM   25  N  N   . ALA A 1 16  ? -0.058  -0.667  -4.023  1.00 19.47 ? 4   ALA A N   1 
ATOM   26  C  CA  . ALA A 1 16  ? -0.510  0.173   -2.902  1.00 19.89 ? 4   ALA A CA  1 
ATOM   27  C  C   . ALA A 1 16  ? 0.422   -0.033  -1.712  1.00 19.42 ? 4   ALA A C   1 
ATOM   28  O  O   . ALA A 1 16  ? 0.871   -1.159  -1.439  1.00 20.31 ? 4   ALA A O   1 
ATOM   29  C  CB  . ALA A 1 16  ? -1.959  -0.180  -2.511  1.00 18.52 ? 4   ALA A CB  1 
ATOM   30  N  N   . ILE A 1 17  ? 0.729   1.059   -1.020  1.00 18.72 ? 5   ILE A N   1 
ATOM   31  C  CA  . ILE A 1 17  ? 1.610   0.998   0.146   1.00 19.63 ? 5   ILE A CA  1 
ATOM   32  C  C   . ILE A 1 17  ? 1.079   1.925   1.243   1.00 18.39 ? 5   ILE A C   1 
ATOM   33  O  O   . ILE A 1 17  ? 0.872   3.128   1.018   1.00 18.31 ? 5   ILE A O   1 
ATOM   34  C  CB  . ILE A 1 17  ? 3.057   1.453   -0.224  1.00 21.41 ? 5   ILE A CB  1 
ATOM   35  C  CG1 . ILE A 1 17  ? 3.610   0.574   -1.359  1.00 22.90 ? 5   ILE A CG1 1 
ATOM   36  C  CG2 . ILE A 1 17  ? 3.988   1.319   0.996   1.00 21.80 ? 5   ILE A CG2 1 
ATOM   37  C  CD1 . ILE A 1 17  ? 3.459   1.232   -2.739  1.00 28.07 ? 5   ILE A CD1 1 
ATOM   38  N  N   . PRO A 1 18  ? 0.823   1.383   2.441   1.00 16.58 ? 6   PRO A N   1 
ATOM   39  C  CA  . PRO A 1 18  ? 0.323   2.230   3.536   1.00 18.50 ? 6   PRO A CA  1 
ATOM   40  C  C   . PRO A 1 18  ? 1.498   3.061   4.037   1.00 19.68 ? 6   PRO A C   1 
ATOM   41  O  O   . PRO A 1 18  ? 2.579   2.517   4.261   1.00 19.93 ? 6   PRO A O   1 
ATOM   42  C  CB  . PRO A 1 18  ? -0.113  1.224   4.601   1.00 17.60 ? 6   PRO A CB  1 
ATOM   43  C  CG  . PRO A 1 18  ? 0.885   0.094   4.393   1.00 18.67 ? 6   PRO A CG  1 
ATOM   44  C  CD  . PRO A 1 18  ? 1.004   -0.011  2.875   1.00 19.56 ? 6   PRO A CD  1 
ATOM   45  N  N   . VAL A 1 19  ? 1.302   4.363   4.209   1.00 18.98 ? 7   VAL A N   1 
ATOM   46  C  CA  . VAL A 1 19  ? 2.390   5.201   4.681   1.00 19.28 ? 7   VAL A CA  1 
ATOM   47  C  C   . VAL A 1 19  ? 1.950   6.036   5.868   1.00 20.47 ? 7   VAL A C   1 
ATOM   48  O  O   . VAL A 1 19  ? 0.764   6.350   6.029   1.00 21.21 ? 7   VAL A O   1 
ATOM   49  C  CB  . VAL A 1 19  ? 2.947   6.104   3.552   1.00 20.42 ? 7   VAL A CB  1 
ATOM   50  C  CG1 . VAL A 1 19  ? 3.504   5.227   2.403   1.00 20.44 ? 7   VAL A CG1 1 
ATOM   51  C  CG2 . VAL A 1 19  ? 1.859   7.036   3.029   1.00 19.63 ? 7   VAL A CG2 1 
ATOM   52  N  N   . SER A 1 20  ? 2.916   6.390   6.714   1.00 20.86 ? 8   SER A N   1 
ATOM   53  C  CA  . SER A 1 20  ? 2.628   7.109   7.941   1.00 22.37 ? 8   SER A CA  1 
ATOM   54  C  C   . SER A 1 20  ? 2.636   8.628   7.892   1.00 23.15 ? 8   SER A C   1 
ATOM   55  O  O   . SER A 1 20  ? 2.116   9.274   8.801   1.00 23.42 ? 8   SER A O   1 
ATOM   56  C  CB  . SER A 1 20  ? 3.595   6.634   9.038   1.00 23.04 ? 8   SER A CB  1 
ATOM   57  O  OG  . SER A 1 20  ? 4.935   6.870   8.658   1.00 25.02 ? 8   SER A OG  1 
ATOM   58  N  N   . GLU A 1 21  ? 3.225   9.189   6.845   1.00 22.81 ? 9   GLU A N   1 
ATOM   59  C  CA  . GLU A 1 21  ? 3.300   10.638  6.660   1.00 25.15 ? 9   GLU A CA  1 
ATOM   60  C  C   . GLU A 1 21  ? 3.294   10.867  5.166   1.00 23.58 ? 9   GLU A C   1 
ATOM   61  O  O   . GLU A 1 21  ? 3.734   9.991   4.421   1.00 22.43 ? 9   GLU A O   1 
ATOM   62  C  CB  . GLU A 1 21  ? 4.637   11.197  7.144   1.00 26.70 ? 9   GLU A CB  1 
ATOM   63  C  CG  . GLU A 1 21  ? 4.914   11.188  8.619   1.00 32.82 ? 9   GLU A CG  1 
ATOM   64  C  CD  . GLU A 1 21  ? 6.305   11.774  8.923   1.00 31.31 ? 9   GLU A CD  1 
ATOM   65  O  OE1 . GLU A 1 21  ? 7.299   11.279  8.352   0.00 31.87 ? 9   GLU A OE1 1 
ATOM   66  O  OE2 . GLU A 1 21  ? 6.387   12.721  9.733   0.00 31.87 ? 9   GLU A OE2 1 
ATOM   67  N  N   . ASN A 1 22  ? 2.829   12.035  4.724   1.00 20.12 ? 10  ASN A N   1 
ATOM   68  C  CA  . ASN A 1 22  ? 2.866   12.322  3.292   1.00 19.58 ? 10  ASN A CA  1 
ATOM   69  C  C   . ASN A 1 22  ? 4.150   13.066  2.962   1.00 20.53 ? 10  ASN A C   1 
ATOM   70  O  O   . ASN A 1 22  ? 4.278   14.254  3.260   1.00 19.99 ? 10  ASN A O   1 
ATOM   71  C  CB  . ASN A 1 22  ? 1.686   13.185  2.836   1.00 19.77 ? 10  ASN A CB  1 
ATOM   72  C  CG  . ASN A 1 22  ? 1.727   13.476  1.339   1.00 18.76 ? 10  ASN A CG  1 
ATOM   73  O  OD1 . ASN A 1 22  ? 2.609   12.993  0.626   1.00 18.19 ? 10  ASN A OD1 1 
ATOM   74  N  ND2 . ASN A 1 22  ? 0.766   14.256  0.854   1.00 17.71 ? 10  ASN A ND2 1 
ATOM   75  N  N   . ARG A 1 23  ? 5.119   12.350  2.393   1.00 20.03 ? 11  ARG A N   1 
ATOM   76  C  CA  . ARG A 1 23  ? 6.369   12.971  1.966   1.00 21.20 ? 11  ARG A CA  1 
ATOM   77  C  C   . ARG A 1 23  ? 6.562   12.594  0.507   1.00 20.20 ? 11  ARG A C   1 
ATOM   78  O  O   . ARG A 1 23  ? 7.671   12.369  0.048   1.00 19.70 ? 11  ARG A O   1 
ATOM   79  C  CB  . ARG A 1 23  ? 7.552   12.483  2.809   1.00 23.51 ? 11  ARG A CB  1 
ATOM   80  C  CG  . ARG A 1 23  ? 7.453   12.881  4.291   1.00 24.11 ? 11  ARG A CG  1 
ATOM   81  C  CD  . ARG A 1 23  ? 7.628   14.396  4.481   1.00 29.41 ? 11  ARG A CD  1 
ATOM   82  N  NE  . ARG A 1 23  ? 7.533   14.784  5.894   1.00 29.47 ? 11  ARG A NE  1 
ATOM   83  C  CZ  . ARG A 1 23  ? 6.397   14.982  6.557   1.00 31.53 ? 11  ARG A CZ  1 
ATOM   84  N  NH1 . ARG A 1 23  ? 5.215   14.852  5.952   1.00 29.70 ? 11  ARG A NH1 1 
ATOM   85  N  NH2 . ARG A 1 23  ? 6.443   15.270  7.850   1.00 32.14 ? 11  ARG A NH2 1 
ATOM   86  N  N   . GLY A 1 24  ? 5.447   12.504  -0.220  1.00 20.10 ? 12  GLY A N   1 
ATOM   87  C  CA  . GLY A 1 24  ? 5.532   12.157  -1.626  1.00 18.82 ? 12  GLY A CA  1 
ATOM   88  C  C   . GLY A 1 24  ? 6.258   10.829  -1.841  1.00 19.69 ? 12  GLY A C   1 
ATOM   89  O  O   . GLY A 1 24  ? 5.960   9.844   -1.179  1.00 18.70 ? 12  GLY A O   1 
ATOM   90  N  N   . LYS A 1 25  ? 7.221   10.812  -2.755  1.00 20.10 ? 13  LYS A N   1 
ATOM   91  C  CA  . LYS A 1 25  ? 7.956   9.582   -3.047  1.00 20.49 ? 13  LYS A CA  1 
ATOM   92  C  C   . LYS A 1 25  ? 8.750   9.103   -1.855  1.00 21.00 ? 13  LYS A C   1 
ATOM   93  O  O   . LYS A 1 25  ? 9.130   7.933   -1.789  1.00 19.52 ? 13  LYS A O   1 
ATOM   94  C  CB  . LYS A 1 25  ? 8.894   9.788   -4.241  1.00 21.05 ? 13  LYS A CB  1 
ATOM   95  C  CG  . LYS A 1 25  ? 10.173  10.559  -3.902  1.00 23.79 ? 13  LYS A CG  1 
ATOM   96  C  CD  . LYS A 1 25  ? 10.907  10.964  -5.185  1.00 25.76 ? 13  LYS A CD  1 
ATOM   97  C  CE  . LYS A 1 25  ? 12.224  11.669  -4.862  1.00 29.70 ? 13  LYS A CE  1 
ATOM   98  N  NZ  . LYS A 1 25  ? 13.136  10.784  -4.065  0.67 27.96 ? 13  LYS A NZ  1 
ATOM   99  N  N   . ASP A 1 26  ? 9.005   10.003  -0.911  1.00 22.05 ? 14  ASP A N   1 
ATOM   100 C  CA  . ASP A 1 26  ? 9.770   9.637   0.294   1.00 21.63 ? 14  ASP A CA  1 
ATOM   101 C  C   . ASP A 1 26  ? 8.887   9.276   1.489   1.00 21.56 ? 14  ASP A C   1 
ATOM   102 O  O   . ASP A 1 26  ? 9.388   9.176   2.622   1.00 19.75 ? 14  ASP A O   1 
ATOM   103 C  CB  . ASP A 1 26  ? 10.716  10.786  0.682   1.00 24.05 ? 14  ASP A CB  1 
ATOM   104 C  CG  . ASP A 1 26  ? 11.670  11.140  -0.445  1.00 27.31 ? 14  ASP A CG  1 
ATOM   105 O  OD1 . ASP A 1 26  ? 12.320  10.213  -0.979  1.00 26.59 ? 14  ASP A OD1 1 
ATOM   106 O  OD2 . ASP A 1 26  ? 11.771  12.337  -0.802  1.00 29.38 ? 14  ASP A OD2 1 
ATOM   107 N  N   . SER A 1 27  ? 7.592   9.050   1.254   1.00 19.55 ? 15  SER A N   1 
ATOM   108 C  CA  . SER A 1 27  ? 6.708   8.704   2.367   1.00 19.85 ? 15  SER A CA  1 
ATOM   109 C  C   . SER A 1 27  ? 7.146   7.370   2.939   1.00 19.81 ? 15  SER A C   1 
ATOM   110 O  O   . SER A 1 27  ? 7.316   6.390   2.206   1.00 20.25 ? 15  SER A O   1 
ATOM   111 C  CB  . SER A 1 27  ? 5.244   8.598   1.930   1.00 20.55 ? 15  SER A CB  1 
ATOM   112 O  OG  . SER A 1 27  ? 4.808   9.787   1.286   1.00 18.63 ? 15  SER A OG  1 
ATOM   113 N  N   . PRO A 1 28  ? 7.334   7.316   4.266   1.00 20.57 ? 16  PRO A N   1 
ATOM   114 C  CA  . PRO A 1 28  ? 7.759   6.110   4.987   1.00 22.25 ? 16  PRO A CA  1 
ATOM   115 C  C   . PRO A 1 28  ? 6.624   5.094   5.112   1.00 21.33 ? 16  PRO A C   1 
ATOM   116 O  O   . PRO A 1 28  ? 5.505   5.454   5.436   1.00 20.05 ? 16  PRO A O   1 
ATOM   117 C  CB  . PRO A 1 28  ? 8.193   6.656   6.351   1.00 23.47 ? 16  PRO A CB  1 
ATOM   118 C  CG  . PRO A 1 28  ? 7.303   7.833   6.538   1.00 24.97 ? 16  PRO A CG  1 
ATOM   119 C  CD  . PRO A 1 28  ? 7.304   8.484   5.165   1.00 22.73 ? 16  PRO A CD  1 
ATOM   120 N  N   . ILE A 1 29  ? 6.936   3.829   4.876   1.00 24.88 ? 17  ILE A N   1 
ATOM   121 C  CA  . ILE A 1 29  ? 5.933   2.778   4.974   1.00 27.04 ? 17  ILE A CA  1 
ATOM   122 C  C   . ILE A 1 29  ? 5.426   2.693   6.415   1.00 29.18 ? 17  ILE A C   1 
ATOM   123 O  O   . ILE A 1 29  ? 6.197   2.757   7.378   1.00 29.41 ? 17  ILE A O   1 
ATOM   124 C  CB  . ILE A 1 29  ? 6.528   1.438   4.484   1.00 28.81 ? 17  ILE A CB  1 
ATOM   125 C  CG1 . ILE A 1 29  ? 5.419   0.404   4.265   1.00 28.30 ? 17  ILE A CG1 1 
ATOM   126 C  CG2 . ILE A 1 29  ? 7.576   0.941   5.465   1.00 28.67 ? 17  ILE A CG2 1 
ATOM   127 C  CD1 . ILE A 1 29  ? 5.919   -0.841  3.481   1.00 29.26 ? 17  ILE A CD1 1 
ATOM   128 N  N   . SER A 1 30  ? 4.114   2.579   6.565   1.00 28.89 ? 18  SER A N   1 
ATOM   129 C  CA  . SER A 1 30  ? 3.503   2.522   7.884   1.00 29.86 ? 18  SER A CA  1 
ATOM   130 C  C   . SER A 1 30  ? 3.758   1.176   8.571   1.00 31.13 ? 18  SER A C   1 
ATOM   131 O  O   . SER A 1 30  ? 3.807   0.138   7.913   1.00 30.99 ? 18  SER A O   1 
ATOM   132 C  CB  . SER A 1 30  ? 2.005   2.751   7.757   1.00 28.93 ? 18  SER A CB  1 
ATOM   133 O  OG  . SER A 1 30  ? 1.368   2.659   9.021   1.00 31.27 ? 18  SER A OG  1 
ATOM   134 N  N   . GLU A 1 31  ? 3.922   1.195   9.890   1.00 30.28 ? 19  GLU A N   1 
ATOM   135 C  CA  . GLU A 1 31  ? 4.134   -0.054  10.620  1.00 33.10 ? 19  GLU A CA  1 
ATOM   136 C  C   . GLU A 1 31  ? 2.869   -0.915  10.534  1.00 33.79 ? 19  GLU A C   1 
ATOM   137 O  O   . GLU A 1 31  ? 2.962   -2.132  10.425  1.00 36.99 ? 19  GLU A O   1 
ATOM   138 C  CB  . GLU A 1 31  ? 4.460   0.226   12.085  1.00 33.12 ? 19  GLU A CB  1 
ATOM   139 C  CG  . GLU A 1 31  ? 4.555   -1.033  12.930  0.00 33.06 ? 19  GLU A CG  1 
ATOM   140 C  CD  . GLU A 1 31  ? 4.580   -0.739  14.413  0.00 33.04 ? 19  GLU A CD  1 
ATOM   141 O  OE1 . GLU A 1 31  ? 4.631   -1.703  15.206  0.00 33.03 ? 19  GLU A OE1 1 
ATOM   142 O  OE2 . GLU A 1 31  ? 4.546   0.452   14.788  0.00 33.03 ? 19  GLU A OE2 1 
ATOM   143 N  N   . HIS A 1 32  ? 1.699   -0.279  10.571  1.00 33.29 ? 20  HIS A N   1 
ATOM   144 C  CA  . HIS A 1 32  ? 0.409   -0.982  10.495  1.00 35.72 ? 20  HIS A CA  1 
ATOM   145 C  C   . HIS A 1 32  ? -0.361  -0.662  9.202   1.00 35.91 ? 20  HIS A C   1 
ATOM   146 O  O   . HIS A 1 32  ? -0.220  0.427   8.640   1.00 37.87 ? 20  HIS A O   1 
ATOM   147 C  CB  . HIS A 1 32  ? -0.460  -0.621  11.705  0.00 35.17 ? 20  HIS A CB  1 
ATOM   148 C  CG  . HIS A 1 32  ? 0.051   -1.165  13.001  0.00 35.29 ? 20  HIS A CG  1 
ATOM   149 N  ND1 . HIS A 1 32  ? 0.195   -2.515  13.237  0.00 35.23 ? 20  HIS A ND1 1 
ATOM   150 C  CD2 . HIS A 1 32  ? 0.446   -0.541  14.137  0.00 35.23 ? 20  HIS A CD2 1 
ATOM   151 C  CE1 . HIS A 1 32  ? 0.657   -2.699  14.462  0.00 35.23 ? 20  HIS A CE1 1 
ATOM   152 N  NE2 . HIS A 1 32  ? 0.817   -1.517  15.029  0.00 35.23 ? 20  HIS A NE2 1 
ATOM   153 N  N   . PHE A 1 33  ? -1.173  -1.613  8.741   1.00 34.24 ? 21  PHE A N   1 
ATOM   154 C  CA  . PHE A 1 33  ? -1.953  -1.466  7.506   1.00 32.64 ? 21  PHE A CA  1 
ATOM   155 C  C   . PHE A 1 33  ? -3.290  -0.735  7.640   1.00 31.99 ? 21  PHE A C   1 
ATOM   156 O  O   . PHE A 1 33  ? -3.480  0.333   7.068   1.00 31.41 ? 21  PHE A O   1 
ATOM   157 C  CB  . PHE A 1 33  ? -2.229  -2.851  6.891   1.00 29.72 ? 21  PHE A CB  1 
ATOM   158 C  CG  . PHE A 1 33  ? -3.262  -2.845  5.769   1.00 28.69 ? 21  PHE A CG  1 
ATOM   159 C  CD1 . PHE A 1 33  ? -2.914  -2.457  4.473   1.00 26.71 ? 21  PHE A CD1 1 
ATOM   160 C  CD2 . PHE A 1 33  ? -4.579  -3.231  6.015   1.00 28.14 ? 21  PHE A CD2 1 
ATOM   161 C  CE1 . PHE A 1 33  ? -3.860  -2.452  3.440   1.00 25.76 ? 21  PHE A CE1 1 
ATOM   162 C  CE2 . PHE A 1 33  ? -5.541  -3.229  4.984   1.00 26.21 ? 21  PHE A CE2 1 
ATOM   163 C  CZ  . PHE A 1 33  ? -5.174  -2.837  3.697   1.00 25.16 ? 21  PHE A CZ  1 
ATOM   164 N  N   . GLY A 1 34  ? -4.217  -1.330  8.387   1.00 31.00 ? 22  GLY A N   1 
ATOM   165 C  CA  . GLY A 1 34  ? -5.546  -0.760  8.530   1.00 30.41 ? 22  GLY A CA  1 
ATOM   166 C  C   . GLY A 1 34  ? -5.664  0.683   8.959   1.00 29.90 ? 22  GLY A C   1 
ATOM   167 O  O   . GLY A 1 34  ? -6.508  1.416   8.440   1.00 29.17 ? 22  GLY A O   1 
ATOM   168 N  N   . ARG A 1 35  ? -4.821  1.092   9.902   1.00 29.60 ? 23  ARG A N   1 
ATOM   169 C  CA  . ARG A 1 35  ? -4.851  2.450   10.428  1.00 29.60 ? 23  ARG A CA  1 
ATOM   170 C  C   . ARG A 1 35  ? -3.834  3.418   9.815   1.00 28.53 ? 23  ARG A C   1 
ATOM   171 O  O   . ARG A 1 35  ? -3.697  4.534   10.310  1.00 28.29 ? 23  ARG A O   1 
ATOM   172 C  CB  . ARG A 1 35  ? -4.649  2.423   11.951  1.00 31.39 ? 23  ARG A CB  1 
ATOM   173 C  CG  . ARG A 1 35  ? -5.673  1.592   12.706  0.00 30.73 ? 23  ARG A CG  1 
ATOM   174 C  CD  . ARG A 1 35  ? -5.378  1.586   14.197  0.00 30.91 ? 23  ARG A CD  1 
ATOM   175 N  NE  . ARG A 1 35  ? -6.330  0.768   14.944  0.00 30.83 ? 23  ARG A NE  1 
ATOM   176 C  CZ  . ARG A 1 35  ? -6.286  0.585   16.259  0.00 30.83 ? 23  ARG A CZ  1 
ATOM   177 N  NH1 . ARG A 1 35  ? -7.195  -0.176  16.855  0.00 30.82 ? 23  ARG A NH1 1 
ATOM   178 N  NH2 . ARG A 1 35  ? -5.334  1.162   16.981  0.00 30.82 ? 23  ARG A NH2 1 
ATOM   179 N  N   . ALA A 1 36  ? -3.126  3.019   8.755   1.00 26.16 ? 24  ALA A N   1 
ATOM   180 C  CA  . ALA A 1 36  ? -2.153  3.944   8.132   1.00 23.94 ? 24  ALA A CA  1 
ATOM   181 C  C   . ALA A 1 36  ? -2.915  5.202   7.745   1.00 23.21 ? 24  ALA A C   1 
ATOM   182 O  O   . ALA A 1 36  ? -4.014  5.110   7.230   1.00 23.42 ? 24  ALA A O   1 
ATOM   183 C  CB  . ALA A 1 36  ? -1.533  3.313   6.895   1.00 23.45 ? 24  ALA A CB  1 
ATOM   184 N  N   . PRO A 1 37  ? -2.332  6.394   7.951   1.00 21.74 ? 25  PRO A N   1 
ATOM   185 C  CA  . PRO A 1 37  ? -3.085  7.596   7.582   1.00 22.29 ? 25  PRO A CA  1 
ATOM   186 C  C   . PRO A 1 37  ? -3.253  7.829   6.093   1.00 21.26 ? 25  PRO A C   1 
ATOM   187 O  O   . PRO A 1 37  ? -4.158  8.562   5.686   1.00 20.93 ? 25  PRO A O   1 
ATOM   188 C  CB  . PRO A 1 37  ? -2.301  8.732   8.273   1.00 24.17 ? 25  PRO A CB  1 
ATOM   189 C  CG  . PRO A 1 37  ? -0.924  8.225   8.294   1.00 23.55 ? 25  PRO A CG  1 
ATOM   190 C  CD  . PRO A 1 37  ? -1.083  6.745   8.651   1.00 23.32 ? 25  PRO A CD  1 
ATOM   191 N  N   . TYR A 1 38  ? -2.386  7.222   5.277   1.00 19.43 ? 26  TYR A N   1 
ATOM   192 C  CA  . TYR A 1 38  ? -2.484  7.384   3.830   1.00 19.43 ? 26  TYR A CA  1 
ATOM   193 C  C   . TYR A 1 38  ? -2.075  6.106   3.136   1.00 19.57 ? 26  TYR A C   1 
ATOM   194 O  O   . TYR A 1 38  ? -1.437  5.245   3.724   1.00 19.22 ? 26  TYR A O   1 
ATOM   195 C  CB  . TYR A 1 38  ? -1.491  8.443   3.280   1.00 20.96 ? 26  TYR A CB  1 
ATOM   196 C  CG  . TYR A 1 38  ? -1.440  9.749   4.025   1.00 23.41 ? 26  TYR A CG  1 
ATOM   197 C  CD1 . TYR A 1 38  ? -0.596  9.922   5.128   1.00 25.47 ? 26  TYR A CD1 1 
ATOM   198 C  CD2 . TYR A 1 38  ? -2.256  10.801  3.650   1.00 25.33 ? 26  TYR A CD2 1 
ATOM   199 C  CE1 . TYR A 1 38  ? -0.583  11.130  5.844   1.00 26.20 ? 26  TYR A CE1 1 
ATOM   200 C  CE2 . TYR A 1 38  ? -2.251  12.010  4.355   1.00 28.46 ? 26  TYR A CE2 1 
ATOM   201 C  CZ  . TYR A 1 38  ? -1.415  12.164  5.448   1.00 29.09 ? 26  TYR A CZ  1 
ATOM   202 O  OH  . TYR A 1 38  ? -1.421  13.372  6.124   1.00 32.21 ? 26  TYR A OH  1 
ATOM   203 N  N   . PHE A 1 39  ? -2.449  5.998   1.869   1.00 18.77 ? 27  PHE A N   1 
ATOM   204 C  CA  . PHE A 1 39  ? -1.948  4.908   1.045   1.00 18.19 ? 27  PHE A CA  1 
ATOM   205 C  C   . PHE A 1 39  ? -1.349  5.607   -0.164  1.00 19.42 ? 27  PHE A C   1 
ATOM   206 O  O   . PHE A 1 39  ? -1.919  6.581   -0.661  1.00 19.39 ? 27  PHE A O   1 
ATOM   207 C  CB  . PHE A 1 39  ? -3.058  4.000   0.569   1.00 19.99 ? 27  PHE A CB  1 
ATOM   208 C  CG  . PHE A 1 39  ? -3.453  2.996   1.576   1.00 20.65 ? 27  PHE A CG  1 
ATOM   209 C  CD1 . PHE A 1 39  ? -2.685  1.854   1.768   1.00 20.67 ? 27  PHE A CD1 1 
ATOM   210 C  CD2 . PHE A 1 39  ? -4.585  3.200   2.351   1.00 23.16 ? 27  PHE A CD2 1 
ATOM   211 C  CE1 . PHE A 1 39  ? -3.043  0.902   2.733   1.00 22.76 ? 27  PHE A CE1 1 
ATOM   212 C  CE2 . PHE A 1 39  ? -4.951  2.261   3.319   1.00 22.45 ? 27  PHE A CE2 1 
ATOM   213 C  CZ  . PHE A 1 39  ? -4.169  1.112   3.502   1.00 22.35 ? 27  PHE A CZ  1 
ATOM   214 N  N   . ALA A 1 40  ? -0.189  5.146   -0.615  1.00 18.44 ? 28  ALA A N   1 
ATOM   215 C  CA  . ALA A 1 40  ? 0.408   5.723   -1.810  1.00 19.58 ? 28  ALA A CA  1 
ATOM   216 C  C   . ALA A 1 40  ? 0.021   4.725   -2.891  1.00 19.85 ? 28  ALA A C   1 
ATOM   217 O  O   . ALA A 1 40  ? 0.218   3.519   -2.691  1.00 20.02 ? 28  ALA A O   1 
ATOM   218 C  CB  . ALA A 1 40  ? 1.941   5.768   -1.674  1.00 17.95 ? 28  ALA A CB  1 
ATOM   219 N  N   . PHE A 1 41  ? -0.561  5.196   -3.994  1.00 18.84 ? 29  PHE A N   1 
ATOM   220 C  CA  . PHE A 1 41  ? -0.913  4.290   -5.096  1.00 19.11 ? 29  PHE A CA  1 
ATOM   221 C  C   . PHE A 1 41  ? 0.082   4.594   -6.194  1.00 18.06 ? 29  PHE A C   1 
ATOM   222 O  O   . PHE A 1 41  ? 0.120   5.702   -6.736  1.00 16.86 ? 29  PHE A O   1 
ATOM   223 C  CB  . PHE A 1 41  ? -2.361  4.506   -5.558  1.00 18.19 ? 29  PHE A CB  1 
ATOM   224 C  CG  . PHE A 1 41  ? -3.385  4.048   -4.530  1.00 18.95 ? 29  PHE A CG  1 
ATOM   225 C  CD1 . PHE A 1 41  ? -3.757  2.708   -4.443  1.00 19.49 ? 29  PHE A CD1 1 
ATOM   226 C  CD2 . PHE A 1 41  ? -3.911  4.954   -3.613  1.00 20.39 ? 29  PHE A CD2 1 
ATOM   227 C  CE1 . PHE A 1 41  ? -4.636  2.269   -3.444  1.00 20.96 ? 29  PHE A CE1 1 
ATOM   228 C  CE2 . PHE A 1 41  ? -4.791  4.534   -2.611  1.00 20.87 ? 29  PHE A CE2 1 
ATOM   229 C  CZ  . PHE A 1 41  ? -5.149  3.193   -2.522  1.00 20.37 ? 29  PHE A CZ  1 
ATOM   230 N  N   . VAL A 1 42  ? 0.889   3.586   -6.512  1.00 18.93 ? 30  VAL A N   1 
ATOM   231 C  CA  . VAL A 1 42  ? 1.980   3.741   -7.462  1.00 17.67 ? 30  VAL A CA  1 
ATOM   232 C  C   . VAL A 1 42  ? 1.780   3.007   -8.769  1.00 19.11 ? 30  VAL A C   1 
ATOM   233 O  O   . VAL A 1 42  ? 1.682   1.779   -8.764  1.00 17.64 ? 30  VAL A O   1 
ATOM   234 C  CB  . VAL A 1 42  ? 3.293   3.224   -6.831  1.00 19.41 ? 30  VAL A CB  1 
ATOM   235 C  CG1 . VAL A 1 42  ? 4.501   3.493   -7.779  1.00 17.37 ? 30  VAL A CG1 1 
ATOM   236 C  CG2 . VAL A 1 42  ? 3.495   3.891   -5.470  1.00 18.80 ? 30  VAL A CG2 1 
ATOM   237 N  N   . LYS A 1 43  ? 1.728   3.748   -9.874  1.00 17.30 ? 31  LYS A N   1 
ATOM   238 C  CA  . LYS A 1 43  ? 1.576   3.106   -11.179 1.00 21.87 ? 31  LYS A CA  1 
ATOM   239 C  C   . LYS A 1 43  ? 2.985   2.747   -11.655 1.00 21.42 ? 31  LYS A C   1 
ATOM   240 O  O   . LYS A 1 43  ? 3.917   3.537   -11.519 1.00 19.77 ? 31  LYS A O   1 
ATOM   241 C  CB  . LYS A 1 43  ? 0.940   4.047   -12.215 1.00 24.49 ? 31  LYS A CB  1 
ATOM   242 C  CG  . LYS A 1 43  ? -0.505  4.493   -11.897 1.00 30.94 ? 31  LYS A CG  1 
ATOM   243 C  CD  . LYS A 1 43  ? -1.069  5.383   -13.019 1.00 34.20 ? 31  LYS A CD  1 
ATOM   244 C  CE  . LYS A 1 43  ? -2.528  5.777   -12.765 1.00 37.61 ? 31  LYS A CE  1 
ATOM   245 N  NZ  . LYS A 1 43  ? -2.950  6.905   -13.633 0.00 36.27 ? 31  LYS A NZ  1 
ATOM   246 N  N   . VAL A 1 44  ? 3.135   1.551   -12.200 1.00 21.39 ? 32  VAL A N   1 
ATOM   247 C  CA  . VAL A 1 44  ? 4.429   1.105   -12.708 1.00 22.62 ? 32  VAL A CA  1 
ATOM   248 C  C   . VAL A 1 44  ? 4.255   0.804   -14.200 1.00 25.03 ? 32  VAL A C   1 
ATOM   249 O  O   . VAL A 1 44  ? 3.220   0.254   -14.622 1.00 24.56 ? 32  VAL A O   1 
ATOM   250 C  CB  . VAL A 1 44  ? 4.919   -0.187  -11.983 1.00 25.21 ? 32  VAL A CB  1 
ATOM   251 C  CG1 . VAL A 1 44  ? 6.135   -0.759  -12.698 0.00 24.45 ? 32  VAL A CG1 1 
ATOM   252 C  CG2 . VAL A 1 44  ? 5.284   0.144   -10.510 1.00 25.51 ? 32  VAL A CG2 1 
ATOM   253 N  N   . LYS A 1 45  ? 5.252   1.177   -14.995 1.00 23.58 ? 33  LYS A N   1 
ATOM   254 C  CA  . LYS A 1 45  ? 5.229   0.932   -16.436 1.00 24.70 ? 33  LYS A CA  1 
ATOM   255 C  C   . LYS A 1 45  ? 6.689   0.741   -16.843 1.00 24.60 ? 33  LYS A C   1 
ATOM   256 O  O   . LYS A 1 45  ? 7.566   1.400   -16.284 1.00 21.46 ? 33  LYS A O   1 
ATOM   257 C  CB  . LYS A 1 45  ? 4.642   2.157   -17.163 1.00 27.10 ? 33  LYS A CB  1 
ATOM   258 C  CG  . LYS A 1 45  ? 4.591   2.017   -18.677 0.00 26.24 ? 33  LYS A CG  1 
ATOM   259 C  CD  . LYS A 1 45  ? 4.121   3.303   -19.343 0.00 26.48 ? 33  LYS A CD  1 
ATOM   260 C  CE  . LYS A 1 45  ? 2.713   3.679   -18.909 0.00 26.38 ? 33  LYS A CE  1 
ATOM   261 N  NZ  . LYS A 1 45  ? 2.258   4.947   -19.543 0.00 26.40 ? 33  LYS A NZ  1 
ATOM   262 N  N   . ASN A 1 46  ? 6.960   -0.178  -17.773 1.00 23.35 ? 34  ASN A N   1 
ATOM   263 C  CA  . ASN A 1 46  ? 8.328   -0.408  -18.228 1.00 22.94 ? 34  ASN A CA  1 
ATOM   264 C  C   . ASN A 1 46  ? 9.238   -0.755  -17.044 1.00 23.16 ? 34  ASN A C   1 
ATOM   265 O  O   . ASN A 1 46  ? 10.426  -0.413  -17.023 1.00 23.81 ? 34  ASN A O   1 
ATOM   266 C  CB  . ASN A 1 46  ? 8.865   0.844   -18.931 1.00 22.16 ? 34  ASN A CB  1 
ATOM   267 C  CG  . ASN A 1 46  ? 7.952   1.342   -20.040 1.00 23.17 ? 34  ASN A CG  1 
ATOM   268 O  OD1 . ASN A 1 46  ? 7.547   0.573   -20.914 1.00 23.40 ? 34  ASN A OD1 1 
ATOM   269 N  ND2 . ASN A 1 46  ? 7.640   2.642   -20.022 1.00 21.60 ? 34  ASN A ND2 1 
ATOM   270 N  N   . ASN A 1 47  ? 8.669   -1.458  -16.074 1.00 23.89 ? 35  ASN A N   1 
ATOM   271 C  CA  . ASN A 1 47  ? 9.386   -1.874  -14.880 1.00 25.02 ? 35  ASN A CA  1 
ATOM   272 C  C   . ASN A 1 47  ? 9.977   -0.739  -14.062 1.00 25.11 ? 35  ASN A C   1 
ATOM   273 O  O   . ASN A 1 47  ? 10.993  -0.931  -13.388 1.00 25.13 ? 35  ASN A O   1 
ATOM   274 C  CB  . ASN A 1 47  ? 10.507  -2.859  -15.209 1.00 28.07 ? 35  ASN A CB  1 
ATOM   275 C  CG  . ASN A 1 47  ? 10.798  -3.783  -14.035 1.00 31.68 ? 35  ASN A CG  1 
ATOM   276 O  OD1 . ASN A 1 47  ? 9.886   -4.419  -13.518 1.00 32.06 ? 35  ASN A OD1 1 
ATOM   277 N  ND2 . ASN A 1 47  ? 12.055  -3.842  -13.600 1.00 31.65 ? 35  ASN A ND2 1 
ATOM   278 N  N   . ALA A 1 48  ? 9.336   0.429   -14.112 1.00 23.04 ? 36  ALA A N   1 
ATOM   279 C  CA  . ALA A 1 48  ? 9.776   1.598   -13.348 1.00 22.60 ? 36  ALA A CA  1 
ATOM   280 C  C   . ALA A 1 48  ? 8.549   2.358   -12.878 1.00 21.76 ? 36  ALA A C   1 
ATOM   281 O  O   . ALA A 1 48  ? 7.453   2.223   -13.441 1.00 19.57 ? 36  ALA A O   1 
ATOM   282 C  CB  . ALA A 1 48  ? 10.652  2.520   -14.202 1.00 22.59 ? 36  ALA A CB  1 
ATOM   283 N  N   . ILE A 1 49  ? 8.739   3.144   -11.829 1.00 20.27 ? 37  ILE A N   1 
ATOM   284 C  CA  . ILE A 1 49  ? 7.653   3.959   -11.278 1.00 18.23 ? 37  ILE A CA  1 
ATOM   285 C  C   . ILE A 1 49  ? 7.222   4.961   -12.346 1.00 21.16 ? 37  ILE A C   1 
ATOM   286 O  O   . ILE A 1 49  ? 8.073   5.608   -12.980 1.00 18.50 ? 37  ILE A O   1 
ATOM   287 C  CB  . ILE A 1 49  ? 8.158   4.721   -10.032 1.00 19.09 ? 37  ILE A CB  1 
ATOM   288 C  CG1 . ILE A 1 49  ? 8.342   3.737   -8.884  1.00 18.95 ? 37  ILE A CG1 1 
ATOM   289 C  CG2 . ILE A 1 49  ? 7.145   5.831   -9.613  1.00 18.16 ? 37  ILE A CG2 1 
ATOM   290 C  CD1 . ILE A 1 49  ? 9.104   4.338   -7.664  1.00 21.91 ? 37  ILE A CD1 1 
ATOM   291 N  N   . ALA A 1 50  ? 5.912   5.102   -12.538 1.00 19.79 ? 38  ALA A N   1 
ATOM   292 C  CA  . ALA A 1 50  ? 5.384   6.034   -13.532 1.00 21.54 ? 38  ALA A CA  1 
ATOM   293 C  C   . ALA A 1 50  ? 4.598   7.170   -12.876 1.00 21.54 ? 38  ALA A C   1 
ATOM   294 O  O   . ALA A 1 50  ? 4.606   8.295   -13.369 1.00 21.74 ? 38  ALA A O   1 
ATOM   295 C  CB  . ALA A 1 50  ? 4.491   5.292   -14.513 1.00 21.80 ? 38  ALA A CB  1 
ATOM   296 N  N   . ASP A 1 51  ? 3.954   6.897   -11.749 1.00 18.97 ? 39  ASP A N   1 
ATOM   297 C  CA  . ASP A 1 51  ? 3.162   7.945   -11.074 1.00 20.60 ? 39  ASP A CA  1 
ATOM   298 C  C   . ASP A 1 51  ? 2.956   7.557   -9.614  1.00 19.45 ? 39  ASP A C   1 
ATOM   299 O  O   . ASP A 1 51  ? 2.811   6.381   -9.310  1.00 18.55 ? 39  ASP A O   1 
ATOM   300 C  CB  . ASP A 1 51  ? 1.774   8.055   -11.728 1.00 21.14 ? 39  ASP A CB  1 
ATOM   301 C  CG  . ASP A 1 51  ? 0.955   9.200   -11.173 1.00 24.07 ? 39  ASP A CG  1 
ATOM   302 O  OD1 . ASP A 1 51  ? 1.222   10.349  -11.579 1.00 26.06 ? 39  ASP A OD1 1 
ATOM   303 O  OD2 . ASP A 1 51  ? 0.051   8.958   -10.333 1.00 26.51 ? 39  ASP A OD2 1 
ATOM   304 N  N   . ILE A 1 52  ? 2.949   8.534   -8.715  1.00 18.74 ? 40  ILE A N   1 
ATOM   305 C  CA  . ILE A 1 52  ? 2.710   8.221   -7.302  1.00 18.82 ? 40  ILE A CA  1 
ATOM   306 C  C   . ILE A 1 52  ? 1.583   9.136   -6.835  1.00 20.68 ? 40  ILE A C   1 
ATOM   307 O  O   . ILE A 1 52  ? 1.673   10.359  -6.972  1.00 20.53 ? 40  ILE A O   1 
ATOM   308 C  CB  . ILE A 1 52  ? 3.960   8.483   -6.423  1.00 18.25 ? 40  ILE A CB  1 
ATOM   309 C  CG1 . ILE A 1 52  ? 5.084   7.529   -6.823  1.00 17.40 ? 40  ILE A CG1 1 
ATOM   310 C  CG2 . ILE A 1 52  ? 3.617   8.269   -4.937  1.00 18.41 ? 40  ILE A CG2 1 
ATOM   311 C  CD1 . ILE A 1 52  ? 6.378   7.785   -6.085  1.00 21.87 ? 40  ILE A CD1 1 
ATOM   312 N  N   . SER A 1 53  ? 0.521   8.543   -6.307  1.00 18.06 ? 41  SER A N   1 
ATOM   313 C  CA  . SER A 1 53  ? -0.612  9.307   -5.818  1.00 19.67 ? 41  SER A CA  1 
ATOM   314 C  C   . SER A 1 53  ? -0.796  9.015   -4.336  1.00 20.47 ? 41  SER A C   1 
ATOM   315 O  O   . SER A 1 53  ? -1.103  7.878   -3.960  1.00 21.32 ? 41  SER A O   1 
ATOM   316 C  CB  . SER A 1 53  ? -1.883  8.881   -6.578  1.00 21.28 ? 41  SER A CB  1 
ATOM   317 O  OG  . SER A 1 53  ? -3.007  9.516   -6.011  1.00 25.15 ? 41  SER A OG  1 
ATOM   318 N  N   . VAL A 1 54  ? -0.635  10.026  -3.491  1.00 20.99 ? 42  VAL A N   1 
ATOM   319 C  CA  . VAL A 1 54  ? -0.798  9.823   -2.047  1.00 17.35 ? 42  VAL A CA  1 
ATOM   320 C  C   . VAL A 1 54  ? -2.219  10.210  -1.692  1.00 19.52 ? 42  VAL A C   1 
ATOM   321 O  O   . VAL A 1 54  ? -2.643  11.346  -1.943  1.00 18.63 ? 42  VAL A O   1 
ATOM   322 C  CB  . VAL A 1 54  ? 0.193   10.696  -1.247  1.00 19.90 ? 42  VAL A CB  1 
ATOM   323 C  CG1 . VAL A 1 54  ? 0.046   10.409  0.268   1.00 19.08 ? 42  VAL A CG1 1 
ATOM   324 C  CG2 . VAL A 1 54  ? 1.622   10.380  -1.712  1.00 19.24 ? 42  VAL A CG2 1 
ATOM   325 N  N   . GLU A 1 55  ? -2.942  9.274   -1.087  1.00 20.13 ? 43  GLU A N   1 
ATOM   326 C  CA  . GLU A 1 55  ? -4.345  9.501   -0.733  1.00 23.48 ? 43  GLU A CA  1 
ATOM   327 C  C   . GLU A 1 55  ? -4.672  9.226   0.731   1.00 22.44 ? 43  GLU A C   1 
ATOM   328 O  O   . GLU A 1 55  ? -4.137  8.304   1.325   1.00 19.60 ? 43  GLU A O   1 
ATOM   329 C  CB  . GLU A 1 55  ? -5.215  8.635   -1.659  1.00 27.05 ? 43  GLU A CB  1 
ATOM   330 C  CG  . GLU A 1 55  ? -4.993  9.018   -3.116  1.00 33.38 ? 43  GLU A CG  1 
ATOM   331 C  CD  . GLU A 1 55  ? -5.834  8.228   -4.096  1.00 36.77 ? 43  GLU A CD  1 
ATOM   332 O  OE1 . GLU A 1 55  ? -7.004  7.928   -3.771  1.00 38.22 ? 43  GLU A OE1 1 
ATOM   333 O  OE2 . GLU A 1 55  ? -5.315  7.923   -5.203  1.00 37.88 ? 43  GLU A OE2 1 
ATOM   334 N  N   . GLU A 1 56  ? -5.549  10.038  1.320   1.00 21.49 ? 44  GLU A N   1 
ATOM   335 C  CA  . GLU A 1 56  ? -5.903  9.823   2.715   1.00 23.10 ? 44  GLU A CA  1 
ATOM   336 C  C   . GLU A 1 56  ? -6.601  8.488   2.831   1.00 20.98 ? 44  GLU A C   1 
ATOM   337 O  O   . GLU A 1 56  ? -7.355  8.113   1.941   1.00 20.58 ? 44  GLU A O   1 
ATOM   338 C  CB  . GLU A 1 56  ? -6.930  10.847  3.222   1.00 26.11 ? 44  GLU A CB  1 
ATOM   339 C  CG  . GLU A 1 56  ? -6.556  12.262  3.275   1.00 33.60 ? 44  GLU A CG  1 
ATOM   340 C  CD  . GLU A 1 56  ? -7.780  13.110  3.689   1.00 36.57 ? 44  GLU A CD  1 
ATOM   341 O  OE1 . GLU A 1 56  ? -7.593  14.243  4.156   1.00 37.62 ? 44  GLU A OE1 1 
ATOM   342 O  OE2 . GLU A 1 56  ? -8.932  12.628  3.539   1.00 39.20 ? 44  GLU A OE2 1 
ATOM   343 N  N   . ASN A 1 57  ? -6.343  7.770   3.918   1.00 18.46 ? 45  ASN A N   1 
ATOM   344 C  CA  . ASN A 1 57  ? -7.030  6.499   4.171   1.00 19.79 ? 45  ASN A CA  1 
ATOM   345 C  C   . ASN A 1 57  ? -8.284  6.951   4.922   1.00 19.81 ? 45  ASN A C   1 
ATOM   346 O  O   . ASN A 1 57  ? -8.186  7.413   6.057   1.00 19.97 ? 45  ASN A O   1 
ATOM   347 C  CB  . ASN A 1 57  ? -6.171  5.604   5.071   1.00 19.57 ? 45  ASN A CB  1 
ATOM   348 C  CG  . ASN A 1 57  ? -6.926  4.402   5.602   1.00 21.51 ? 45  ASN A CG  1 
ATOM   349 O  OD1 . ASN A 1 57  ? -8.058  4.143   5.195   1.00 21.49 ? 45  ASN A OD1 1 
ATOM   350 N  ND2 . ASN A 1 57  ? -6.303  3.661   6.518   1.00 18.72 ? 45  ASN A ND2 1 
ATOM   351 N  N   . PRO A 1 58  ? -9.470  6.834   4.302   1.00 20.61 ? 46  PRO A N   1 
ATOM   352 C  CA  . PRO A 1 58  ? -10.695 7.262   4.985   1.00 21.77 ? 46  PRO A CA  1 
ATOM   353 C  C   . PRO A 1 58  ? -10.932 6.503   6.289   1.00 21.23 ? 46  PRO A C   1 
ATOM   354 O  O   . PRO A 1 58  ? -11.591 7.014   7.198   1.00 24.34 ? 46  PRO A O   1 
ATOM   355 C  CB  . PRO A 1 58  ? -11.796 6.957   3.966   1.00 20.76 ? 46  PRO A CB  1 
ATOM   356 C  CG  . PRO A 1 58  ? -11.095 7.051   2.652   1.00 22.23 ? 46  PRO A CG  1 
ATOM   357 C  CD  . PRO A 1 58  ? -9.776  6.354   2.936   1.00 21.12 ? 46  PRO A CD  1 
ATOM   358 N  N   . LEU A 1 59  ? -10.410 5.291   6.389   1.00 21.59 ? 47  LEU A N   1 
ATOM   359 C  CA  . LEU A 1 59  ? -10.627 4.516   7.614   1.00 21.75 ? 47  LEU A CA  1 
ATOM   360 C  C   . LEU A 1 59  ? -9.594  4.813   8.710   1.00 23.47 ? 47  LEU A C   1 
ATOM   361 O  O   . LEU A 1 59  ? -9.560  4.138   9.743   1.00 23.26 ? 47  LEU A O   1 
ATOM   362 C  CB  . LEU A 1 59  ? -10.665 3.005   7.303   1.00 21.74 ? 47  LEU A CB  1 
ATOM   363 C  CG  . LEU A 1 59  ? -11.694 2.489   6.276   1.00 22.52 ? 47  LEU A CG  1 
ATOM   364 C  CD1 . LEU A 1 59  ? -13.106 3.021   6.623   1.00 21.69 ? 47  LEU A CD1 1 
ATOM   365 C  CD2 . LEU A 1 59  ? -11.310 2.949   4.883   1.00 20.77 ? 47  LEU A CD2 1 
ATOM   366 N  N   . ALA A 1 60  ? -8.749  5.825   8.508   1.00 22.83 ? 48  ALA A N   1 
ATOM   367 C  CA  . ALA A 1 60  ? -7.791  6.148   9.552   1.00 26.08 ? 48  ALA A CA  1 
ATOM   368 C  C   . ALA A 1 60  ? -8.438  7.106   10.552  1.00 27.79 ? 48  ALA A C   1 
ATOM   369 O  O   . ALA A 1 60  ? -7.872  7.367   11.593  1.00 31.61 ? 48  ALA A O   1 
ATOM   370 C  CB  . ALA A 1 60  ? -6.512  6.784   8.957   1.00 25.42 ? 48  ALA A CB  1 
ATOM   371 N  N   . GLN A 1 61  ? -9.608  7.642   10.231  1.00 28.43 ? 49  GLN A N   1 
ATOM   372 C  CA  . GLN A 1 61  ? -10.303 8.559   11.150  1.00 31.41 ? 49  GLN A CA  1 
ATOM   373 C  C   . GLN A 1 61  ? -10.720 7.806   12.409  1.00 31.70 ? 49  GLN A C   1 
ATOM   374 O  O   . GLN A 1 61  ? -10.963 6.592   12.373  1.00 31.84 ? 49  GLN A O   1 
ATOM   375 C  CB  . GLN A 1 61  ? -11.554 9.142   10.497  1.00 30.17 ? 49  GLN A CB  1 
ATOM   376 C  CG  . GLN A 1 61  ? -11.300 10.040  9.298   1.00 34.93 ? 49  GLN A CG  1 
ATOM   377 C  CD  . GLN A 1 61  ? -10.565 11.314  9.672   0.00 33.66 ? 49  GLN A CD  1 
ATOM   378 O  OE1 . GLN A 1 61  ? -11.049 12.107  10.478  0.00 34.16 ? 49  GLN A OE1 1 
ATOM   379 N  NE2 . GLN A 1 61  ? -9.392  11.515  9.085   0.00 34.16 ? 49  GLN A NE2 1 
ATOM   380 N  N   . ASP A 1 62  ? -10.821 8.523   13.523  1.00 33.41 ? 50  ASP A N   1 
ATOM   381 C  CA  . ASP A 1 62  ? -11.215 7.901   14.779  1.00 32.79 ? 50  ASP A CA  1 
ATOM   382 C  C   . ASP A 1 62  ? -12.651 7.408   14.653  1.00 31.10 ? 50  ASP A C   1 
ATOM   383 O  O   . ASP A 1 62  ? -13.515 8.131   14.168  1.00 30.88 ? 50  ASP A O   1 
ATOM   384 C  CB  . ASP A 1 62  ? -11.127 8.917   15.923  1.00 36.50 ? 50  ASP A CB  1 
ATOM   385 C  CG  . ASP A 1 62  ? -11.232 8.267   17.290  1.00 38.66 ? 50  ASP A CG  1 
ATOM   386 O  OD1 . ASP A 1 62  ? -12.228 7.561   17.537  0.00 37.81 ? 50  ASP A OD1 1 
ATOM   387 O  OD2 . ASP A 1 62  ? -10.317 8.467   18.115  0.00 37.81 ? 50  ASP A OD2 1 
ATOM   388 N  N   . HIS A 1 63  ? -12.895 6.173   15.078  1.00 29.60 ? 51  HIS A N   1 
ATOM   389 C  CA  . HIS A 1 63  ? -14.237 5.600   15.028  1.00 28.37 ? 51  HIS A CA  1 
ATOM   390 C  C   . HIS A 1 63  ? -14.876 5.426   13.664  1.00 25.56 ? 51  HIS A C   1 
ATOM   391 O  O   . HIS A 1 63  ? -16.098 5.495   13.539  1.00 23.60 ? 51  HIS A O   1 
ATOM   392 C  CB  . HIS A 1 63  ? -15.182 6.387   15.924  1.00 32.40 ? 51  HIS A CB  1 
ATOM   393 C  CG  . HIS A 1 63  ? -15.141 5.941   17.353  1.00 38.13 ? 51  HIS A CG  1 
ATOM   394 N  ND1 . HIS A 1 63  ? -15.697 4.751   17.775  1.00 38.98 ? 51  HIS A ND1 1 
ATOM   395 C  CD2 . HIS A 1 63  ? -14.567 6.501   18.445  1.00 38.81 ? 51  HIS A CD2 1 
ATOM   396 C  CE1 . HIS A 1 63  ? -15.468 4.597   19.068  1.00 41.22 ? 51  HIS A CE1 1 
ATOM   397 N  NE2 . HIS A 1 63  ? -14.783 5.644   19.498  1.00 41.49 ? 51  HIS A NE2 1 
ATOM   398 N  N   . VAL A 1 64  ? -14.043 5.227   12.649  1.00 22.47 ? 52  VAL A N   1 
ATOM   399 C  CA  . VAL A 1 64  ? -14.520 4.934   11.299  1.00 22.01 ? 52  VAL A CA  1 
ATOM   400 C  C   . VAL A 1 64  ? -13.631 3.739   10.966  1.00 21.38 ? 52  VAL A C   1 
ATOM   401 O  O   . VAL A 1 64  ? -12.419 3.801   11.154  1.00 22.45 ? 52  VAL A O   1 
ATOM   402 C  CB  . VAL A 1 64  ? -14.238 6.079   10.281  1.00 22.69 ? 52  VAL A CB  1 
ATOM   403 C  CG1 . VAL A 1 64  ? -14.742 5.656   8.894   1.00 22.31 ? 52  VAL A CG1 1 
ATOM   404 C  CG2 . VAL A 1 64  ? -14.942 7.374   10.708  1.00 23.68 ? 52  VAL A CG2 1 
ATOM   405 N  N   . HIS A 1 65  ? -14.192 2.650   10.477  1.00 19.10 ? 53  HIS A N   1 
ATOM   406 C  CA  . HIS A 1 65  ? -13.353 1.488   10.193  1.00 20.35 ? 53  HIS A CA  1 
ATOM   407 C  C   . HIS A 1 65  ? -14.054 0.530   9.266   1.00 19.40 ? 53  HIS A C   1 
ATOM   408 O  O   . HIS A 1 65  ? -15.255 0.684   9.016   1.00 19.25 ? 53  HIS A O   1 
ATOM   409 C  CB  . HIS A 1 65  ? -13.031 0.781   11.517  1.00 23.92 ? 53  HIS A CB  1 
ATOM   410 C  CG  . HIS A 1 65  ? -14.252 0.459   12.322  1.00 25.94 ? 53  HIS A CG  1 
ATOM   411 N  ND1 . HIS A 1 65  ? -14.936 -0.731  12.194  1.00 26.86 ? 53  HIS A ND1 1 
ATOM   412 C  CD2 . HIS A 1 65  ? -14.981 1.223   13.173  1.00 26.94 ? 53  HIS A CD2 1 
ATOM   413 C  CE1 . HIS A 1 65  ? -16.038 -0.683  12.927  1.00 28.90 ? 53  HIS A CE1 1 
ATOM   414 N  NE2 . HIS A 1 65  ? -16.091 0.493   13.529  1.00 28.04 ? 53  HIS A NE2 1 
ATOM   415 N  N   . GLY A 1 66  ? -13.309 -0.429  8.724   1.00 17.74 ? 54  GLY A N   1 
ATOM   416 C  CA  . GLY A 1 66  ? -13.935 -1.445  7.892   1.00 19.52 ? 54  GLY A CA  1 
ATOM   417 C  C   . GLY A 1 66  ? -13.652 -1.439  6.401   1.00 21.34 ? 54  GLY A C   1 
ATOM   418 O  O   . GLY A 1 66  ? -13.560 -0.380  5.772   1.00 21.00 ? 54  GLY A O   1 
ATOM   419 N  N   . ALA A 1 67  ? -13.454 -2.637  5.852   1.00 19.14 ? 55  ALA A N   1 
ATOM   420 C  CA  . ALA A 1 67  ? -13.254 -2.799  4.419   1.00 20.52 ? 55  ALA A CA  1 
ATOM   421 C  C   . ALA A 1 67  ? -12.085 -2.007  3.837   1.00 18.93 ? 55  ALA A C   1 
ATOM   422 O  O   . ALA A 1 67  ? -12.213 -1.480  2.737   1.00 19.82 ? 55  ALA A O   1 
ATOM   423 C  CB  . ALA A 1 67  ? -14.543 -2.395  3.692   1.00 18.61 ? 55  ALA A CB  1 
ATOM   424 N  N   . VAL A 1 68  ? -10.963 -1.917  4.547   1.00 18.73 ? 56  VAL A N   1 
ATOM   425 C  CA  . VAL A 1 68  ? -9.827  -1.176  4.008   1.00 20.81 ? 56  VAL A CA  1 
ATOM   426 C  C   . VAL A 1 68  ? -9.258  -1.922  2.799   1.00 21.37 ? 56  VAL A C   1 
ATOM   427 O  O   . VAL A 1 68  ? -8.817  -1.299  1.836   1.00 22.01 ? 56  VAL A O   1 
ATOM   428 C  CB  . VAL A 1 68  ? -8.721  -0.954  5.084   1.00 21.61 ? 56  VAL A CB  1 
ATOM   429 C  CG1 . VAL A 1 68  ? -7.537  -0.172  4.478   1.00 22.31 ? 56  VAL A CG1 1 
ATOM   430 C  CG2 . VAL A 1 68  ? -9.308  -0.171  6.263   1.00 23.05 ? 56  VAL A CG2 1 
ATOM   431 N  N   . PRO A 1 69  ? -9.254  -3.267  2.825   1.00 21.36 ? 57  PRO A N   1 
ATOM   432 C  CA  . PRO A 1 69  ? -8.706  -3.913  1.623   1.00 20.74 ? 57  PRO A CA  1 
ATOM   433 C  C   . PRO A 1 69  ? -9.562  -3.558  0.402   1.00 20.73 ? 57  PRO A C   1 
ATOM   434 O  O   . PRO A 1 69  ? -9.052  -3.407  -0.717  1.00 20.63 ? 57  PRO A O   1 
ATOM   435 C  CB  . PRO A 1 69  ? -8.763  -5.403  1.967   1.00 20.14 ? 57  PRO A CB  1 
ATOM   436 C  CG  . PRO A 1 69  ? -8.548  -5.406  3.459   1.00 21.18 ? 57  PRO A CG  1 
ATOM   437 C  CD  . PRO A 1 69  ? -9.441  -4.244  3.914   1.00 20.99 ? 57  PRO A CD  1 
ATOM   438 N  N   . ASN A 1 70  ? -10.870 -3.407  0.618   1.00 19.40 ? 58  ASN A N   1 
ATOM   439 C  CA  . ASN A 1 70  ? -11.786 -3.067  -0.472  1.00 19.71 ? 58  ASN A CA  1 
ATOM   440 C  C   . ASN A 1 70  ? -11.511 -1.685  -1.025  1.00 20.75 ? 58  ASN A C   1 
ATOM   441 O  O   . ASN A 1 70  ? -11.608 -1.475  -2.234  1.00 21.10 ? 58  ASN A O   1 
ATOM   442 C  CB  . ASN A 1 70  ? -13.230 -3.136  0.004   1.00 19.94 ? 58  ASN A CB  1 
ATOM   443 C  CG  . ASN A 1 70  ? -13.533 -4.444  0.692   1.00 23.34 ? 58  ASN A CG  1 
ATOM   444 O  OD1 . ASN A 1 70  ? -12.979 -4.746  1.749   1.00 23.73 ? 58  ASN A OD1 1 
ATOM   445 N  ND2 . ASN A 1 70  ? -14.405 -5.244  0.085   1.00 26.27 ? 58  ASN A ND2 1 
ATOM   446 N  N   . PHE A 1 71  ? -11.194 -0.733  -0.142  1.00 18.91 ? 59  PHE A N   1 
ATOM   447 C  CA  . PHE A 1 71  ? -10.864 0.620   -0.569  1.00 20.06 ? 59  PHE A CA  1 
ATOM   448 C  C   . PHE A 1 71  ? -9.583  0.527   -1.435  1.00 20.67 ? 59  PHE A C   1 
ATOM   449 O  O   . PHE A 1 71  ? -9.501  1.138   -2.498  1.00 21.51 ? 59  PHE A O   1 
ATOM   450 C  CB  . PHE A 1 71  ? -10.628 1.510   0.667   1.00 19.79 ? 59  PHE A CB  1 
ATOM   451 C  CG  . PHE A 1 71  ? -9.897  2.800   0.375   1.00 22.39 ? 59  PHE A CG  1 
ATOM   452 C  CD1 . PHE A 1 71  ? -8.520  2.897   0.572   1.00 23.54 ? 59  PHE A CD1 1 
ATOM   453 C  CD2 . PHE A 1 71  ? -10.585 3.917   -0.114  1.00 23.40 ? 59  PHE A CD2 1 
ATOM   454 C  CE1 . PHE A 1 71  ? -7.831  4.086   0.287   1.00 24.95 ? 59  PHE A CE1 1 
ATOM   455 C  CE2 . PHE A 1 71  ? -9.905  5.114   -0.408  1.00 26.85 ? 59  PHE A CE2 1 
ATOM   456 C  CZ  . PHE A 1 71  ? -8.518  5.189   -0.204  1.00 25.50 ? 59  PHE A CZ  1 
ATOM   457 N  N   . VAL A 1 72  ? -8.606  -0.256  -0.988  1.00 20.07 ? 60  VAL A N   1 
ATOM   458 C  CA  . VAL A 1 72  ? -7.351  -0.402  -1.732  1.00 21.24 ? 60  VAL A CA  1 
ATOM   459 C  C   . VAL A 1 72  ? -7.619  -0.995  -3.117  1.00 22.90 ? 60  VAL A C   1 
ATOM   460 O  O   . VAL A 1 72  ? -7.118  -0.493  -4.126  1.00 22.32 ? 60  VAL A O   1 
ATOM   461 C  CB  . VAL A 1 72  ? -6.353  -1.283  -0.965  1.00 21.78 ? 60  VAL A CB  1 
ATOM   462 C  CG1 . VAL A 1 72  ? -5.118  -1.599  -1.854  1.00 24.10 ? 60  VAL A CG1 1 
ATOM   463 C  CG2 . VAL A 1 72  ? -5.905  -0.540  0.305   1.00 23.27 ? 60  VAL A CG2 1 
ATOM   464 N  N   . LYS A 1 73  ? -8.427  -2.049  -3.164  1.00 24.76 ? 61  LYS A N   1 
ATOM   465 C  CA  . LYS A 1 73  ? -8.785  -2.685  -4.434  1.00 26.34 ? 61  LYS A CA  1 
ATOM   466 C  C   . LYS A 1 73  ? -9.530  -1.714  -5.367  1.00 27.90 ? 61  LYS A C   1 
ATOM   467 O  O   . LYS A 1 73  ? -9.251  -1.655  -6.577  1.00 29.00 ? 61  LYS A O   1 
ATOM   468 C  CB  . LYS A 1 73  ? -9.644  -3.928  -4.148  1.00 29.60 ? 61  LYS A CB  1 
ATOM   469 C  CG  . LYS A 1 73  ? -10.138 -4.687  -5.403  1.00 32.34 ? 61  LYS A CG  1 
ATOM   470 C  CD  . LYS A 1 73  ? -8.993  -5.351  -6.144  1.00 34.75 ? 61  LYS A CD  1 
ATOM   471 C  CE  . LYS A 1 73  ? -9.500  -6.173  -7.318  0.00 33.99 ? 61  LYS A CE  1 
ATOM   472 N  NZ  . LYS A 1 73  ? -10.235 -5.338  -8.308  0.00 34.29 ? 61  LYS A NZ  1 
ATOM   473 N  N   . GLU A 1 74  ? -10.470 -0.950  -4.808  1.00 28.01 ? 62  GLU A N   1 
ATOM   474 C  CA  . GLU A 1 74  ? -11.255 0.027   -5.570  1.00 30.48 ? 62  GLU A CA  1 
ATOM   475 C  C   . GLU A 1 74  ? -10.357 0.957   -6.353  1.00 30.01 ? 62  GLU A C   1 
ATOM   476 O  O   . GLU A 1 74  ? -10.682 1.370   -7.458  1.00 29.08 ? 62  GLU A O   1 
ATOM   477 C  CB  . GLU A 1 74  ? -12.079 0.943   -4.643  1.00 32.21 ? 62  GLU A CB  1 
ATOM   478 C  CG  . GLU A 1 74  ? -13.450 0.503   -4.243  1.00 32.86 ? 62  GLU A CG  1 
ATOM   479 C  CD  . GLU A 1 74  ? -14.155 1.598   -3.415  1.00 33.78 ? 62  GLU A CD  1 
ATOM   480 O  OE1 . GLU A 1 74  ? -14.285 2.740   -3.912  1.00 35.85 ? 62  GLU A OE1 1 
ATOM   481 O  OE2 . GLU A 1 74  ? -14.574 1.331   -2.280  1.00 28.63 ? 62  GLU A OE2 1 
ATOM   482 N  N   . LYS A 1 75  ? -9.247  1.323   -5.729  1.00 28.90 ? 63  LYS A N   1 
ATOM   483 C  CA  . LYS A 1 75  ? -8.290  2.241   -6.312  1.00 30.41 ? 63  LYS A CA  1 
ATOM   484 C  C   . LYS A 1 75  ? -7.396  1.627   -7.379  1.00 30.52 ? 63  LYS A C   1 
ATOM   485 O  O   . LYS A 1 75  ? -6.467  2.287   -7.855  1.00 34.53 ? 63  LYS A O   1 
ATOM   486 C  CB  . LYS A 1 75  ? -7.437  2.850   -5.196  1.00 30.02 ? 63  LYS A CB  1 
ATOM   487 C  CG  . LYS A 1 75  ? -8.228  3.780   -4.266  1.00 32.04 ? 63  LYS A CG  1 
ATOM   488 C  CD  . LYS A 1 75  ? -8.463  5.100   -4.954  1.00 33.32 ? 63  LYS A CD  1 
ATOM   489 C  CE  . LYS A 1 75  ? -9.313  6.042   -4.131  1.00 32.31 ? 63  LYS A CE  1 
ATOM   490 N  NZ  . LYS A 1 75  ? -9.405  7.338   -4.833  1.00 34.23 ? 63  LYS A NZ  1 
ATOM   491 N  N   . GLY A 1 76  ? -7.644  0.370   -7.725  1.00 29.39 ? 64  GLY A N   1 
ATOM   492 C  CA  . GLY A 1 76  ? -6.871  -0.277  -8.776  1.00 28.93 ? 64  GLY A CA  1 
ATOM   493 C  C   . GLY A 1 76  ? -5.653  -1.114  -8.417  1.00 27.64 ? 64  GLY A C   1 
ATOM   494 O  O   . GLY A 1 76  ? -5.029  -1.686  -9.309  1.00 26.09 ? 64  GLY A O   1 
ATOM   495 N  N   . ALA A 1 77  ? -5.308  -1.203  -7.132  1.00 25.08 ? 65  ALA A N   1 
ATOM   496 C  CA  . ALA A 1 77  ? -4.141  -1.980  -6.712  1.00 26.01 ? 65  ALA A CA  1 
ATOM   497 C  C   . ALA A 1 77  ? -4.204  -3.462  -7.026  1.00 27.43 ? 65  ALA A C   1 
ATOM   498 O  O   . ALA A 1 77  ? -5.198  -4.123  -6.733  1.00 26.90 ? 65  ALA A O   1 
ATOM   499 C  CB  . ALA A 1 77  ? -3.902  -1.807  -5.205  1.00 22.91 ? 65  ALA A CB  1 
ATOM   500 N  N   . GLU A 1 78  ? -3.119  -3.985  -7.591  1.00 25.90 ? 66  GLU A N   1 
ATOM   501 C  CA  . GLU A 1 78  ? -3.020  -5.406  -7.893  1.00 27.92 ? 66  GLU A CA  1 
ATOM   502 C  C   . GLU A 1 78  ? -2.067  -6.051  -6.908  1.00 26.78 ? 66  GLU A C   1 
ATOM   503 O  O   . GLU A 1 78  ? -2.014  -7.271  -6.778  1.00 28.03 ? 66  GLU A O   1 
ATOM   504 C  CB  . GLU A 1 78  ? -2.487  -5.620  -9.304  1.00 29.33 ? 66  GLU A CB  1 
ATOM   505 C  CG  . GLU A 1 78  ? -3.384  -5.068  -10.401 0.00 28.80 ? 66  GLU A CG  1 
ATOM   506 C  CD  . GLU A 1 78  ? -4.725  -5.776  -10.479 0.00 28.91 ? 66  GLU A CD  1 
ATOM   507 O  OE1 . GLU A 1 78  ? -5.557  -5.381  -11.323 0.00 28.85 ? 66  GLU A OE1 1 
ATOM   508 O  OE2 . GLU A 1 78  ? -4.947  -6.727  -9.700  0.00 28.85 ? 66  GLU A OE2 1 
ATOM   509 N  N   . LEU A 1 79  ? -1.311  -5.213  -6.203  1.00 25.38 ? 67  LEU A N   1 
ATOM   510 C  CA  . LEU A 1 79  ? -0.338  -5.677  -5.220  1.00 24.26 ? 67  LEU A CA  1 
ATOM   511 C  C   . LEU A 1 79  ? -0.257  -4.640  -4.110  1.00 24.02 ? 67  LEU A C   1 
ATOM   512 O  O   . LEU A 1 79  ? -0.426  -3.453  -4.358  1.00 21.82 ? 67  LEU A O   1 
ATOM   513 C  CB  . LEU A 1 79  ? 1.045   -5.795  -5.866  1.00 26.98 ? 67  LEU A CB  1 
ATOM   514 C  CG  . LEU A 1 79  ? 2.215   -5.960  -4.891  1.00 28.95 ? 67  LEU A CG  1 
ATOM   515 C  CD1 . LEU A 1 79  ? 2.284   -7.407  -4.363  1.00 31.38 ? 67  LEU A CD1 1 
ATOM   516 C  CD2 . LEU A 1 79  ? 3.501   -5.596  -5.606  1.00 30.40 ? 67  LEU A CD2 1 
ATOM   517 N  N   . VAL A 1 80  ? -0.034  -5.094  -2.886  1.00 24.51 ? 68  VAL A N   1 
ATOM   518 C  CA  . VAL A 1 80  ? 0.113   -4.179  -1.770  1.00 24.22 ? 68  VAL A CA  1 
ATOM   519 C  C   . VAL A 1 80  ? 1.394   -4.606  -1.072  1.00 24.94 ? 68  VAL A C   1 
ATOM   520 O  O   . VAL A 1 80  ? 1.638   -5.805  -0.870  1.00 26.14 ? 68  VAL A O   1 
ATOM   521 C  CB  . VAL A 1 80  ? -1.062  -4.281  -0.785  1.00 25.56 ? 68  VAL A CB  1 
ATOM   522 C  CG1 . VAL A 1 80  ? -0.962  -3.154  0.263   0.67 22.97 ? 68  VAL A CG1 1 
ATOM   523 C  CG2 . VAL A 1 80  ? -2.371  -4.186  -1.542  0.67 24.24 ? 68  VAL A CG2 1 
ATOM   524 N  N   . ILE A 1 81  ? 2.235   -3.630  -0.748  1.00 24.07 ? 69  ILE A N   1 
ATOM   525 C  CA  . ILE A 1 81  ? 3.501   -3.886  -0.057  1.00 24.01 ? 69  ILE A CA  1 
ATOM   526 C  C   . ILE A 1 81  ? 3.343   -3.243  1.312   1.00 25.21 ? 69  ILE A C   1 
ATOM   527 O  O   . ILE A 1 81  ? 3.038   -2.056  1.411   1.00 23.57 ? 69  ILE A O   1 
ATOM   528 C  CB  . ILE A 1 81  ? 4.689   -3.242  -0.819  1.00 24.99 ? 69  ILE A CB  1 
ATOM   529 C  CG1 . ILE A 1 81  ? 4.773   -3.843  -2.232  1.00 24.13 ? 69  ILE A CG1 1 
ATOM   530 C  CG2 . ILE A 1 81  ? 5.991   -3.469  -0.043  1.00 25.78 ? 69  ILE A CG2 1 
ATOM   531 C  CD1 . ILE A 1 81  ? 5.831   -3.199  -3.137  1.00 25.57 ? 69  ILE A CD1 1 
ATOM   532 N  N   . VAL A 1 82  ? 3.518   -4.028  2.367   1.00 24.02 ? 70  VAL A N   1 
ATOM   533 C  CA  . VAL A 1 82  ? 3.329   -3.519  3.710   1.00 25.83 ? 70  VAL A CA  1 
ATOM   534 C  C   . VAL A 1 82  ? 4.445   -3.978  4.637   1.00 28.63 ? 70  VAL A C   1 
ATOM   535 O  O   . VAL A 1 82  ? 5.329   -4.758  4.241   1.00 29.55 ? 70  VAL A O   1 
ATOM   536 C  CB  . VAL A 1 82  ? 1.993   -4.052  4.315   1.00 26.09 ? 70  VAL A CB  1 
ATOM   537 C  CG1 . VAL A 1 82  ? 0.808   -3.790  3.347   1.00 25.95 ? 70  VAL A CG1 1 
ATOM   538 C  CG2 . VAL A 1 82  ? 2.125   -5.567  4.579   1.00 24.73 ? 70  VAL A CG2 1 
ATOM   539 N  N   . ARG A 1 83  ? 4.413   -3.471  5.867   1.00 29.59 ? 71  ARG A N   1 
ATOM   540 C  CA  . ARG A 1 83  ? 5.358   -3.912  6.882   1.00 31.93 ? 71  ARG A CA  1 
ATOM   541 C  C   . ARG A 1 83  ? 4.503   -4.936  7.626   1.00 32.47 ? 71  ARG A C   1 
ATOM   542 O  O   . ARG A 1 83  ? 4.661   -6.139  7.443   1.00 37.83 ? 71  ARG A O   1 
ATOM   543 C  CB  . ARG A 1 83  ? 5.759   -2.780  7.836   1.00 30.79 ? 71  ARG A CB  1 
ATOM   544 C  CG  . ARG A 1 83  ? 6.656   -3.261  8.968   0.00 31.28 ? 71  ARG A CG  1 
ATOM   545 C  CD  . ARG A 1 83  ? 6.993   -2.163  9.960   0.00 31.21 ? 71  ARG A CD  1 
ATOM   546 N  NE  . ARG A 1 83  ? 7.770   -2.687  11.081  0.00 31.30 ? 71  ARG A NE  1 
ATOM   547 C  CZ  . ARG A 1 83  ? 8.208   -1.955  12.100  0.00 31.32 ? 71  ARG A CZ  1 
ATOM   548 N  NH1 . ARG A 1 83  ? 7.949   -0.657  12.149  0.00 31.34 ? 71  ARG A NH1 1 
ATOM   549 N  NH2 . ARG A 1 83  ? 8.905   -2.524  13.074  0.00 31.34 ? 71  ARG A NH2 1 
ATOM   550 N  N   . GLY A 1 84  ? 3.579   -4.449  8.437   1.00 33.13 ? 72  GLY A N   1 
ATOM   551 C  CA  . GLY A 1 84  ? 2.696   -5.333  9.178   1.00 35.08 ? 72  GLY A CA  1 
ATOM   552 C  C   . GLY A 1 84  ? 1.275   -5.294  8.638   1.00 35.02 ? 72  GLY A C   1 
ATOM   553 O  O   . GLY A 1 84  ? 0.829   -4.301  8.052   1.00 34.11 ? 72  GLY A O   1 
ATOM   554 N  N   . ILE A 1 85  ? 0.547   -6.382  8.833   1.00 34.55 ? 73  ILE A N   1 
ATOM   555 C  CA  . ILE A 1 85  ? -0.827  -6.454  8.364   1.00 34.23 ? 73  ILE A CA  1 
ATOM   556 C  C   . ILE A 1 85  ? -1.464  -7.667  9.038   1.00 35.73 ? 73  ILE A C   1 
ATOM   557 O  O   . ILE A 1 85  ? -0.779  -8.647  9.318   1.00 35.89 ? 73  ILE A O   1 
ATOM   558 C  CB  . ILE A 1 85  ? -0.886  -6.606  6.802   1.00 32.37 ? 73  ILE A CB  1 
ATOM   559 C  CG1 . ILE A 1 85  ? -2.343  -6.643  6.329   1.00 32.06 ? 73  ILE A CG1 1 
ATOM   560 C  CG2 . ILE A 1 85  ? -0.165  -7.894  6.358   1.00 32.17 ? 73  ILE A CG2 1 
ATOM   561 C  CD1 . ILE A 1 85  ? -2.504  -6.701  4.809   1.00 27.40 ? 73  ILE A CD1 1 
ATOM   562 N  N   . GLY A 1 86  ? -2.763  -7.586  9.304   1.00 36.65 ? 74  GLY A N   1 
ATOM   563 C  CA  . GLY A 1 86  ? -3.459  -8.690  9.944   1.00 37.82 ? 74  GLY A CA  1 
ATOM   564 C  C   . GLY A 1 86  ? -3.877  -9.818  9.022   1.00 38.60 ? 74  GLY A C   1 
ATOM   565 O  O   . GLY A 1 86  ? -4.038  -9.637  7.808   1.00 37.03 ? 74  GLY A O   1 
ATOM   566 N  N   . ARG A 1 87  ? -4.063  -10.998 9.610   1.00 38.40 ? 75  ARG A N   1 
ATOM   567 C  CA  . ARG A 1 87  ? -4.464  -12.176 8.848   1.00 38.58 ? 75  ARG A CA  1 
ATOM   568 C  C   . ARG A 1 87  ? -5.777  -11.931 8.121   1.00 38.24 ? 75  ARG A C   1 
ATOM   569 O  O   . ARG A 1 87  ? -5.952  -12.373 6.990   1.00 40.84 ? 75  ARG A O   1 
ATOM   570 C  CB  . ARG A 1 87  ? -4.611  -13.381 9.780   0.00 38.44 ? 75  ARG A CB  1 
ATOM   571 C  CG  . ARG A 1 87  ? -3.349  -13.736 10.548  0.00 38.45 ? 75  ARG A CG  1 
ATOM   572 C  CD  . ARG A 1 87  ? -3.574  -14.938 11.451  0.00 38.42 ? 75  ARG A CD  1 
ATOM   573 N  NE  . ARG A 1 87  ? -2.377  -15.284 12.213  0.00 38.41 ? 75  ARG A NE  1 
ATOM   574 C  CZ  . ARG A 1 87  ? -2.304  -16.295 13.073  0.00 38.40 ? 75  ARG A CZ  1 
ATOM   575 N  NH1 . ARG A 1 87  ? -3.362  -17.067 13.285  0.00 38.39 ? 75  ARG A NH1 1 
ATOM   576 N  NH2 . ARG A 1 87  ? -1.173  -16.537 13.722  0.00 38.39 ? 75  ARG A NH2 1 
ATOM   577 N  N   . ARG A 1 88  ? -6.697  -11.220 8.766   1.00 38.88 ? 76  ARG A N   1 
ATOM   578 C  CA  . ARG A 1 88  ? -7.995  -10.923 8.156   1.00 38.31 ? 76  ARG A CA  1 
ATOM   579 C  C   . ARG A 1 88  ? -7.847  -10.111 6.862   1.00 37.72 ? 76  ARG A C   1 
ATOM   580 O  O   . ARG A 1 88  ? -8.460  -10.434 5.839   1.00 37.85 ? 76  ARG A O   1 
ATOM   581 C  CB  . ARG A 1 88  ? -8.883  -10.164 9.147   1.00 39.55 ? 76  ARG A CB  1 
ATOM   582 C  CG  . ARG A 1 88  ? -9.138  -10.905 10.451  0.00 39.07 ? 76  ARG A CG  1 
ATOM   583 C  CD  . ARG A 1 88  ? -10.018 -10.089 11.382  0.00 39.17 ? 76  ARG A CD  1 
ATOM   584 N  NE  . ARG A 1 88  ? -10.233 -10.752 12.666  0.00 39.10 ? 76  ARG A NE  1 
ATOM   585 C  CZ  . ARG A 1 88  ? -10.945 -10.236 13.663  0.00 39.10 ? 76  ARG A CZ  1 
ATOM   586 N  NH1 . ARG A 1 88  ? -11.515 -9.046  13.528  0.00 39.09 ? 76  ARG A NH1 1 
ATOM   587 N  NH2 . ARG A 1 88  ? -11.086 -10.909 14.797  0.00 39.09 ? 76  ARG A NH2 1 
ATOM   588 N  N   . ALA A 1 89  ? -7.038  -9.056  6.908   1.00 34.91 ? 77  ALA A N   1 
ATOM   589 C  CA  . ALA A 1 89  ? -6.822  -8.223  5.727   1.00 33.22 ? 77  ALA A CA  1 
ATOM   590 C  C   . ALA A 1 89  ? -6.117  -9.033  4.646   1.00 32.13 ? 77  ALA A C   1 
ATOM   591 O  O   . ALA A 1 89  ? -6.447  -8.924  3.479   1.00 31.43 ? 77  ALA A O   1 
ATOM   592 C  CB  . ALA A 1 89  ? -5.975  -6.994  6.088   1.00 32.48 ? 77  ALA A CB  1 
ATOM   593 N  N   . ILE A 1 90  ? -5.136  -9.840  5.036   1.00 32.98 ? 78  ILE A N   1 
ATOM   594 C  CA  . ILE A 1 90  ? -4.412  -10.658 4.064   1.00 34.29 ? 78  ILE A CA  1 
ATOM   595 C  C   . ILE A 1 90  ? -5.402  -11.584 3.373   1.00 33.57 ? 78  ILE A C   1 
ATOM   596 O  O   . ILE A 1 90  ? -5.387  -11.736 2.158   1.00 32.65 ? 78  ILE A O   1 
ATOM   597 C  CB  . ILE A 1 90  ? -3.330  -11.528 4.741   1.00 35.90 ? 78  ILE A CB  1 
ATOM   598 C  CG1 . ILE A 1 90  ? -2.237  -10.645 5.350   1.00 38.34 ? 78  ILE A CG1 1 
ATOM   599 C  CG2 . ILE A 1 90  ? -2.705  -12.463 3.720   1.00 38.99 ? 78  ILE A CG2 1 
ATOM   600 C  CD1 . ILE A 1 90  ? -1.284  -11.413 6.277   1.00 38.32 ? 78  ILE A CD1 1 
ATOM   601 N  N   . ALA A 1 91  ? -6.273  -12.199 4.165   1.00 35.03 ? 79  ALA A N   1 
ATOM   602 C  CA  . ALA A 1 91  ? -7.261  -13.119 3.618   1.00 35.24 ? 79  ALA A CA  1 
ATOM   603 C  C   . ALA A 1 91  ? -8.187  -12.381 2.668   1.00 34.74 ? 79  ALA A C   1 
ATOM   604 O  O   . ALA A 1 91  ? -8.499  -12.885 1.591   1.00 35.51 ? 79  ALA A O   1 
ATOM   605 C  CB  . ALA A 1 91  ? -8.068  -13.769 4.753   1.00 37.61 ? 79  ALA A CB  1 
ATOM   606 N  N   . ALA A 1 92  ? -8.614  -11.178 3.052   1.00 33.25 ? 80  ALA A N   1 
ATOM   607 C  CA  . ALA A 1 92  ? -9.512  -10.403 2.202   1.00 30.93 ? 80  ALA A CA  1 
ATOM   608 C  C   . ALA A 1 92  ? -8.842  -10.036 0.876   1.00 29.46 ? 80  ALA A C   1 
ATOM   609 O  O   . ALA A 1 92  ? -9.466  -10.097 -0.166  1.00 27.87 ? 80  ALA A O   1 
ATOM   610 C  CB  . ALA A 1 92  ? -9.994  -9.123  2.934   1.00 30.24 ? 80  ALA A CB  1 
ATOM   611 N  N   . PHE A 1 93  ? -7.574  -9.643  0.907   1.00 29.74 ? 81  PHE A N   1 
ATOM   612 C  CA  . PHE A 1 93  ? -6.891  -9.308  -0.353  1.00 28.99 ? 81  PHE A CA  1 
ATOM   613 C  C   . PHE A 1 93  ? -6.758  -10.554 -1.237  1.00 31.84 ? 81  PHE A C   1 
ATOM   614 O  O   . PHE A 1 93  ? -6.998  -10.515 -2.451  1.00 31.14 ? 81  PHE A O   1 
ATOM   615 C  CB  . PHE A 1 93  ? -5.496  -8.767  -0.074  1.00 26.46 ? 81  PHE A CB  1 
ATOM   616 C  CG  . PHE A 1 93  ? -5.466  -7.305  0.248   1.00 24.32 ? 81  PHE A CG  1 
ATOM   617 C  CD1 . PHE A 1 93  ? -5.957  -6.380  -0.664  1.00 23.88 ? 81  PHE A CD1 1 
ATOM   618 C  CD2 . PHE A 1 93  ? -4.889  -6.852  1.430   1.00 23.78 ? 81  PHE A CD2 1 
ATOM   619 C  CE1 . PHE A 1 93  ? -5.871  -5.008  -0.408  1.00 24.63 ? 81  PHE A CE1 1 
ATOM   620 C  CE2 . PHE A 1 93  ? -4.792  -5.481  1.699   1.00 25.52 ? 81  PHE A CE2 1 
ATOM   621 C  CZ  . PHE A 1 93  ? -5.283  -4.562  0.779   1.00 23.27 ? 81  PHE A CZ  1 
ATOM   622 N  N   . GLU A 1 94  ? -6.365  -11.661 -0.620  1.00 34.68 ? 82  GLU A N   1 
ATOM   623 C  CA  . GLU A 1 94  ? -6.199  -12.913 -1.357  1.00 37.77 ? 82  GLU A CA  1 
ATOM   624 C  C   . GLU A 1 94  ? -7.525  -13.301 -2.027  1.00 39.25 ? 82  GLU A C   1 
ATOM   625 O  O   . GLU A 1 94  ? -7.558  -13.708 -3.194  1.00 40.50 ? 82  GLU A O   1 
ATOM   626 C  CB  . GLU A 1 94  ? -5.741  -14.018 -0.399  1.00 38.92 ? 82  GLU A CB  1 
ATOM   627 C  CG  . GLU A 1 94  ? -4.365  -13.787 0.201   0.00 38.47 ? 82  GLU A CG  1 
ATOM   628 C  CD  . GLU A 1 94  ? -3.916  -14.931 1.088   0.00 38.55 ? 82  GLU A CD  1 
ATOM   629 O  OE1 . GLU A 1 94  ? -4.608  -15.219 2.087   0.00 38.48 ? 82  GLU A OE1 1 
ATOM   630 O  OE2 . GLU A 1 94  ? -2.870  -15.544 0.785   0.00 38.48 ? 82  GLU A OE2 1 
ATOM   631 N  N   . ALA A 1 95  ? -8.618  -13.152 -1.288  1.00 39.87 ? 83  ALA A N   1 
ATOM   632 C  CA  . ALA A 1 95  ? -9.947  -13.472 -1.805  1.00 39.92 ? 83  ALA A CA  1 
ATOM   633 C  C   . ALA A 1 95  ? -10.369 -12.546 -2.949  1.00 40.61 ? 83  ALA A C   1 
ATOM   634 O  O   . ALA A 1 95  ? -11.277 -12.875 -3.720  1.00 40.99 ? 83  ALA A O   1 
ATOM   635 C  CB  . ALA A 1 95  ? -10.970 -13.403 -0.677  0.00 40.10 ? 83  ALA A CB  1 
HETATM 636 N  N   . MSE A 1 96  ? -9.718  -11.392 -3.072  1.00 38.07 ? 84  MSE A N   1 
HETATM 637 C  CA  . MSE A 1 96  ? -10.069 -10.461 -4.135  1.00 37.57 ? 84  MSE A CA  1 
HETATM 638 C  C   . MSE A 1 96  ? -8.997  -10.341 -5.216  1.00 38.00 ? 84  MSE A C   1 
HETATM 639 O  O   . MSE A 1 96  ? -9.014  -9.404  -6.022  1.00 37.09 ? 84  MSE A O   1 
HETATM 640 C  CB  . MSE A 1 96  ? -10.410 -9.080  -3.546  1.00 38.14 ? 84  MSE A CB  1 
HETATM 641 C  CG  . MSE A 1 96  ? -11.703 -9.092  -2.720  1.00 37.03 ? 84  MSE A CG  1 
HETATM 642 SE SE  . MSE A 1 96  ? -12.234 -7.357  -2.051  0.50 39.18 ? 84  MSE A SE  1 
HETATM 643 C  CE  . MSE A 1 96  ? -10.651 -7.004  -1.046  1.00 32.54 ? 84  MSE A CE  1 
ATOM   644 N  N   . GLY A 1 97  ? -8.074  -11.302 -5.226  1.00 37.59 ? 85  GLY A N   1 
ATOM   645 C  CA  . GLY A 1 97  ? -7.023  -11.335 -6.230  1.00 37.69 ? 85  GLY A CA  1 
ATOM   646 C  C   . GLY A 1 97  ? -5.935  -10.282 -6.126  1.00 37.18 ? 85  GLY A C   1 
ATOM   647 O  O   . GLY A 1 97  ? -5.407  -9.832  -7.149  1.00 38.11 ? 85  GLY A O   1 
ATOM   648 N  N   . VAL A 1 98  ? -5.605  -9.890  -4.899  1.00 35.56 ? 86  VAL A N   1 
ATOM   649 C  CA  . VAL A 1 98  ? -4.567  -8.892  -4.658  1.00 33.46 ? 86  VAL A CA  1 
ATOM   650 C  C   . VAL A 1 98  ? -3.399  -9.529  -3.929  1.00 32.15 ? 86  VAL A C   1 
ATOM   651 O  O   . VAL A 1 98  ? -3.556  -10.093 -2.851  1.00 32.60 ? 86  VAL A O   1 
ATOM   652 C  CB  . VAL A 1 98  ? -5.089  -7.706  -3.809  1.00 32.45 ? 86  VAL A CB  1 
ATOM   653 C  CG1 . VAL A 1 98  ? -3.930  -6.728  -3.512  1.00 31.78 ? 86  VAL A CG1 1 
ATOM   654 C  CG2 . VAL A 1 98  ? -6.192  -6.976  -4.562  1.00 30.31 ? 86  VAL A CG2 1 
ATOM   655 N  N   . LYS A 1 99  ? -2.220  -9.438  -4.525  1.00 32.74 ? 87  LYS A N   1 
ATOM   656 C  CA  . LYS A 1 99  ? -1.042  -10.021 -3.916  1.00 31.27 ? 87  LYS A CA  1 
ATOM   657 C  C   . LYS A 1 99  ? -0.560  -9.144  -2.778  1.00 30.88 ? 87  LYS A C   1 
ATOM   658 O  O   . LYS A 1 99  ? -0.610  -7.910  -2.862  1.00 31.13 ? 87  LYS A O   1 
ATOM   659 C  CB  . LYS A 1 99  ? 0.060   -10.166 -4.961  1.00 31.74 ? 87  LYS A CB  1 
ATOM   660 C  CG  . LYS A 1 99  ? -0.391  -10.894 -6.210  1.00 35.13 ? 87  LYS A CG  1 
ATOM   661 C  CD  . LYS A 1 99  ? -0.827  -12.318 -5.901  0.00 34.05 ? 87  LYS A CD  1 
ATOM   662 C  CE  . LYS A 1 99  ? -1.303  -13.034 -7.154  0.00 34.37 ? 87  LYS A CE  1 
ATOM   663 N  NZ  . LYS A 1 99  ? -0.237  -13.108 -8.191  0.00 34.23 ? 87  LYS A NZ  1 
ATOM   664 N  N   . VAL A 1 100 ? -0.110  -9.784  -1.710  1.00 29.39 ? 88  VAL A N   1 
ATOM   665 C  CA  . VAL A 1 100 ? 0.399   -9.064  -0.552  1.00 31.64 ? 88  VAL A CA  1 
ATOM   666 C  C   . VAL A 1 100 ? 1.859   -9.423  -0.274  1.00 32.84 ? 88  VAL A C   1 
ATOM   667 O  O   . VAL A 1 100 ? 2.225   -10.601 -0.281  1.00 31.93 ? 88  VAL A O   1 
ATOM   668 C  CB  . VAL A 1 100 ? -0.423  -9.409  0.712   1.00 30.92 ? 88  VAL A CB  1 
ATOM   669 C  CG1 . VAL A 1 100 ? 0.139   -8.661  1.939   1.00 31.19 ? 88  VAL A CG1 1 
ATOM   670 C  CG2 . VAL A 1 100 ? -1.892  -9.046  0.483   1.00 30.70 ? 88  VAL A CG2 1 
ATOM   671 N  N   . ILE A 1 101 ? 2.698   -8.413  -0.070  1.00 32.32 ? 89  ILE A N   1 
ATOM   672 C  CA  . ILE A 1 101 ? 4.090   -8.654  0.303   1.00 33.48 ? 89  ILE A CA  1 
ATOM   673 C  C   . ILE A 1 101 ? 4.270   -7.931  1.633   1.00 34.93 ? 89  ILE A C   1 
ATOM   674 O  O   . ILE A 1 101 ? 4.043   -6.719  1.722   1.00 33.70 ? 89  ILE A O   1 
ATOM   675 C  CB  . ILE A 1 101 ? 5.085   -8.113  -0.740  1.00 33.93 ? 89  ILE A CB  1 
ATOM   676 C  CG1 . ILE A 1 101 ? 5.010   -8.978  -2.002  1.00 34.02 ? 89  ILE A CG1 1 
ATOM   677 C  CG2 . ILE A 1 101 ? 6.520   -8.145  -0.166  1.00 34.02 ? 89  ILE A CG2 1 
ATOM   678 C  CD1 . ILE A 1 101 ? 5.784   -8.445  -3.187  1.00 36.21 ? 89  ILE A CD1 1 
ATOM   679 N  N   . LYS A 1 102 ? 4.653   -8.676  2.672   1.00 37.48 ? 90  LYS A N   1 
ATOM   680 C  CA  . LYS A 1 102 ? 4.832   -8.102  4.009   1.00 38.91 ? 90  LYS A CA  1 
ATOM   681 C  C   . LYS A 1 102 ? 6.290   -7.985  4.418   1.00 39.37 ? 90  LYS A C   1 
ATOM   682 O  O   . LYS A 1 102 ? 7.193   -8.511  3.756   1.00 39.15 ? 90  LYS A O   1 
ATOM   683 C  CB  . LYS A 1 102 ? 4.153   -8.966  5.075   1.00 41.62 ? 90  LYS A CB  1 
ATOM   684 C  CG  . LYS A 1 102 ? 2.847   -9.603  4.677   1.00 44.25 ? 90  LYS A CG  1 
ATOM   685 C  CD  . LYS A 1 102 ? 2.391   -10.576 5.765   1.00 45.71 ? 90  LYS A CD  1 
ATOM   686 C  CE  . LYS A 1 102 ? 3.404   -11.694 5.976   0.00 45.23 ? 90  LYS A CE  1 
ATOM   687 N  NZ  . LYS A 1 102 ? 2.990   -12.628 7.059   0.00 45.40 ? 90  LYS A NZ  1 
ATOM   688 N  N   . GLY A 1 103 ? 6.492   -7.310  5.544   1.00 39.17 ? 91  GLY A N   1 
ATOM   689 C  CA  . GLY A 1 103 ? 7.820   -7.133  6.101   1.00 39.53 ? 91  GLY A CA  1 
ATOM   690 C  C   . GLY A 1 103 ? 8.746   -6.204  5.350   1.00 39.19 ? 91  GLY A C   1 
ATOM   691 O  O   . GLY A 1 103 ? 9.962   -6.316  5.468   1.00 40.38 ? 91  GLY A O   1 
ATOM   692 N  N   . ALA A 1 104 ? 8.197   -5.281  4.575   1.00 37.57 ? 92  ALA A N   1 
ATOM   693 C  CA  . ALA A 1 104 ? 9.046   -4.355  3.836   1.00 36.13 ? 92  ALA A CA  1 
ATOM   694 C  C   . ALA A 1 104 ? 9.441   -3.188  4.743   1.00 35.92 ? 92  ALA A C   1 
ATOM   695 O  O   . ALA A 1 104 ? 8.826   -2.962  5.794   1.00 35.78 ? 92  ALA A O   1 
ATOM   696 C  CB  . ALA A 1 104 ? 8.312   -3.843  2.608   1.00 36.70 ? 92  ALA A CB  1 
ATOM   697 N  N   . SER A 1 105 ? 10.471  -2.458  4.337   1.00 35.04 ? 93  SER A N   1 
ATOM   698 C  CA  . SER A 1 105 ? 10.958  -1.321  5.102   1.00 35.45 ? 93  SER A CA  1 
ATOM   699 C  C   . SER A 1 105 ? 11.571  -0.303  4.139   1.00 33.79 ? 93  SER A C   1 
ATOM   700 O  O   . SER A 1 105 ? 12.249  -0.685  3.188   1.00 36.77 ? 93  SER A O   1 
ATOM   701 C  CB  . SER A 1 105 ? 12.018  -1.791  6.119   1.00 36.87 ? 93  SER A CB  1 
ATOM   702 O  OG  . SER A 1 105 ? 11.471  -2.731  7.027   0.00 36.24 ? 93  SER A OG  1 
ATOM   703 N  N   . GLY A 1 106 ? 11.322  0.982   4.381   1.00 32.32 ? 94  GLY A N   1 
ATOM   704 C  CA  . GLY A 1 106 ? 11.865  2.027   3.523   1.00 29.91 ? 94  GLY A CA  1 
ATOM   705 C  C   . GLY A 1 106 ? 10.794  3.022   3.086   1.00 27.94 ? 94  GLY A C   1 
ATOM   706 O  O   . GLY A 1 106 ? 9.683   2.989   3.604   1.00 28.78 ? 94  GLY A O   1 
ATOM   707 N  N   . THR A 1 107 ? 11.125  3.914   2.158   1.00 24.20 ? 95  THR A N   1 
ATOM   708 C  CA  . THR A 1 107 ? 10.141  4.873   1.658   1.00 21.84 ? 95  THR A CA  1 
ATOM   709 C  C   . THR A 1 107 ? 9.363   4.183   0.538   1.00 21.49 ? 95  THR A C   1 
ATOM   710 O  O   . THR A 1 107 ? 9.725   3.087   0.099   1.00 18.51 ? 95  THR A O   1 
ATOM   711 C  CB  . THR A 1 107 ? 10.799  6.102   1.036   1.00 22.47 ? 95  THR A CB  1 
ATOM   712 O  OG1 . THR A 1 107 ? 11.608  5.680   -0.068  1.00 23.60 ? 95  THR A OG1 1 
ATOM   713 C  CG2 . THR A 1 107 ? 11.669  6.861   2.074   1.00 22.47 ? 95  THR A CG2 1 
ATOM   714 N  N   . VAL A 1 108 ? 8.316   4.848   0.057   1.00 20.71 ? 96  VAL A N   1 
ATOM   715 C  CA  . VAL A 1 108 ? 7.509   4.307   -1.039  1.00 19.73 ? 96  VAL A CA  1 
ATOM   716 C  C   . VAL A 1 108 ? 8.398   4.019   -2.238  1.00 19.66 ? 96  VAL A C   1 
ATOM   717 O  O   . VAL A 1 108 ? 8.363   2.936   -2.813  1.00 18.83 ? 96  VAL A O   1 
ATOM   718 C  CB  . VAL A 1 108 ? 6.442   5.318   -1.455  1.00 20.10 ? 96  VAL A CB  1 
ATOM   719 C  CG1 . VAL A 1 108 ? 5.814   4.922   -2.812  1.00 22.48 ? 96  VAL A CG1 1 
ATOM   720 C  CG2 . VAL A 1 108 ? 5.375   5.361   -0.400  1.00 20.70 ? 96  VAL A CG2 1 
ATOM   721 N  N   . GLU A 1 109 ? 9.215   5.002   -2.599  1.00 20.10 ? 97  GLU A N   1 
ATOM   722 C  CA  . GLU A 1 109 ? 10.109  4.867   -3.737  1.00 21.45 ? 97  GLU A CA  1 
ATOM   723 C  C   . GLU A 1 109 ? 11.035  3.669   -3.591  1.00 20.68 ? 97  GLU A C   1 
ATOM   724 O  O   . GLU A 1 109 ? 11.187  2.888   -4.516  1.00 18.52 ? 97  GLU A O   1 
ATOM   725 C  CB  . GLU A 1 109 ? 10.958  6.132   -3.891  1.00 23.76 ? 97  GLU A CB  1 
ATOM   726 C  CG  . GLU A 1 109 ? 11.818  6.100   -5.149  1.00 25.89 ? 97  GLU A CG  1 
ATOM   727 C  CD  . GLU A 1 109 ? 12.600  7.370   -5.345  1.00 29.32 ? 97  GLU A CD  1 
ATOM   728 O  OE1 . GLU A 1 109 ? 12.766  7.769   -6.512  1.00 32.47 ? 97  GLU A OE1 1 
ATOM   729 O  OE2 . GLU A 1 109 ? 13.052  7.964   -4.338  1.00 31.77 ? 97  GLU A OE2 1 
ATOM   730 N  N   . GLU A 1 110 ? 11.658  3.537   -2.425  1.00 19.06 ? 98  GLU A N   1 
ATOM   731 C  CA  . GLU A 1 110 ? 12.575  2.422   -2.156  1.00 19.78 ? 98  GLU A CA  1 
ATOM   732 C  C   . GLU A 1 110 ? 11.916  1.035   -2.209  1.00 20.92 ? 98  GLU A C   1 
ATOM   733 O  O   . GLU A 1 110 ? 12.440  0.113   -2.863  1.00 19.96 ? 98  GLU A O   1 
ATOM   734 C  CB  . GLU A 1 110 ? 13.212  2.615   -0.776  1.00 21.76 ? 98  GLU A CB  1 
ATOM   735 C  CG  . GLU A 1 110 ? 14.189  3.787   -0.728  1.00 22.40 ? 98  GLU A CG  1 
ATOM   736 C  CD  . GLU A 1 110 ? 14.548  4.215   0.684   1.00 23.47 ? 98  GLU A CD  1 
ATOM   737 O  OE1 . GLU A 1 110 ? 14.017  3.661   1.664   1.00 23.76 ? 98  GLU A OE1 1 
ATOM   738 O  OE2 . GLU A 1 110 ? 15.380  5.132   0.814   1.00 29.90 ? 98  GLU A OE2 1 
ATOM   739 N  N   . VAL A 1 111 ? 10.781  0.869   -1.541  1.00 18.85 ? 99  VAL A N   1 
ATOM   740 C  CA  . VAL A 1 111 ? 10.149  -0.454  -1.548  1.00 19.79 ? 99  VAL A CA  1 
ATOM   741 C  C   . VAL A 1 111 ? 9.606   -0.857  -2.909  1.00 19.42 ? 99  VAL A C   1 
ATOM   742 O  O   . VAL A 1 111 ? 9.679   -2.035  -3.273  1.00 20.49 ? 99  VAL A O   1 
ATOM   743 C  CB  . VAL A 1 111 ? 9.046   -0.594  -0.466  1.00 21.52 ? 99  VAL A CB  1 
ATOM   744 C  CG1 . VAL A 1 111 ? 9.644   -0.269  0.898   1.00 24.08 ? 99  VAL A CG1 1 
ATOM   745 C  CG2 . VAL A 1 111 ? 7.877   0.309   -0.769  1.00 23.77 ? 99  VAL A CG2 1 
ATOM   746 N  N   . VAL A 1 112 ? 9.085   0.090   -3.685  1.00 19.36 ? 100 VAL A N   1 
ATOM   747 C  CA  . VAL A 1 112 ? 8.616   -0.271  -5.027  1.00 17.75 ? 100 VAL A CA  1 
ATOM   748 C  C   . VAL A 1 112 ? 9.843   -0.630  -5.890  1.00 20.57 ? 100 VAL A C   1 
ATOM   749 O  O   . VAL A 1 112 ? 9.806   -1.602  -6.651  1.00 20.28 ? 100 VAL A O   1 
ATOM   750 C  CB  . VAL A 1 112 ? 7.824   0.878   -5.700  1.00 18.56 ? 100 VAL A CB  1 
ATOM   751 C  CG1 . VAL A 1 112 ? 7.565   0.576   -7.179  1.00 16.79 ? 100 VAL A CG1 1 
ATOM   752 C  CG2 . VAL A 1 112 ? 6.485   1.058   -4.966  1.00 17.68 ? 100 VAL A CG2 1 
ATOM   753 N  N   . ASN A 1 113 ? 10.924  0.139   -5.780  1.00 18.43 ? 101 ASN A N   1 
ATOM   754 C  CA  . ASN A 1 113 ? 12.104  -0.178  -6.580  1.00 20.70 ? 101 ASN A CA  1 
ATOM   755 C  C   . ASN A 1 113 ? 12.716  -1.507  -6.172  1.00 19.82 ? 101 ASN A C   1 
ATOM   756 O  O   . ASN A 1 113 ? 13.269  -2.232  -7.012  1.00 20.78 ? 101 ASN A O   1 
ATOM   757 C  CB  . ASN A 1 113 ? 13.123  0.965   -6.507  1.00 20.02 ? 101 ASN A CB  1 
ATOM   758 C  CG  . ASN A 1 113 ? 12.722  2.139   -7.387  1.00 24.36 ? 101 ASN A CG  1 
ATOM   759 O  OD1 . ASN A 1 113 ? 12.029  1.955   -8.396  1.00 23.96 ? 101 ASN A OD1 1 
ATOM   760 N  ND2 . ASN A 1 113 ? 13.159  3.338   -7.028  1.00 23.50 ? 101 ASN A ND2 1 
ATOM   761 N  N   . GLN A 1 114 ? 12.606  -1.849  -4.886  1.00 19.58 ? 102 GLN A N   1 
ATOM   762 C  CA  . GLN A 1 114 ? 13.104  -3.140  -4.402  1.00 20.35 ? 102 GLN A CA  1 
ATOM   763 C  C   . GLN A 1 114 ? 12.268  -4.236  -5.045  1.00 20.64 ? 102 GLN A C   1 
ATOM   764 O  O   . GLN A 1 114 ? 12.786  -5.270  -5.510  1.00 20.88 ? 102 GLN A O   1 
ATOM   765 C  CB  . GLN A 1 114 ? 12.943  -3.248  -2.887  1.00 20.48 ? 102 GLN A CB  1 
ATOM   766 C  CG  . GLN A 1 114 ? 13.932  -2.410  -2.086  1.00 19.61 ? 102 GLN A CG  1 
ATOM   767 C  CD  . GLN A 1 114 ? 13.571  -2.368  -0.609  1.00 20.87 ? 102 GLN A CD  1 
ATOM   768 O  OE1 . GLN A 1 114 ? 12.963  -3.300  -0.091  1.00 24.49 ? 102 GLN A OE1 1 
ATOM   769 N  NE2 . GLN A 1 114 ? 13.966  -1.298  0.077   1.00 21.43 ? 102 GLN A NE2 1 
ATOM   770 N  N   . TYR A 1 115 ? 10.962  -4.029  -5.046  1.00 20.32 ? 103 TYR A N   1 
ATOM   771 C  CA  . TYR A 1 115 ? 10.075  -5.005  -5.659  1.00 21.32 ? 103 TYR A CA  1 
ATOM   772 C  C   . TYR A 1 115 ? 10.408  -5.216  -7.139  1.00 22.71 ? 103 TYR A C   1 
ATOM   773 O  O   . TYR A 1 115 ? 10.557  -6.360  -7.613  1.00 22.03 ? 103 TYR A O   1 
ATOM   774 C  CB  . TYR A 1 115 ? 8.620   -4.545  -5.565  1.00 20.77 ? 103 TYR A CB  1 
ATOM   775 C  CG  . TYR A 1 115 ? 7.708   -5.396  -6.420  1.00 22.96 ? 103 TYR A CG  1 
ATOM   776 C  CD1 . TYR A 1 115 ? 7.112   -4.878  -7.567  1.00 23.10 ? 103 TYR A CD1 1 
ATOM   777 C  CD2 . TYR A 1 115 ? 7.460   -6.729  -6.090  1.00 24.45 ? 103 TYR A CD2 1 
ATOM   778 C  CE1 . TYR A 1 115 ? 6.294   -5.656  -8.366  1.00 28.29 ? 103 TYR A CE1 1 
ATOM   779 C  CE2 . TYR A 1 115 ? 6.634   -7.528  -6.891  1.00 27.48 ? 103 TYR A CE2 1 
ATOM   780 C  CZ  . TYR A 1 115 ? 6.056   -6.981  -8.020  1.00 29.61 ? 103 TYR A CZ  1 
ATOM   781 O  OH  . TYR A 1 115 ? 5.225   -7.752  -8.807  1.00 32.79 ? 103 TYR A OH  1 
ATOM   782 N  N   . LEU A 1 116 ? 10.508  -4.104  -7.865  1.00 21.22 ? 104 LEU A N   1 
ATOM   783 C  CA  . LEU A 1 116 ? 10.770  -4.134  -9.291  1.00 24.07 ? 104 LEU A CA  1 
ATOM   784 C  C   . LEU A 1 116 ? 12.121  -4.727  -9.652  1.00 26.00 ? 104 LEU A C   1 
ATOM   785 O  O   . LEU A 1 116 ? 12.273  -5.305  -10.730 1.00 27.57 ? 104 LEU A O   1 
ATOM   786 C  CB  . LEU A 1 116 ? 10.660  -2.712  -9.889  1.00 23.00 ? 104 LEU A CB  1 
ATOM   787 C  CG  . LEU A 1 116 ? 9.258   -2.088  -9.808  1.00 25.09 ? 104 LEU A CG  1 
ATOM   788 C  CD1 . LEU A 1 116 ? 9.290   -0.644  -10.282 1.00 23.15 ? 104 LEU A CD1 1 
ATOM   789 C  CD2 . LEU A 1 116 ? 8.285   -2.918  -10.609 1.00 27.42 ? 104 LEU A CD2 1 
ATOM   790 N  N   . SER A 1 117 ? 13.104  -4.578  -8.771  1.00 25.69 ? 105 SER A N   1 
ATOM   791 C  CA  . SER A 1 117 ? 14.430  -5.102  -9.067  1.00 26.87 ? 105 SER A CA  1 
ATOM   792 C  C   . SER A 1 117 ? 14.622  -6.524  -8.515  1.00 29.18 ? 105 SER A C   1 
ATOM   793 O  O   . SER A 1 117 ? 15.724  -7.067  -8.560  1.00 28.46 ? 105 SER A O   1 
ATOM   794 C  CB  . SER A 1 117 ? 15.494  -4.159  -8.493  1.00 29.20 ? 105 SER A CB  1 
ATOM   795 O  OG  . SER A 1 117 ? 15.600  -4.328  -7.092  0.50 28.23 ? 105 SER A OG  1 
ATOM   796 N  N   . GLY A 1 118 ? 13.554  -7.112  -7.980  1.00 28.02 ? 106 GLY A N   1 
ATOM   797 C  CA  . GLY A 1 118 ? 13.629  -8.458  -7.449  1.00 28.11 ? 106 GLY A CA  1 
ATOM   798 C  C   . GLY A 1 118 ? 14.285  -8.595  -6.093  1.00 29.02 ? 106 GLY A C   1 
ATOM   799 O  O   . GLY A 1 118 ? 14.668  -9.700  -5.702  1.00 28.43 ? 106 GLY A O   1 
ATOM   800 N  N   . GLN A 1 119 ? 14.433  -7.494  -5.361  1.00 26.61 ? 107 GLN A N   1 
ATOM   801 C  CA  . GLN A 1 119 ? 15.055  -7.579  -4.050  1.00 26.82 ? 107 GLN A CA  1 
ATOM   802 C  C   . GLN A 1 119 ? 14.041  -7.986  -2.993  1.00 28.74 ? 107 GLN A C   1 
ATOM   803 O  O   . GLN A 1 119 ? 12.823  -7.960  -3.291  1.00 29.59 ? 107 GLN A O   1 
ATOM   804 C  CB  . GLN A 1 119 ? 15.673  -6.236  -3.640  1.00 25.55 ? 107 GLN A CB  1 
ATOM   805 C  CG  . GLN A 1 119 ? 16.863  -5.801  -4.475  1.00 25.08 ? 107 GLN A CG  1 
ATOM   806 C  CD  . GLN A 1 119 ? 17.215  -4.347  -4.239  1.00 26.10 ? 107 GLN A CD  1 
ATOM   807 O  OE1 . GLN A 1 119 ? 16.636  -3.451  -4.862  1.00 24.79 ? 107 GLN A OE1 1 
ATOM   808 N  NE2 . GLN A 1 119 ? 18.150  -4.097  -3.316  1.00 21.52 ? 107 GLN A NE2 1 
HETATM 809 O  O   . HOH B 2 .   ? -13.815 8.783   7.083   1.00 21.38 ? 125 HOH A O   1 
HETATM 810 O  O   . HOH B 2 .   ? -0.720  6.554   -9.225  1.00 24.00 ? 126 HOH A O   1 
HETATM 811 O  O   . HOH B 2 .   ? 11.414  3.060   -10.654 1.00 21.35 ? 127 HOH A O   1 
HETATM 812 O  O   . HOH B 2 .   ? -10.306 4.169   12.078  1.00 23.70 ? 128 HOH A O   1 
HETATM 813 O  O   . HOH B 2 .   ? 2.090   -1.941  7.121   1.00 24.95 ? 129 HOH A O   1 
HETATM 814 O  O   . HOH B 2 .   ? 12.882  7.770   -1.230  1.00 27.24 ? 130 HOH A O   1 
HETATM 815 O  O   . HOH B 2 .   ? 14.894  3.626   -4.903  1.00 27.49 ? 131 HOH A O   1 
HETATM 816 O  O   . HOH B 2 .   ? -10.526 -3.186  7.241   1.00 26.89 ? 132 HOH A O   1 
HETATM 817 O  O   . HOH B 2 .   ? -5.213  10.477  7.193   1.00 27.66 ? 133 HOH A O   1 
HETATM 818 O  O   . HOH B 2 .   ? -6.530  12.321  -0.274  1.00 30.72 ? 134 HOH A O   1 
HETATM 819 O  O   . HOH B 2 .   ? -10.648 -0.991  9.407   1.00 31.53 ? 135 HOH A O   1 
HETATM 820 O  O   . HOH B 2 .   ? -8.224  9.919   7.373   1.00 31.32 ? 136 HOH A O   1 
HETATM 821 O  O   . HOH B 2 .   ? 4.919   -1.766  -18.956 1.00 30.08 ? 137 HOH A O   1 
HETATM 822 O  O   . HOH B 2 .   ? 6.276   4.816   9.471   1.00 34.22 ? 138 HOH A O   1 
HETATM 823 O  O   . HOH B 2 .   ? 6.108   -2.560  -15.937 1.00 33.79 ? 139 HOH A O   1 
HETATM 824 O  O   . HOH B 2 .   ? -9.187  9.165   0.227   1.00 36.41 ? 140 HOH A O   1 
HETATM 825 O  O   . HOH B 2 .   ? -15.673 -4.464  6.982   1.00 34.84 ? 141 HOH A O   1 
HETATM 826 O  O   . HOH B 2 .   ? 12.555  -4.027  2.290   1.00 38.07 ? 142 HOH A O   1 
HETATM 827 O  O   . HOH B 2 .   ? 10.795  6.401   -12.836 1.00 37.56 ? 143 HOH A O   1 
HETATM 828 O  O   . HOH B 2 .   ? 5.937   3.787   -22.158 1.00 36.62 ? 144 HOH A O   1 
HETATM 829 O  O   . HOH B 2 .   ? 17.846  -8.736  -7.259  1.00 39.22 ? 145 HOH A O   1 
HETATM 830 O  O   . HOH B 2 .   ? -7.985  -4.134  7.529   1.00 34.53 ? 146 HOH A O   1 
HETATM 831 O  O   . HOH B 2 .   ? 10.292  14.087  -2.031  1.00 38.52 ? 147 HOH A O   1 
HETATM 832 O  O   . HOH B 2 .   ? 13.871  -1.138  -9.531  1.00 41.24 ? 148 HOH A O   1 
HETATM 833 O  O   . HOH B 2 .   ? -6.496  -7.667  9.372   1.00 37.36 ? 149 HOH A O   1 
HETATM 834 O  O   . HOH B 2 .   ? 13.002  5.869   -8.437  1.00 40.92 ? 150 HOH A O   1 
HETATM 835 O  O   . HOH B 2 .   ? 18.835  -8.690  -5.012  1.00 38.23 ? 151 HOH A O   1 
HETATM 836 O  O   . HOH B 2 .   ? 4.509   3.683   11.140  1.00 41.83 ? 152 HOH A O   1 
HETATM 837 O  O   . HOH B 2 .   ? -9.042  0.999   9.977   1.00 43.61 ? 153 HOH A O   1 
HETATM 838 O  O   . HOH B 2 .   ? 10.583  -6.824  -1.758  1.00 46.34 ? 154 HOH A O   1 
HETATM 839 O  O   . HOH B 2 .   ? 14.466  4.962   4.362   1.00 44.15 ? 155 HOH A O   1 
HETATM 840 O  O   . HOH B 2 .   ? 10.922  -8.464  -5.869  1.00 44.07 ? 156 HOH A O   1 
HETATM 841 O  O   . HOH B 2 .   ? 9.030   2.884   7.640   1.00 44.87 ? 157 HOH A O   1 
HETATM 842 O  O   . HOH B 2 .   ? -12.604 -5.071  7.882   1.00 47.19 ? 158 HOH A O   1 
HETATM 843 O  O   . HOH B 2 .   ? 11.048  10.003  4.489   1.00 43.37 ? 159 HOH A O   1 
HETATM 844 O  O   . HOH B 2 .   ? -13.625 -6.505  3.629   1.00 45.54 ? 160 HOH A O   1 
HETATM 845 O  O   . HOH B 2 .   ? 11.361  -9.376  -2.041  1.00 49.61 ? 161 HOH A O   1 
HETATM 846 O  O   . HOH B 2 .   ? -5.315  4.615   -8.074  1.00 48.57 ? 162 HOH A O   1 
HETATM 847 O  O   . HOH B 2 .   ? 1.029   11.963  9.623   1.00 48.45 ? 163 HOH A O   1 
HETATM 848 O  O   . HOH B 2 .   ? -8.547  -15.612 1.373   1.00 49.20 ? 164 HOH A O   1 
HETATM 849 O  O   . HOH B 2 .   ? -14.498 -3.022  11.172  1.00 46.71 ? 165 HOH A O   1 
HETATM 850 O  O   . HOH B 2 .   ? -9.077  -6.539  8.052   1.00 47.50 ? 166 HOH A O   1 
HETATM 851 O  O   . HOH B 2 .   ? 14.932  2.635   6.330   1.00 52.62 ? 167 HOH A O   1 
HETATM 852 O  O   . HOH B 2 .   ? -9.934  1.948   12.419  1.00 51.71 ? 168 HOH A O   1 
HETATM 853 O  O   . HOH B 2 .   ? 10.654  16.684  -2.024  1.00 49.10 ? 169 HOH A O   1 
HETATM 854 O  O   . HOH B 2 .   ? -16.617 -3.436  9.918   1.00 52.47 ? 170 HOH A O   1 
HETATM 855 O  O   . HOH B 2 .   ? -11.152 -11.790 5.485   1.00 49.39 ? 171 HOH A O   1 
HETATM 856 O  O   . HOH B 2 .   ? 14.740  0.362   3.087   1.00 50.48 ? 172 HOH A O   1 
HETATM 857 O  O   . HOH B 2 .   ? -4.124  12.980  7.246   1.00 52.05 ? 173 HOH A O   1 
HETATM 858 O  O   . HOH B 2 .   ? -4.573  -4.336  10.160  1.00 52.68 ? 174 HOH A O   1 
HETATM 859 O  O   . HOH B 2 .   ? 12.202  5.355   -10.925 1.00 57.98 ? 175 HOH A O   1 
HETATM 860 O  O   . HOH B 2 .   ? 13.003  0.314   -11.866 1.00 52.44 ? 176 HOH A O   1 
HETATM 861 O  O   . HOH B 2 .   ? -7.056  -5.091  -8.652  1.00 51.04 ? 177 HOH A O   1 
HETATM 862 O  O   . HOH B 2 .   ? -9.803  11.066  13.612  1.00 54.50 ? 178 HOH A O   1 
HETATM 863 O  O   . HOH B 2 .   ? 1.426   4.715   10.886  1.00 53.14 ? 179 HOH A O   1 
HETATM 864 O  O   . HOH B 2 .   ? -9.144  12.128  -0.463  1.00 49.71 ? 180 HOH A O   1 
HETATM 865 O  O   . HOH B 2 .   ? 5.522   0.217   -22.733 1.00 56.45 ? 181 HOH A O   1 
HETATM 866 O  O   . HOH B 2 .   ? 5.554   -11.589 2.084   1.00 46.78 ? 182 HOH A O   1 
HETATM 867 O  O   . HOH B 2 .   ? -2.018  -3.675  10.866  1.00 55.57 ? 183 HOH A O   1 
HETATM 868 O  O   . HOH B 2 .   ? -14.098 10.824  13.633  1.00 55.25 ? 184 HOH A O   1 
HETATM 869 O  O   . HOH B 2 .   ? -13.507 -3.654  -3.983  1.00 50.09 ? 185 HOH A O   1 
HETATM 870 O  O   . HOH B 2 .   ? -3.152  5.639   -9.598  1.00 55.36 ? 186 HOH A O   1 
HETATM 871 O  O   . HOH B 2 .   ? -3.750  -1.650  11.805  1.00 56.22 ? 187 HOH A O   1 
HETATM 872 O  O   . HOH B 2 .   ? 9.606   -8.152  3.188   1.00 55.70 ? 188 HOH A O   1 
HETATM 873 O  O   . HOH B 2 .   ? -9.419  15.106  0.795   1.00 55.73 ? 189 HOH A O   1 
HETATM 874 O  O   . HOH B 2 .   ? -11.970 -6.294  5.609   1.00 53.37 ? 190 HOH A O   1 
HETATM 875 O  O   . HOH B 2 .   ? 9.197   -7.167  -11.208 1.00 53.63 ? 191 HOH A O   1 
HETATM 876 O  O   . HOH B 2 .   ? -11.381 3.073   14.241  1.00 43.86 ? 192 HOH A O   1 
HETATM 877 O  O   . HOH B 2 .   ? -5.123  10.477  10.437  1.00 55.61 ? 193 HOH A O   1 
HETATM 878 O  O   . HOH B 2 .   ? 13.400  10.192  3.330   1.00 58.11 ? 194 HOH A O   1 
HETATM 879 O  O   . HOH B 2 .   ? -9.411  -7.234  11.877  1.00 54.86 ? 195 HOH A O   1 
HETATM 880 O  O   . HOH B 2 .   ? -12.673 -0.944  15.296  1.00 53.58 ? 196 HOH A O   1 
HETATM 881 O  O   . HOH B 2 .   ? 1.083   6.753   -15.838 1.00 70.58 ? 197 HOH A O   1 
HETATM 882 O  O   . HOH B 2 .   ? -17.048 10.452  12.861  1.00 58.58 ? 198 HOH A O   1 
HETATM 883 O  O   . HOH B 2 .   ? 2.785   -3.443  -15.751 1.00 63.61 ? 199 HOH A O   1 
HETATM 884 O  O   . HOH B 2 .   ? -2.512  -0.905  15.397  1.00 65.17 ? 200 HOH A O   1 
HETATM 885 O  O   . HOH B 2 .   ? 15.939  -12.443 -3.761  1.00 57.12 ? 201 HOH A O   1 
HETATM 886 O  O   . HOH B 2 .   ? 12.005  -10.572 0.354   1.00 68.81 ? 202 HOH A O   1 
HETATM 887 O  O   . HOH B 2 .   ? -14.215 12.208  11.434  1.00 60.21 ? 203 HOH A O   1 
HETATM 888 O  O   . HOH B 2 .   ? 0.992   -1.640  -16.741 1.00 68.51 ? 204 HOH A O   1 
HETATM 889 O  O   . HOH B 2 .   ? 9.481   -10.826 0.714   1.00 64.29 ? 205 HOH A O   1 
HETATM 890 O  O   . HOH B 2 .   ? -11.414 -2.911  11.670  1.00 71.34 ? 206 HOH A O   1 
HETATM 891 O  O   . HOH B 2 .   ? 18.060  -11.637 -5.016  1.00 79.52 ? 207 HOH A O   1 
HETATM 892 O  O   . HOH B 2 .   ? -1.311  13.105  9.602   1.00 76.58 ? 208 HOH A O   1 
HETATM 893 O  O   . HOH B 2 .   ? -7.863  4.845   -10.217 1.00 76.20 ? 209 HOH A O   1 
HETATM 894 O  O   . HOH B 2 .   ? 10.460  -11.252 -3.558  1.00 80.36 ? 210 HOH A O   1 
HETATM 895 O  O   . HOH B 2 .   ? -8.426  12.066  5.964   1.00 45.81 ? 211 HOH A O   1 
HETATM 896 O  O   . HOH B 2 .   ? 7.987   -4.097  -18.396 1.00 60.76 ? 212 HOH A O   1 
HETATM 897 O  O   . HOH B 2 .   ? -0.343  -12.700 -1.683  1.00 49.32 ? 213 HOH A O   1 
HETATM 898 O  O   . HOH B 2 .   ? -10.125 8.367   -2.117  1.00 71.10 ? 214 HOH A O   1 
HETATM 899 O  O   . HOH B 2 .   ? 11.873  5.489   5.643   1.00 49.11 ? 215 HOH A O   1 
HETATM 900 O  O   . HOH B 2 .   ? 15.034  -0.383  6.189   1.00 49.30 ? 216 HOH A O   1 
HETATM 901 O  O   . HOH B 2 .   ? -8.129  4.143   13.282  1.00 60.53 ? 217 HOH A O   1 
HETATM 902 O  O   . HOH B 2 .   ? -9.776  16.404  -1.257  1.00 62.82 ? 218 HOH A O   1 
HETATM 903 O  O   . HOH B 2 .   ? -6.580  5.245   -12.585 1.00 75.24 ? 219 HOH A O   1 
HETATM 904 O  O   . HOH B 2 .   ? -11.045 10.463  1.972   1.00 74.69 ? 220 HOH A O   1 
# 
